data_2N59
#
_entry.id   2N59
#
_entity_poly.entity_id   1
_entity_poly.type   'polypeptide(L)'
_entity_poly.pdbx_seq_one_letter_code
;MVQCEVEAAVSGGHVTLQGVITAVRDGAGSYKLAVDKAGAAGTSRIKQAGAFTAIAEQRVTVGNVVLDYSSANRYAARLD
VSFGSVTIQCNLDPETVKLEHHHHHH
;
_entity_poly.pdbx_strand_id   A
#
# COMPACT_ATOMS: atom_id res chain seq x y z
N MET A 1 4.47 -1.74 18.09
CA MET A 1 4.67 -0.63 17.14
C MET A 1 4.64 -1.15 15.70
N VAL A 2 3.67 -0.69 14.94
CA VAL A 2 3.58 -1.07 13.54
C VAL A 2 4.35 -0.06 12.68
N GLN A 3 4.82 -0.53 11.55
CA GLN A 3 5.59 0.25 10.60
C GLN A 3 4.92 0.12 9.24
N CYS A 4 5.05 1.10 8.38
CA CYS A 4 4.33 1.04 7.13
C CYS A 4 5.19 1.49 5.97
N GLU A 5 4.91 0.92 4.82
CA GLU A 5 5.57 1.22 3.58
C GLU A 5 4.55 1.17 2.47
N VAL A 6 4.96 1.51 1.27
CA VAL A 6 4.03 1.57 0.16
C VAL A 6 4.63 0.96 -1.11
N GLU A 7 4.05 -0.16 -1.51
CA GLU A 7 4.56 -0.94 -2.62
C GLU A 7 3.62 -0.92 -3.80
N ALA A 8 4.19 -1.24 -4.93
CA ALA A 8 3.44 -1.45 -6.15
C ALA A 8 4.03 -2.68 -6.84
N ALA A 9 3.19 -3.65 -7.16
CA ALA A 9 3.67 -4.91 -7.71
C ALA A 9 3.22 -5.10 -9.15
N VAL A 10 4.14 -4.92 -10.07
CA VAL A 10 3.82 -4.99 -11.48
C VAL A 10 3.87 -6.43 -11.99
N SER A 11 2.75 -6.85 -12.55
CA SER A 11 2.68 -8.12 -13.25
C SER A 11 2.40 -7.83 -14.72
N GLY A 12 2.34 -8.87 -15.55
CA GLY A 12 2.13 -8.68 -16.97
C GLY A 12 0.85 -7.93 -17.30
N GLY A 13 0.98 -6.63 -17.54
CA GLY A 13 -0.16 -5.83 -17.95
C GLY A 13 -0.94 -5.23 -16.79
N HIS A 14 -0.71 -5.72 -15.59
CA HIS A 14 -1.48 -5.26 -14.44
C HIS A 14 -0.57 -5.01 -13.25
N VAL A 15 -0.77 -3.88 -12.59
CA VAL A 15 0.04 -3.52 -11.43
C VAL A 15 -0.79 -3.65 -10.15
N THR A 16 -0.37 -4.52 -9.28
CA THR A 16 -1.06 -4.76 -8.02
C THR A 16 -0.42 -3.92 -6.93
N LEU A 17 -1.17 -3.02 -6.36
CA LEU A 17 -0.61 -2.06 -5.44
C LEU A 17 -1.10 -2.30 -4.03
N GLN A 18 -0.17 -2.25 -3.07
CA GLN A 18 -0.46 -2.49 -1.67
C GLN A 18 0.69 -1.98 -0.81
N GLY A 19 0.39 -1.52 0.40
CA GLY A 19 1.42 -0.95 1.26
C GLY A 19 1.95 -1.97 2.27
N VAL A 20 3.28 -2.09 2.35
CA VAL A 20 3.91 -3.07 3.23
C VAL A 20 4.07 -2.54 4.65
N ILE A 21 3.28 -3.11 5.53
CA ILE A 21 3.34 -2.84 6.93
C ILE A 21 4.27 -3.82 7.62
N THR A 22 5.43 -3.35 8.02
CA THR A 22 6.27 -4.16 8.87
C THR A 22 5.80 -3.94 10.29
N ALA A 23 5.60 -4.99 11.03
CA ALA A 23 5.09 -4.83 12.36
C ALA A 23 6.04 -5.46 13.33
N VAL A 24 6.51 -4.69 14.29
CA VAL A 24 7.56 -5.16 15.18
C VAL A 24 7.04 -6.21 16.16
N ARG A 25 5.72 -6.39 16.24
CA ARG A 25 5.17 -7.40 17.11
C ARG A 25 4.14 -8.27 16.38
N ASP A 26 4.15 -9.56 16.67
CA ASP A 26 3.25 -10.51 16.01
C ASP A 26 1.91 -10.52 16.72
N GLY A 27 0.86 -10.43 15.94
CA GLY A 27 -0.48 -10.35 16.47
C GLY A 27 -1.42 -9.83 15.42
N ALA A 28 -2.26 -8.88 15.79
CA ALA A 28 -3.16 -8.25 14.84
C ALA A 28 -3.37 -6.79 15.19
N GLY A 29 -3.40 -5.94 14.17
CA GLY A 29 -3.58 -4.53 14.38
C GLY A 29 -4.49 -3.95 13.33
N SER A 30 -4.62 -2.64 13.33
CA SER A 30 -5.53 -1.99 12.41
C SER A 30 -4.81 -0.89 11.64
N TYR A 31 -5.10 -0.82 10.35
CA TYR A 31 -4.44 0.12 9.46
C TYR A 31 -5.31 0.38 8.23
N LYS A 32 -5.04 1.50 7.56
CA LYS A 32 -5.86 1.96 6.45
C LYS A 32 -5.01 2.26 5.22
N LEU A 33 -5.15 1.46 4.18
CA LEU A 33 -4.40 1.70 2.95
C LEU A 33 -5.32 2.30 1.90
N ALA A 34 -4.88 3.42 1.36
CA ALA A 34 -5.57 4.05 0.25
C ALA A 34 -4.63 4.21 -0.94
N VAL A 35 -5.14 3.97 -2.13
CA VAL A 35 -4.33 4.10 -3.34
C VAL A 35 -4.90 5.21 -4.22
N ASP A 36 -4.01 5.94 -4.87
CA ASP A 36 -4.40 7.05 -5.71
C ASP A 36 -3.93 6.79 -7.14
N LYS A 37 -4.87 6.62 -8.05
CA LYS A 37 -4.53 6.33 -9.42
C LYS A 37 -4.90 7.49 -10.32
N ALA A 38 -3.92 8.01 -11.02
CA ALA A 38 -4.11 9.15 -11.89
C ALA A 38 -3.53 8.88 -13.27
N GLY A 39 -4.40 8.70 -14.24
CA GLY A 39 -3.97 8.44 -15.59
C GLY A 39 -4.76 9.25 -16.60
N ALA A 40 -4.69 8.85 -17.86
CA ALA A 40 -5.41 9.55 -18.92
C ALA A 40 -6.92 9.39 -18.76
N ALA A 41 -7.32 8.40 -17.96
CA ALA A 41 -8.73 8.15 -17.70
C ALA A 41 -9.24 8.98 -16.53
N GLY A 42 -8.33 9.66 -15.84
CA GLY A 42 -8.72 10.49 -14.72
C GLY A 42 -8.06 10.06 -13.42
N THR A 43 -8.52 10.64 -12.32
CA THR A 43 -7.97 10.35 -11.01
C THR A 43 -8.96 9.53 -10.17
N SER A 44 -8.59 8.31 -9.86
CA SER A 44 -9.46 7.41 -9.11
C SER A 44 -8.95 7.28 -7.68
N ARG A 45 -9.87 7.19 -6.74
CA ARG A 45 -9.53 7.16 -5.33
C ARG A 45 -9.83 5.78 -4.72
N ILE A 46 -8.79 5.06 -4.35
CA ILE A 46 -8.94 3.76 -3.72
C ILE A 46 -8.79 3.91 -2.21
N LYS A 47 -9.66 3.29 -1.44
CA LYS A 47 -9.59 3.37 0.02
C LYS A 47 -10.05 2.08 0.68
N GLN A 48 -9.17 1.46 1.46
CA GLN A 48 -9.52 0.29 2.25
C GLN A 48 -8.96 0.41 3.66
N ALA A 49 -9.84 0.45 4.64
CA ALA A 49 -9.42 0.57 6.03
C ALA A 49 -10.02 -0.54 6.87
N GLY A 50 -9.22 -1.10 7.77
CA GLY A 50 -9.69 -2.17 8.61
C GLY A 50 -8.60 -2.68 9.51
N ALA A 51 -8.60 -3.99 9.72
CA ALA A 51 -7.60 -4.61 10.57
C ALA A 51 -7.15 -5.92 9.95
N PHE A 52 -5.93 -6.32 10.25
CA PHE A 52 -5.35 -7.55 9.72
C PHE A 52 -4.25 -8.04 10.66
N THR A 53 -3.76 -9.24 10.42
CA THR A 53 -2.76 -9.84 11.27
C THR A 53 -1.37 -9.46 10.82
N ALA A 54 -0.50 -9.16 11.78
CA ALA A 54 0.85 -8.75 11.47
C ALA A 54 1.86 -9.50 12.32
N ILE A 55 2.96 -9.90 11.70
CA ILE A 55 4.01 -10.62 12.40
C ILE A 55 5.17 -9.71 12.74
N ALA A 56 5.74 -9.92 13.91
CA ALA A 56 6.85 -9.13 14.40
C ALA A 56 8.05 -9.19 13.47
N GLU A 57 8.48 -7.99 13.04
CA GLU A 57 9.63 -7.83 12.17
C GLU A 57 9.39 -8.56 10.84
N GLN A 58 8.11 -8.68 10.51
CA GLN A 58 7.67 -9.25 9.28
C GLN A 58 6.94 -8.21 8.47
N ARG A 59 7.04 -8.35 7.18
CA ARG A 59 6.38 -7.45 6.26
C ARG A 59 4.96 -7.94 6.00
N VAL A 60 3.99 -7.08 6.28
CA VAL A 60 2.60 -7.37 6.04
C VAL A 60 2.06 -6.41 5.00
N THR A 61 1.78 -6.90 3.81
CA THR A 61 1.38 -6.02 2.75
C THR A 61 -0.13 -5.86 2.74
N VAL A 62 -0.56 -4.62 2.73
CA VAL A 62 -1.94 -4.30 3.02
C VAL A 62 -2.62 -3.53 1.89
N GLY A 63 -3.85 -3.94 1.59
CA GLY A 63 -4.66 -3.26 0.59
C GLY A 63 -4.25 -3.59 -0.81
N ASN A 64 -4.37 -4.86 -1.19
CA ASN A 64 -3.98 -5.29 -2.52
C ASN A 64 -5.07 -4.95 -3.52
N VAL A 65 -4.79 -3.98 -4.35
CA VAL A 65 -5.69 -3.59 -5.41
C VAL A 65 -4.95 -3.58 -6.74
N VAL A 66 -5.57 -4.08 -7.79
CA VAL A 66 -4.88 -4.23 -9.05
C VAL A 66 -5.31 -3.18 -10.06
N LEU A 67 -4.33 -2.44 -10.55
CA LEU A 67 -4.55 -1.43 -11.57
C LEU A 67 -4.05 -1.97 -12.90
N ASP A 68 -4.46 -1.36 -14.00
CA ASP A 68 -3.86 -1.69 -15.29
C ASP A 68 -2.47 -1.04 -15.32
N TYR A 69 -1.45 -1.82 -15.63
CA TYR A 69 -0.08 -1.36 -15.50
C TYR A 69 0.30 -0.39 -16.60
N SER A 70 0.79 0.78 -16.20
CA SER A 70 1.40 1.71 -17.13
C SER A 70 2.56 2.41 -16.43
N SER A 71 3.74 2.33 -17.02
CA SER A 71 4.93 2.91 -16.42
C SER A 71 4.86 4.44 -16.39
N ALA A 72 4.03 4.99 -17.26
CA ALA A 72 3.84 6.42 -17.34
C ALA A 72 2.65 6.89 -16.50
N ASN A 73 1.92 5.93 -15.93
CA ASN A 73 0.73 6.26 -15.17
C ASN A 73 1.08 6.56 -13.73
N ARG A 74 0.31 7.46 -13.11
CA ARG A 74 0.55 7.82 -11.73
C ARG A 74 -0.24 6.90 -10.81
N TYR A 75 0.48 6.04 -10.13
CA TYR A 75 -0.12 5.19 -9.11
C TYR A 75 0.57 5.42 -7.79
N ALA A 76 -0.16 5.98 -6.86
CA ALA A 76 0.39 6.31 -5.57
C ALA A 76 -0.44 5.70 -4.48
N ALA A 77 0.08 5.72 -3.27
CA ALA A 77 -0.59 5.08 -2.17
C ALA A 77 -0.36 5.86 -0.89
N ARG A 78 -1.17 5.58 0.10
CA ARG A 78 -1.03 6.16 1.42
C ARG A 78 -1.58 5.19 2.45
N LEU A 79 -0.76 4.77 3.39
CA LEU A 79 -1.22 3.86 4.41
C LEU A 79 -1.06 4.46 5.78
N ASP A 80 -2.17 4.64 6.46
CA ASP A 80 -2.17 5.10 7.83
C ASP A 80 -2.31 3.90 8.75
N VAL A 81 -1.35 3.69 9.62
CA VAL A 81 -1.47 2.62 10.59
C VAL A 81 -1.76 3.23 11.95
N SER A 82 -3.00 3.11 12.39
CA SER A 82 -3.43 3.65 13.65
C SER A 82 -4.05 2.55 14.51
N PHE A 83 -3.30 2.09 15.50
CA PHE A 83 -3.74 0.99 16.33
C PHE A 83 -3.16 1.13 17.74
N GLY A 84 -3.93 1.74 18.63
CA GLY A 84 -3.51 1.87 20.01
C GLY A 84 -2.37 2.85 20.17
N SER A 85 -1.18 2.33 20.35
CA SER A 85 0.00 3.16 20.59
C SER A 85 0.71 3.53 19.30
N VAL A 86 0.36 2.87 18.21
CA VAL A 86 0.97 3.16 16.93
C VAL A 86 0.05 4.00 16.05
N THR A 87 0.61 5.05 15.47
CA THR A 87 -0.08 5.80 14.44
C THR A 87 0.94 6.41 13.47
N ILE A 88 0.88 5.99 12.22
CA ILE A 88 1.87 6.37 11.21
C ILE A 88 1.21 6.41 9.85
N GLN A 89 1.89 6.99 8.87
CA GLN A 89 1.40 6.97 7.50
C GLN A 89 2.55 7.04 6.50
N CYS A 90 2.34 6.42 5.35
CA CYS A 90 3.32 6.42 4.27
C CYS A 90 2.64 6.69 2.94
N ASN A 91 3.42 7.01 1.91
CA ASN A 91 2.87 7.38 0.60
C ASN A 91 3.74 6.87 -0.54
N LEU A 92 3.09 6.23 -1.50
CA LEU A 92 3.81 5.62 -2.63
C LEU A 92 4.24 6.67 -3.65
N ASP A 93 5.47 6.54 -4.12
CA ASP A 93 5.94 7.30 -5.26
C ASP A 93 5.55 6.59 -6.54
N PRO A 94 4.64 7.17 -7.32
CA PRO A 94 4.09 6.51 -8.50
C PRO A 94 5.15 6.20 -9.56
N GLU A 95 6.29 6.84 -9.43
CA GLU A 95 7.38 6.64 -10.37
C GLU A 95 8.18 5.41 -10.00
N THR A 96 7.75 4.70 -8.96
CA THR A 96 8.45 3.51 -8.53
C THR A 96 7.80 2.24 -9.08
N VAL A 97 6.53 2.31 -9.49
CA VAL A 97 5.83 1.19 -10.09
C VAL A 97 6.50 0.75 -11.41
N LYS A 98 7.63 1.35 -11.74
CA LYS A 98 8.40 0.96 -12.91
C LYS A 98 8.95 -0.45 -12.75
N LEU A 99 8.09 -1.43 -13.04
CA LEU A 99 8.49 -2.82 -13.14
C LEU A 99 8.91 -3.39 -11.80
N GLU A 100 8.51 -2.72 -10.73
CA GLU A 100 8.77 -3.22 -9.39
C GLU A 100 7.72 -4.27 -9.03
N HIS A 101 8.16 -5.40 -8.51
CA HIS A 101 7.26 -6.50 -8.21
C HIS A 101 7.39 -6.90 -6.73
N MET A 1 4.11 0.41 17.38
CA MET A 1 4.70 -0.93 17.16
C MET A 1 4.61 -1.35 15.70
N VAL A 2 3.65 -0.80 14.95
CA VAL A 2 3.53 -1.12 13.54
C VAL A 2 4.28 -0.09 12.70
N GLN A 3 4.78 -0.54 11.55
CA GLN A 3 5.51 0.28 10.61
C GLN A 3 4.77 0.22 9.28
N CYS A 4 5.11 1.08 8.34
CA CYS A 4 4.41 1.05 7.07
C CYS A 4 5.29 1.53 5.93
N GLU A 5 5.09 0.90 4.79
CA GLU A 5 5.76 1.21 3.54
C GLU A 5 4.73 1.12 2.43
N VAL A 6 5.12 1.45 1.22
CA VAL A 6 4.20 1.44 0.11
C VAL A 6 4.82 0.84 -1.14
N GLU A 7 4.15 -0.13 -1.71
CA GLU A 7 4.67 -0.86 -2.85
C GLU A 7 3.66 -0.96 -3.97
N ALA A 8 4.18 -1.20 -5.15
CA ALA A 8 3.40 -1.49 -6.32
C ALA A 8 3.93 -2.76 -6.96
N ALA A 9 3.07 -3.75 -7.15
CA ALA A 9 3.49 -5.05 -7.67
C ALA A 9 2.99 -5.24 -9.09
N VAL A 10 3.89 -5.13 -10.05
CA VAL A 10 3.51 -5.16 -11.46
C VAL A 10 3.41 -6.58 -12.00
N SER A 11 2.34 -6.81 -12.73
CA SER A 11 2.11 -8.06 -13.43
C SER A 11 2.04 -7.78 -14.94
N GLY A 12 1.88 -8.81 -15.75
CA GLY A 12 1.84 -8.64 -17.18
C GLY A 12 0.59 -7.94 -17.66
N GLY A 13 0.62 -6.61 -17.66
CA GLY A 13 -0.52 -5.83 -18.13
C GLY A 13 -1.32 -5.22 -16.99
N HIS A 14 -1.08 -5.69 -15.78
CA HIS A 14 -1.78 -5.16 -14.61
C HIS A 14 -0.78 -4.82 -13.52
N VAL A 15 -1.14 -3.93 -12.62
CA VAL A 15 -0.29 -3.59 -11.50
C VAL A 15 -1.08 -3.68 -10.21
N THR A 16 -0.65 -4.56 -9.33
CA THR A 16 -1.30 -4.74 -8.05
C THR A 16 -0.58 -3.91 -7.00
N LEU A 17 -1.27 -2.95 -6.45
CA LEU A 17 -0.63 -2.04 -5.52
C LEU A 17 -1.04 -2.38 -4.10
N GLN A 18 -0.08 -2.27 -3.18
CA GLN A 18 -0.28 -2.70 -1.81
C GLN A 18 0.81 -2.09 -0.91
N GLY A 19 0.43 -1.65 0.28
CA GLY A 19 1.39 -1.03 1.18
C GLY A 19 1.93 -2.01 2.21
N VAL A 20 3.26 -2.11 2.32
CA VAL A 20 3.88 -3.08 3.22
C VAL A 20 4.03 -2.54 4.62
N ILE A 21 3.32 -3.16 5.52
CA ILE A 21 3.38 -2.85 6.93
C ILE A 21 4.31 -3.81 7.63
N THR A 22 5.46 -3.35 8.01
CA THR A 22 6.27 -4.15 8.90
C THR A 22 5.74 -3.93 10.29
N ALA A 23 5.56 -4.96 11.03
CA ALA A 23 5.04 -4.79 12.36
C ALA A 23 6.00 -5.36 13.34
N VAL A 24 6.49 -4.55 14.25
CA VAL A 24 7.50 -4.99 15.20
C VAL A 24 6.90 -5.95 16.25
N ARG A 25 5.60 -6.12 16.24
CA ARG A 25 4.97 -7.02 17.19
C ARG A 25 3.97 -7.94 16.50
N ASP A 26 4.01 -9.22 16.86
CA ASP A 26 3.17 -10.23 16.23
C ASP A 26 1.79 -10.26 16.86
N GLY A 27 0.80 -10.55 16.05
CA GLY A 27 -0.56 -10.58 16.48
C GLY A 27 -1.46 -10.06 15.39
N ALA A 28 -2.32 -9.13 15.74
CA ALA A 28 -3.18 -8.50 14.75
C ALA A 28 -3.31 -7.01 15.04
N GLY A 29 -3.19 -6.21 14.02
CA GLY A 29 -3.25 -4.78 14.18
C GLY A 29 -4.22 -4.17 13.22
N SER A 30 -4.39 -2.87 13.28
CA SER A 30 -5.35 -2.19 12.43
C SER A 30 -4.67 -1.08 11.66
N TYR A 31 -5.01 -0.99 10.37
CA TYR A 31 -4.40 -0.04 9.47
C TYR A 31 -5.32 0.25 8.28
N LYS A 32 -5.04 1.34 7.58
CA LYS A 32 -5.88 1.81 6.48
C LYS A 32 -5.04 2.19 5.27
N LEU A 33 -5.15 1.42 4.19
CA LEU A 33 -4.40 1.70 2.98
C LEU A 33 -5.30 2.34 1.94
N ALA A 34 -4.86 3.47 1.43
CA ALA A 34 -5.55 4.13 0.33
C ALA A 34 -4.62 4.26 -0.87
N VAL A 35 -5.16 4.10 -2.06
CA VAL A 35 -4.35 4.21 -3.27
C VAL A 35 -4.84 5.38 -4.13
N ASP A 36 -3.89 6.12 -4.68
CA ASP A 36 -4.18 7.27 -5.51
C ASP A 36 -3.75 6.98 -6.94
N LYS A 37 -4.70 6.91 -7.83
CA LYS A 37 -4.41 6.54 -9.20
C LYS A 37 -4.78 7.66 -10.17
N ALA A 38 -3.88 7.94 -11.10
CA ALA A 38 -4.07 9.01 -12.05
C ALA A 38 -3.39 8.68 -13.38
N GLY A 39 -4.22 8.50 -14.41
CA GLY A 39 -3.71 8.17 -15.72
C GLY A 39 -4.52 8.86 -16.80
N ALA A 40 -4.44 8.38 -18.02
CA ALA A 40 -5.22 8.94 -19.12
C ALA A 40 -6.71 8.70 -18.90
N ALA A 41 -7.02 7.67 -18.11
CA ALA A 41 -8.40 7.35 -17.78
C ALA A 41 -8.93 8.24 -16.66
N GLY A 42 -8.09 9.13 -16.16
CA GLY A 42 -8.49 10.05 -15.12
C GLY A 42 -7.91 9.67 -13.77
N THR A 43 -8.48 10.24 -12.71
CA THR A 43 -8.02 10.00 -11.37
C THR A 43 -9.00 9.12 -10.59
N SER A 44 -8.46 8.21 -9.78
CA SER A 44 -9.28 7.30 -8.99
C SER A 44 -8.84 7.36 -7.53
N ARG A 45 -9.80 7.24 -6.62
CA ARG A 45 -9.50 7.29 -5.19
C ARG A 45 -9.87 5.96 -4.54
N ILE A 46 -8.86 5.24 -4.07
CA ILE A 46 -9.08 3.93 -3.48
C ILE A 46 -8.87 3.99 -1.97
N LYS A 47 -9.71 3.29 -1.21
CA LYS A 47 -9.65 3.30 0.25
C LYS A 47 -10.02 1.94 0.83
N GLN A 48 -9.06 1.27 1.45
CA GLN A 48 -9.31 0.00 2.13
C GLN A 48 -8.80 0.09 3.56
N ALA A 49 -9.70 -0.03 4.53
CA ALA A 49 -9.33 0.11 5.92
C ALA A 49 -9.89 -1.03 6.77
N GLY A 50 -9.16 -1.36 7.82
CA GLY A 50 -9.61 -2.41 8.73
C GLY A 50 -8.48 -2.91 9.59
N ALA A 51 -8.49 -4.21 9.84
CA ALA A 51 -7.47 -4.82 10.67
C ALA A 51 -7.04 -6.14 10.04
N PHE A 52 -5.83 -6.55 10.33
CA PHE A 52 -5.28 -7.77 9.78
C PHE A 52 -4.20 -8.31 10.72
N THR A 53 -3.71 -9.51 10.43
CA THR A 53 -2.72 -10.15 11.28
C THR A 53 -1.32 -9.78 10.87
N ALA A 54 -0.54 -9.30 11.82
CA ALA A 54 0.81 -8.86 11.55
C ALA A 54 1.80 -9.61 12.43
N ILE A 55 2.98 -9.88 11.89
CA ILE A 55 4.02 -10.58 12.64
C ILE A 55 5.15 -9.64 12.97
N ALA A 56 5.70 -9.80 14.16
CA ALA A 56 6.79 -8.96 14.64
C ALA A 56 8.01 -9.06 13.74
N GLU A 57 8.45 -7.91 13.26
CA GLU A 57 9.59 -7.80 12.37
C GLU A 57 9.32 -8.57 11.08
N GLN A 58 8.05 -8.55 10.71
CA GLN A 58 7.57 -9.17 9.51
C GLN A 58 6.82 -8.16 8.69
N ARG A 59 6.99 -8.28 7.39
CA ARG A 59 6.28 -7.43 6.45
C ARG A 59 4.88 -7.95 6.21
N VAL A 60 3.92 -7.07 6.37
CA VAL A 60 2.52 -7.37 6.12
C VAL A 60 1.98 -6.41 5.08
N THR A 61 1.71 -6.89 3.89
CA THR A 61 1.29 -5.99 2.85
C THR A 61 -0.22 -5.83 2.86
N VAL A 62 -0.64 -4.59 2.87
CA VAL A 62 -2.00 -4.25 3.13
C VAL A 62 -2.62 -3.42 2.01
N GLY A 63 -3.85 -3.75 1.66
CA GLY A 63 -4.57 -3.00 0.65
C GLY A 63 -4.17 -3.39 -0.75
N ASN A 64 -4.67 -4.53 -1.21
CA ASN A 64 -4.35 -5.02 -2.54
C ASN A 64 -5.31 -4.42 -3.55
N VAL A 65 -4.81 -3.51 -4.35
CA VAL A 65 -5.60 -2.85 -5.38
C VAL A 65 -4.96 -3.07 -6.75
N VAL A 66 -5.68 -3.70 -7.65
CA VAL A 66 -5.12 -4.04 -8.95
C VAL A 66 -5.55 -3.03 -10.01
N LEU A 67 -4.57 -2.35 -10.58
CA LEU A 67 -4.78 -1.37 -11.62
C LEU A 67 -4.28 -1.94 -12.94
N ASP A 68 -4.59 -1.29 -14.05
CA ASP A 68 -3.94 -1.64 -15.31
C ASP A 68 -2.51 -1.08 -15.29
N TYR A 69 -1.55 -1.87 -15.73
CA TYR A 69 -0.14 -1.52 -15.54
C TYR A 69 0.37 -0.53 -16.58
N SER A 70 0.90 0.58 -16.09
CA SER A 70 1.68 1.48 -16.92
C SER A 70 2.81 2.09 -16.07
N SER A 71 4.05 1.85 -16.50
CA SER A 71 5.23 2.37 -15.81
C SER A 71 5.24 3.89 -15.80
N ALA A 72 4.50 4.49 -16.73
CA ALA A 72 4.41 5.94 -16.83
C ALA A 72 3.12 6.47 -16.21
N ASN A 73 2.32 5.57 -15.67
CA ASN A 73 1.06 5.95 -15.03
C ASN A 73 1.33 6.47 -13.65
N ARG A 74 0.47 7.33 -13.13
CA ARG A 74 0.63 7.81 -11.79
C ARG A 74 -0.18 6.93 -10.84
N TYR A 75 0.53 6.11 -10.08
CA TYR A 75 -0.08 5.32 -9.03
C TYR A 75 0.65 5.60 -7.75
N ALA A 76 -0.08 6.11 -6.79
CA ALA A 76 0.47 6.41 -5.49
C ALA A 76 -0.36 5.74 -4.42
N ALA A 77 0.14 5.74 -3.22
CA ALA A 77 -0.53 5.07 -2.14
C ALA A 77 -0.30 5.83 -0.86
N ARG A 78 -1.13 5.57 0.12
CA ARG A 78 -0.98 6.15 1.44
C ARG A 78 -1.57 5.21 2.47
N LEU A 79 -0.74 4.71 3.36
CA LEU A 79 -1.23 3.81 4.38
C LEU A 79 -1.10 4.44 5.74
N ASP A 80 -2.23 4.64 6.36
CA ASP A 80 -2.29 5.11 7.73
C ASP A 80 -2.38 3.91 8.66
N VAL A 81 -1.39 3.69 9.47
CA VAL A 81 -1.48 2.61 10.44
C VAL A 81 -1.78 3.19 11.80
N SER A 82 -3.00 3.01 12.25
CA SER A 82 -3.45 3.47 13.55
C SER A 82 -3.95 2.30 14.37
N PHE A 83 -3.14 1.86 15.31
CA PHE A 83 -3.46 0.70 16.12
C PHE A 83 -2.98 0.91 17.55
N GLY A 84 -3.87 1.41 18.39
CA GLY A 84 -3.53 1.66 19.77
C GLY A 84 -2.46 2.72 19.92
N SER A 85 -1.25 2.30 20.19
CA SER A 85 -0.15 3.22 20.45
C SER A 85 0.53 3.66 19.15
N VAL A 86 0.25 2.98 18.05
CA VAL A 86 0.86 3.33 16.79
C VAL A 86 -0.09 4.15 15.91
N THR A 87 0.44 5.20 15.33
CA THR A 87 -0.26 5.90 14.26
C THR A 87 0.77 6.50 13.32
N ILE A 88 0.74 6.05 12.08
CA ILE A 88 1.76 6.41 11.08
C ILE A 88 1.13 6.46 9.70
N GLN A 89 1.86 7.00 8.74
CA GLN A 89 1.39 7.02 7.36
C GLN A 89 2.57 7.01 6.39
N CYS A 90 2.37 6.39 5.24
CA CYS A 90 3.38 6.37 4.18
C CYS A 90 2.71 6.60 2.84
N ASN A 91 3.47 7.04 1.85
CA ASN A 91 2.90 7.36 0.55
C ASN A 91 3.79 6.86 -0.59
N LEU A 92 3.17 6.20 -1.56
CA LEU A 92 3.89 5.62 -2.69
C LEU A 92 4.34 6.69 -3.68
N ASP A 93 5.56 6.54 -4.18
CA ASP A 93 6.06 7.35 -5.28
C ASP A 93 5.70 6.68 -6.60
N PRO A 94 4.78 7.27 -7.38
CA PRO A 94 4.29 6.67 -8.64
C PRO A 94 5.41 6.35 -9.62
N GLU A 95 6.52 7.06 -9.49
CA GLU A 95 7.67 6.88 -10.33
C GLU A 95 8.52 5.71 -9.87
N THR A 96 8.02 4.95 -8.92
CA THR A 96 8.64 3.68 -8.56
C THR A 96 7.94 2.52 -9.29
N VAL A 97 6.73 2.78 -9.80
CA VAL A 97 5.95 1.78 -10.57
C VAL A 97 6.58 1.49 -11.94
N LYS A 98 7.74 0.89 -11.92
CA LYS A 98 8.33 0.30 -13.10
C LYS A 98 8.69 -1.15 -12.80
N LEU A 99 7.68 -2.00 -12.93
CA LEU A 99 7.84 -3.46 -12.83
C LEU A 99 7.98 -3.91 -11.37
N GLU A 100 8.97 -3.41 -10.67
CA GLU A 100 9.16 -3.74 -9.26
C GLU A 100 9.32 -2.48 -8.43
N HIS A 101 9.29 -2.63 -7.12
CA HIS A 101 9.47 -1.51 -6.21
C HIS A 101 10.86 -1.54 -5.63
N MET A 1 3.32 -1.28 18.15
CA MET A 1 4.43 -0.77 17.31
C MET A 1 4.36 -1.35 15.90
N VAL A 2 3.65 -0.66 15.02
CA VAL A 2 3.59 -1.06 13.62
C VAL A 2 4.37 -0.06 12.75
N GLN A 3 4.87 -0.53 11.63
CA GLN A 3 5.66 0.25 10.70
C GLN A 3 4.97 0.23 9.34
N CYS A 4 5.37 1.09 8.42
CA CYS A 4 4.71 1.11 7.14
C CYS A 4 5.62 1.60 6.02
N GLU A 5 5.32 1.11 4.83
CA GLU A 5 5.96 1.52 3.59
C GLU A 5 4.99 1.21 2.46
N VAL A 6 5.32 1.59 1.24
CA VAL A 6 4.38 1.46 0.15
C VAL A 6 5.01 0.80 -1.05
N GLU A 7 4.24 -0.06 -1.69
CA GLU A 7 4.72 -0.87 -2.79
C GLU A 7 3.75 -0.86 -3.96
N ALA A 8 4.29 -1.19 -5.12
CA ALA A 8 3.50 -1.43 -6.29
C ALA A 8 4.06 -2.69 -6.96
N ALA A 9 3.20 -3.67 -7.20
CA ALA A 9 3.65 -4.95 -7.73
C ALA A 9 3.18 -5.14 -9.17
N VAL A 10 4.09 -4.97 -10.10
CA VAL A 10 3.74 -5.05 -11.51
C VAL A 10 3.76 -6.48 -12.01
N SER A 11 2.69 -6.85 -12.70
CA SER A 11 2.57 -8.15 -13.32
C SER A 11 2.43 -7.96 -14.82
N GLY A 12 2.35 -9.06 -15.56
CA GLY A 12 2.20 -8.98 -17.01
C GLY A 12 0.92 -8.26 -17.43
N GLY A 13 1.04 -6.97 -17.71
CA GLY A 13 -0.08 -6.21 -18.22
C GLY A 13 -0.87 -5.50 -17.12
N HIS A 14 -0.65 -5.91 -15.88
CA HIS A 14 -1.39 -5.35 -14.75
C HIS A 14 -0.44 -4.95 -13.63
N VAL A 15 -0.92 -4.13 -12.71
CA VAL A 15 -0.10 -3.73 -11.57
C VAL A 15 -0.93 -3.81 -10.29
N THR A 16 -0.49 -4.65 -9.37
CA THR A 16 -1.15 -4.82 -8.10
C THR A 16 -0.47 -3.96 -7.05
N LEU A 17 -1.19 -3.01 -6.49
CA LEU A 17 -0.58 -2.06 -5.59
C LEU A 17 -1.06 -2.28 -4.17
N GLN A 18 -0.12 -2.24 -3.22
CA GLN A 18 -0.41 -2.44 -1.81
C GLN A 18 0.75 -1.94 -0.96
N GLY A 19 0.44 -1.45 0.24
CA GLY A 19 1.48 -0.89 1.10
C GLY A 19 1.97 -1.89 2.13
N VAL A 20 3.28 -1.95 2.33
CA VAL A 20 3.84 -2.93 3.26
C VAL A 20 3.92 -2.37 4.66
N ILE A 21 3.35 -3.10 5.57
CA ILE A 21 3.41 -2.80 6.98
C ILE A 21 4.32 -3.76 7.68
N THR A 22 5.49 -3.32 8.06
CA THR A 22 6.30 -4.12 8.94
C THR A 22 5.75 -3.94 10.33
N ALA A 23 5.54 -5.00 11.03
CA ALA A 23 4.98 -4.88 12.34
C ALA A 23 5.94 -5.50 13.33
N VAL A 24 6.38 -4.72 14.29
CA VAL A 24 7.39 -5.20 15.23
C VAL A 24 6.81 -6.19 16.25
N ARG A 25 5.51 -6.45 16.21
CA ARG A 25 4.92 -7.37 17.17
C ARG A 25 3.97 -8.37 16.51
N ASP A 26 4.07 -9.63 16.94
CA ASP A 26 3.22 -10.70 16.42
C ASP A 26 1.80 -10.55 16.93
N GLY A 27 0.85 -10.76 16.05
CA GLY A 27 -0.54 -10.68 16.43
C GLY A 27 -1.38 -10.07 15.33
N ALA A 28 -2.17 -9.08 15.67
CA ALA A 28 -2.99 -8.38 14.70
C ALA A 28 -2.99 -6.88 14.99
N GLY A 29 -3.29 -6.08 13.99
CA GLY A 29 -3.34 -4.66 14.16
C GLY A 29 -4.31 -4.05 13.17
N SER A 30 -4.50 -2.76 13.26
CA SER A 30 -5.44 -2.09 12.37
C SER A 30 -4.75 -0.97 11.62
N TYR A 31 -5.04 -0.88 10.33
CA TYR A 31 -4.39 0.06 9.44
C TYR A 31 -5.27 0.36 8.22
N LYS A 32 -5.09 1.53 7.64
CA LYS A 32 -5.92 2.03 6.54
C LYS A 32 -5.08 2.35 5.31
N LEU A 33 -5.24 1.57 4.25
CA LEU A 33 -4.51 1.81 3.03
C LEU A 33 -5.41 2.44 1.97
N ALA A 34 -4.94 3.55 1.43
CA ALA A 34 -5.61 4.20 0.32
C ALA A 34 -4.67 4.30 -0.88
N VAL A 35 -5.21 4.14 -2.08
CA VAL A 35 -4.41 4.20 -3.30
C VAL A 35 -4.95 5.28 -4.23
N ASP A 36 -4.05 5.95 -4.91
CA ASP A 36 -4.40 7.00 -5.85
C ASP A 36 -3.94 6.63 -7.24
N LYS A 37 -4.76 6.91 -8.23
CA LYS A 37 -4.45 6.58 -9.60
C LYS A 37 -4.79 7.75 -10.52
N ALA A 38 -3.91 8.02 -11.48
CA ALA A 38 -4.12 9.08 -12.45
C ALA A 38 -3.46 8.73 -13.78
N GLY A 39 -4.27 8.56 -14.80
CA GLY A 39 -3.75 8.18 -16.10
C GLY A 39 -4.56 8.75 -17.24
N ALA A 40 -4.40 8.17 -18.42
CA ALA A 40 -5.13 8.61 -19.60
C ALA A 40 -6.63 8.39 -19.47
N ALA A 41 -7.01 7.51 -18.55
CA ALA A 41 -8.42 7.26 -18.27
C ALA A 41 -8.93 8.18 -17.16
N GLY A 42 -8.14 9.20 -16.85
CA GLY A 42 -8.52 10.16 -15.83
C GLY A 42 -7.97 9.79 -14.48
N THR A 43 -8.44 10.47 -13.45
CA THR A 43 -8.01 10.19 -12.09
C THR A 43 -9.00 9.26 -11.41
N SER A 44 -8.52 8.51 -10.43
CA SER A 44 -9.33 7.57 -9.70
C SER A 44 -8.82 7.42 -8.26
N ARG A 45 -9.72 7.14 -7.33
CA ARG A 45 -9.35 7.01 -5.92
C ARG A 45 -9.78 5.68 -5.36
N ILE A 46 -8.86 5.03 -4.66
CA ILE A 46 -9.15 3.77 -3.97
C ILE A 46 -8.85 3.95 -2.49
N LYS A 47 -9.73 3.49 -1.62
CA LYS A 47 -9.51 3.62 -0.19
C LYS A 47 -10.09 2.44 0.57
N GLN A 48 -9.27 1.80 1.37
CA GLN A 48 -9.71 0.71 2.23
C GLN A 48 -9.25 0.97 3.66
N ALA A 49 -9.79 0.20 4.60
CA ALA A 49 -9.40 0.32 6.00
C ALA A 49 -9.93 -0.86 6.80
N GLY A 50 -9.19 -1.26 7.81
CA GLY A 50 -9.62 -2.35 8.66
C GLY A 50 -8.51 -2.87 9.53
N ALA A 51 -8.53 -4.16 9.81
CA ALA A 51 -7.55 -4.77 10.66
C ALA A 51 -7.14 -6.13 10.10
N PHE A 52 -5.86 -6.42 10.18
CA PHE A 52 -5.33 -7.66 9.64
C PHE A 52 -4.26 -8.20 10.59
N THR A 53 -3.71 -9.36 10.30
CA THR A 53 -2.72 -9.98 11.16
C THR A 53 -1.32 -9.50 10.81
N ALA A 54 -0.51 -9.27 11.82
CA ALA A 54 0.83 -8.78 11.62
C ALA A 54 1.83 -9.51 12.50
N ILE A 55 2.91 -9.97 11.90
CA ILE A 55 3.96 -10.69 12.62
C ILE A 55 5.11 -9.76 12.94
N ALA A 56 5.72 -9.98 14.09
CA ALA A 56 6.80 -9.12 14.56
C ALA A 56 7.99 -9.19 13.64
N GLU A 57 8.44 -8.01 13.19
CA GLU A 57 9.57 -7.89 12.28
C GLU A 57 9.23 -8.58 10.97
N GLN A 58 7.94 -8.63 10.67
CA GLN A 58 7.42 -9.22 9.48
C GLN A 58 6.70 -8.18 8.67
N ARG A 59 6.92 -8.21 7.38
CA ARG A 59 6.25 -7.32 6.47
C ARG A 59 4.86 -7.82 6.14
N VAL A 60 3.89 -6.96 6.33
CA VAL A 60 2.51 -7.26 6.06
C VAL A 60 1.98 -6.30 5.02
N THR A 61 1.72 -6.79 3.83
CA THR A 61 1.33 -5.89 2.77
C THR A 61 -0.17 -5.72 2.76
N VAL A 62 -0.58 -4.47 2.80
CA VAL A 62 -1.95 -4.13 3.06
C VAL A 62 -2.54 -3.25 1.96
N GLY A 63 -3.79 -3.51 1.61
CA GLY A 63 -4.47 -2.74 0.61
C GLY A 63 -4.25 -3.29 -0.77
N ASN A 64 -4.67 -4.53 -0.99
CA ASN A 64 -4.47 -5.20 -2.25
C ASN A 64 -5.44 -4.65 -3.29
N VAL A 65 -4.92 -3.86 -4.20
CA VAL A 65 -5.72 -3.33 -5.30
C VAL A 65 -4.99 -3.60 -6.61
N VAL A 66 -5.72 -3.94 -7.66
CA VAL A 66 -5.09 -4.26 -8.93
C VAL A 66 -5.50 -3.29 -10.02
N LEU A 67 -4.50 -2.61 -10.56
CA LEU A 67 -4.69 -1.65 -11.63
C LEU A 67 -4.17 -2.26 -12.92
N ASP A 68 -4.51 -1.65 -14.05
CA ASP A 68 -3.85 -1.99 -15.30
C ASP A 68 -2.46 -1.36 -15.28
N TYR A 69 -1.47 -2.05 -15.80
CA TYR A 69 -0.09 -1.58 -15.69
C TYR A 69 0.23 -0.52 -16.73
N SER A 70 0.64 0.64 -16.26
CA SER A 70 1.17 1.66 -17.13
C SER A 70 2.33 2.37 -16.44
N SER A 71 3.52 2.27 -17.02
CA SER A 71 4.71 2.86 -16.44
C SER A 71 4.62 4.39 -16.42
N ALA A 72 3.78 4.92 -17.30
CA ALA A 72 3.58 6.36 -17.39
C ALA A 72 2.37 6.78 -16.57
N ASN A 73 1.77 5.85 -15.86
CA ASN A 73 0.59 6.13 -15.04
C ASN A 73 1.03 6.64 -13.68
N ARG A 74 0.21 7.48 -13.06
CA ARG A 74 0.47 7.90 -11.70
C ARG A 74 -0.31 7.00 -10.77
N TYR A 75 0.39 6.09 -10.12
CA TYR A 75 -0.20 5.25 -9.11
C TYR A 75 0.51 5.52 -7.81
N ALA A 76 -0.22 5.97 -6.84
CA ALA A 76 0.34 6.28 -5.55
C ALA A 76 -0.48 5.65 -4.47
N ALA A 77 0.05 5.67 -3.27
CA ALA A 77 -0.59 5.01 -2.17
C ALA A 77 -0.34 5.78 -0.90
N ARG A 78 -1.12 5.51 0.10
CA ARG A 78 -0.94 6.12 1.40
C ARG A 78 -1.54 5.22 2.46
N LEU A 79 -0.72 4.79 3.40
CA LEU A 79 -1.20 3.89 4.42
C LEU A 79 -1.03 4.52 5.78
N ASP A 80 -2.14 4.65 6.48
CA ASP A 80 -2.14 5.11 7.85
C ASP A 80 -2.28 3.92 8.78
N VAL A 81 -1.31 3.70 9.62
CA VAL A 81 -1.44 2.62 10.58
C VAL A 81 -1.75 3.20 11.95
N SER A 82 -2.98 3.06 12.36
CA SER A 82 -3.43 3.54 13.65
C SER A 82 -4.04 2.39 14.45
N PHE A 83 -3.32 1.94 15.46
CA PHE A 83 -3.76 0.81 16.27
C PHE A 83 -3.18 0.89 17.66
N GLY A 84 -4.03 1.16 18.64
CA GLY A 84 -3.59 1.22 20.01
C GLY A 84 -2.65 2.37 20.27
N SER A 85 -1.37 2.06 20.35
CA SER A 85 -0.36 3.08 20.62
C SER A 85 0.35 3.53 19.34
N VAL A 86 0.09 2.88 18.22
CA VAL A 86 0.76 3.23 16.98
C VAL A 86 -0.14 4.08 16.08
N THR A 87 0.44 5.11 15.49
CA THR A 87 -0.21 5.85 14.42
C THR A 87 0.86 6.43 13.49
N ILE A 88 0.84 5.99 12.24
CA ILE A 88 1.86 6.35 11.26
C ILE A 88 1.25 6.42 9.88
N GLN A 89 1.97 6.99 8.93
CA GLN A 89 1.49 7.03 7.56
C GLN A 89 2.66 7.08 6.57
N CYS A 90 2.43 6.54 5.38
CA CYS A 90 3.41 6.58 4.29
C CYS A 90 2.70 6.76 2.96
N ASN A 91 3.45 7.10 1.91
CA ASN A 91 2.85 7.37 0.60
C ASN A 91 3.73 6.86 -0.54
N LEU A 92 3.10 6.26 -1.56
CA LEU A 92 3.82 5.67 -2.68
C LEU A 92 4.24 6.72 -3.72
N ASP A 93 5.45 6.58 -4.23
CA ASP A 93 5.93 7.36 -5.36
C ASP A 93 5.58 6.64 -6.66
N PRO A 94 4.73 7.21 -7.51
CA PRO A 94 4.27 6.54 -8.72
C PRO A 94 5.39 6.26 -9.73
N GLU A 95 6.52 6.91 -9.56
CA GLU A 95 7.65 6.71 -10.42
C GLU A 95 8.40 5.44 -10.04
N THR A 96 7.88 4.73 -9.04
CA THR A 96 8.45 3.48 -8.62
C THR A 96 7.65 2.31 -9.19
N VAL A 97 6.45 2.62 -9.66
CA VAL A 97 5.60 1.66 -10.40
C VAL A 97 6.35 1.02 -11.59
N LYS A 98 7.55 1.51 -11.88
CA LYS A 98 8.34 0.98 -12.97
C LYS A 98 8.88 -0.39 -12.61
N LEU A 99 7.97 -1.36 -12.55
CA LEU A 99 8.29 -2.75 -12.29
C LEU A 99 8.66 -2.96 -10.83
N GLU A 100 9.75 -2.34 -10.40
CA GLU A 100 10.16 -2.33 -9.01
C GLU A 100 10.74 -0.98 -8.62
N HIS A 101 11.58 -0.44 -9.50
CA HIS A 101 12.22 0.85 -9.26
C HIS A 101 12.42 1.59 -10.58
N MET A 1 4.38 -1.83 18.13
CA MET A 1 4.58 -0.70 17.20
C MET A 1 4.60 -1.19 15.76
N VAL A 2 3.67 -0.68 14.96
CA VAL A 2 3.59 -1.05 13.56
C VAL A 2 4.34 -0.05 12.69
N GLN A 3 4.84 -0.52 11.56
CA GLN A 3 5.58 0.26 10.59
C GLN A 3 4.84 0.22 9.27
N CYS A 4 5.19 1.08 8.33
CA CYS A 4 4.48 1.08 7.07
C CYS A 4 5.36 1.58 5.93
N GLU A 5 5.13 0.97 4.77
CA GLU A 5 5.79 1.29 3.52
C GLU A 5 4.75 1.19 2.41
N VAL A 6 5.13 1.52 1.20
CA VAL A 6 4.20 1.50 0.09
C VAL A 6 4.84 0.91 -1.16
N GLU A 7 4.21 -0.12 -1.70
CA GLU A 7 4.77 -0.82 -2.83
C GLU A 7 3.79 -0.94 -3.97
N ALA A 8 4.33 -1.15 -5.14
CA ALA A 8 3.54 -1.44 -6.32
C ALA A 8 4.09 -2.70 -6.97
N ALA A 9 3.25 -3.69 -7.18
CA ALA A 9 3.68 -4.97 -7.72
C ALA A 9 3.17 -5.16 -9.13
N VAL A 10 4.05 -5.01 -10.10
CA VAL A 10 3.66 -5.11 -11.49
C VAL A 10 3.62 -6.55 -11.97
N SER A 11 2.50 -6.92 -12.55
CA SER A 11 2.34 -8.20 -13.21
C SER A 11 2.08 -7.98 -14.69
N GLY A 12 1.98 -9.05 -15.46
CA GLY A 12 1.80 -8.92 -16.89
C GLY A 12 0.50 -8.25 -17.28
N GLY A 13 0.54 -6.94 -17.46
CA GLY A 13 -0.62 -6.20 -17.90
C GLY A 13 -1.38 -5.54 -16.76
N HIS A 14 -1.10 -5.95 -15.54
CA HIS A 14 -1.81 -5.43 -14.39
C HIS A 14 -0.84 -5.15 -13.25
N VAL A 15 -1.00 -4.02 -12.60
CA VAL A 15 -0.15 -3.65 -11.49
C VAL A 15 -0.94 -3.74 -10.18
N THR A 16 -0.48 -4.60 -9.28
CA THR A 16 -1.12 -4.79 -8.00
C THR A 16 -0.42 -3.95 -6.95
N LEU A 17 -1.12 -3.03 -6.35
CA LEU A 17 -0.50 -2.06 -5.47
C LEU A 17 -0.96 -2.24 -4.04
N GLN A 18 -0.01 -2.33 -3.11
CA GLN A 18 -0.30 -2.53 -1.70
C GLN A 18 0.77 -1.86 -0.83
N GLY A 19 0.40 -1.50 0.39
CA GLY A 19 1.36 -0.89 1.29
C GLY A 19 1.91 -1.89 2.30
N VAL A 20 3.23 -1.98 2.40
CA VAL A 20 3.87 -2.95 3.29
C VAL A 20 4.00 -2.44 4.71
N ILE A 21 3.30 -3.08 5.59
CA ILE A 21 3.36 -2.80 6.99
C ILE A 21 4.29 -3.77 7.68
N THR A 22 5.46 -3.31 8.06
CA THR A 22 6.28 -4.12 8.92
C THR A 22 5.77 -3.93 10.32
N ALA A 23 5.55 -4.99 11.02
CA ALA A 23 5.03 -4.84 12.35
C ALA A 23 5.98 -5.47 13.33
N VAL A 24 6.47 -4.67 14.25
CA VAL A 24 7.49 -5.16 15.17
C VAL A 24 6.92 -6.14 16.20
N ARG A 25 5.61 -6.33 16.21
CA ARG A 25 5.01 -7.25 17.14
C ARG A 25 4.02 -8.18 16.44
N ASP A 26 4.09 -9.46 16.78
CA ASP A 26 3.22 -10.47 16.20
C ASP A 26 1.84 -10.41 16.84
N GLY A 27 0.83 -10.60 16.01
CA GLY A 27 -0.54 -10.54 16.48
C GLY A 27 -1.44 -10.00 15.41
N ALA A 28 -2.28 -9.04 15.76
CA ALA A 28 -3.17 -8.43 14.80
C ALA A 28 -3.38 -6.95 15.13
N GLY A 29 -3.37 -6.13 14.11
CA GLY A 29 -3.55 -4.71 14.30
C GLY A 29 -4.48 -4.15 13.26
N SER A 30 -4.63 -2.84 13.26
CA SER A 30 -5.54 -2.21 12.31
C SER A 30 -4.83 -1.08 11.59
N TYR A 31 -5.09 -0.99 10.30
CA TYR A 31 -4.43 -0.03 9.43
C TYR A 31 -5.28 0.26 8.21
N LYS A 32 -5.05 1.42 7.61
CA LYS A 32 -5.90 1.95 6.56
C LYS A 32 -5.09 2.34 5.33
N LEU A 33 -5.26 1.61 4.26
CA LEU A 33 -4.50 1.85 3.04
C LEU A 33 -5.37 2.54 2.00
N ALA A 34 -4.85 3.60 1.41
CA ALA A 34 -5.51 4.27 0.30
C ALA A 34 -4.59 4.30 -0.90
N VAL A 35 -5.16 4.11 -2.08
CA VAL A 35 -4.40 4.15 -3.31
C VAL A 35 -4.98 5.21 -4.23
N ASP A 36 -4.11 5.97 -4.86
CA ASP A 36 -4.53 7.08 -5.69
C ASP A 36 -3.86 7.00 -7.04
N LYS A 37 -4.65 6.83 -8.08
CA LYS A 37 -4.12 6.78 -9.43
C LYS A 37 -4.10 8.15 -10.03
N ALA A 38 -3.25 8.33 -11.00
CA ALA A 38 -3.22 9.54 -11.77
C ALA A 38 -2.75 9.23 -13.19
N GLY A 39 -3.69 9.23 -14.11
CA GLY A 39 -3.39 8.93 -15.48
C GLY A 39 -3.66 10.11 -16.39
N ALA A 40 -3.79 9.85 -17.68
CA ALA A 40 -4.05 10.90 -18.65
C ALA A 40 -5.47 11.44 -18.49
N ALA A 41 -6.39 10.59 -18.04
CA ALA A 41 -7.77 10.98 -17.88
C ALA A 41 -8.00 11.70 -16.55
N GLY A 42 -7.15 11.42 -15.57
CA GLY A 42 -7.27 12.08 -14.28
C GLY A 42 -6.84 11.20 -13.13
N THR A 43 -7.21 11.60 -11.92
CA THR A 43 -6.84 10.86 -10.73
C THR A 43 -7.97 9.95 -10.28
N SER A 44 -7.63 8.87 -9.58
CA SER A 44 -8.64 7.92 -9.12
C SER A 44 -8.33 7.47 -7.69
N ARG A 45 -9.29 7.66 -6.78
CA ARG A 45 -9.10 7.33 -5.37
C ARG A 45 -9.61 5.93 -5.04
N ILE A 46 -8.81 5.21 -4.27
CA ILE A 46 -9.16 3.88 -3.76
C ILE A 46 -8.92 3.85 -2.25
N LYS A 47 -9.80 3.22 -1.48
CA LYS A 47 -9.64 3.17 -0.04
C LYS A 47 -9.99 1.80 0.53
N GLN A 48 -9.06 1.22 1.27
CA GLN A 48 -9.29 -0.01 2.02
C GLN A 48 -8.80 0.15 3.46
N ALA A 49 -9.72 0.09 4.40
CA ALA A 49 -9.37 0.25 5.81
C ALA A 49 -9.97 -0.87 6.65
N GLY A 50 -9.16 -1.37 7.58
CA GLY A 50 -9.63 -2.43 8.44
C GLY A 50 -8.51 -2.95 9.32
N ALA A 51 -8.58 -4.23 9.65
CA ALA A 51 -7.58 -4.85 10.50
C ALA A 51 -7.13 -6.17 9.91
N PHE A 52 -5.90 -6.53 10.18
CA PHE A 52 -5.32 -7.75 9.65
C PHE A 52 -4.26 -8.28 10.63
N THR A 53 -3.71 -9.44 10.35
CA THR A 53 -2.75 -10.07 11.23
C THR A 53 -1.33 -9.67 10.84
N ALA A 54 -0.55 -9.28 11.82
CA ALA A 54 0.80 -8.81 11.57
C ALA A 54 1.81 -9.60 12.40
N ILE A 55 2.96 -9.88 11.81
CA ILE A 55 4.00 -10.62 12.49
C ILE A 55 5.16 -9.72 12.82
N ALA A 56 5.71 -9.93 14.01
CA ALA A 56 6.81 -9.10 14.51
C ALA A 56 8.03 -9.16 13.61
N GLU A 57 8.45 -7.97 13.16
CA GLU A 57 9.60 -7.81 12.30
C GLU A 57 9.37 -8.54 10.96
N GLN A 58 8.09 -8.65 10.64
CA GLN A 58 7.65 -9.21 9.39
C GLN A 58 6.92 -8.16 8.62
N ARG A 59 7.04 -8.24 7.32
CA ARG A 59 6.35 -7.35 6.42
C ARG A 59 4.95 -7.85 6.14
N VAL A 60 3.98 -6.98 6.34
CA VAL A 60 2.59 -7.29 6.09
C VAL A 60 2.05 -6.33 5.05
N THR A 61 1.78 -6.82 3.85
CA THR A 61 1.37 -5.94 2.80
C THR A 61 -0.14 -5.80 2.77
N VAL A 62 -0.58 -4.56 2.79
CA VAL A 62 -1.97 -4.25 3.06
C VAL A 62 -2.57 -3.38 1.96
N GLY A 63 -3.83 -3.68 1.62
CA GLY A 63 -4.55 -2.90 0.64
C GLY A 63 -4.36 -3.44 -0.76
N ASN A 64 -4.93 -4.60 -1.03
CA ASN A 64 -4.78 -5.23 -2.32
C ASN A 64 -5.68 -4.57 -3.35
N VAL A 65 -5.05 -3.79 -4.22
CA VAL A 65 -5.74 -3.21 -5.35
C VAL A 65 -5.00 -3.54 -6.63
N VAL A 66 -5.71 -3.87 -7.68
CA VAL A 66 -5.07 -4.24 -8.92
C VAL A 66 -5.49 -3.29 -10.03
N LEU A 67 -4.52 -2.58 -10.56
CA LEU A 67 -4.75 -1.59 -11.59
C LEU A 67 -4.30 -2.15 -12.93
N ASP A 68 -4.73 -1.54 -14.02
CA ASP A 68 -4.17 -1.86 -15.31
C ASP A 68 -2.78 -1.24 -15.40
N TYR A 69 -1.80 -2.04 -15.78
CA TYR A 69 -0.41 -1.62 -15.68
C TYR A 69 0.00 -0.70 -16.81
N SER A 70 0.60 0.42 -16.42
CA SER A 70 1.25 1.30 -17.37
C SER A 70 2.51 1.87 -16.71
N SER A 71 3.65 1.65 -17.35
CA SER A 71 4.92 2.09 -16.80
C SER A 71 5.03 3.62 -16.80
N ALA A 72 4.28 4.25 -17.68
CA ALA A 72 4.25 5.70 -17.75
C ALA A 72 3.15 6.28 -16.86
N ASN A 73 2.40 5.41 -16.20
CA ASN A 73 1.30 5.84 -15.36
C ASN A 73 1.79 6.29 -14.00
N ARG A 74 1.03 7.17 -13.39
CA ARG A 74 1.28 7.61 -12.03
C ARG A 74 0.30 6.91 -11.09
N TYR A 75 0.80 6.01 -10.28
CA TYR A 75 -0.02 5.38 -9.25
C TYR A 75 0.60 5.65 -7.90
N ALA A 76 -0.20 6.10 -6.96
CA ALA A 76 0.29 6.42 -5.63
C ALA A 76 -0.51 5.71 -4.56
N ALA A 77 0.00 5.73 -3.35
CA ALA A 77 -0.61 5.05 -2.24
C ALA A 77 -0.29 5.77 -0.95
N ARG A 78 -1.05 5.47 0.08
CA ARG A 78 -0.80 6.00 1.41
C ARG A 78 -1.43 5.12 2.45
N LEU A 79 -0.63 4.61 3.35
CA LEU A 79 -1.15 3.75 4.38
C LEU A 79 -0.98 4.40 5.74
N ASP A 80 -2.10 4.57 6.41
CA ASP A 80 -2.12 5.07 7.77
C ASP A 80 -2.26 3.89 8.71
N VAL A 81 -1.32 3.72 9.62
CA VAL A 81 -1.45 2.67 10.60
C VAL A 81 -1.72 3.30 11.95
N SER A 82 -2.95 3.19 12.39
CA SER A 82 -3.37 3.76 13.67
C SER A 82 -4.06 2.68 14.49
N PHE A 83 -3.34 2.14 15.46
CA PHE A 83 -3.83 1.03 16.25
C PHE A 83 -3.32 1.13 17.68
N GLY A 84 -4.16 1.61 18.57
CA GLY A 84 -3.78 1.74 19.95
C GLY A 84 -2.71 2.79 20.14
N SER A 85 -1.48 2.35 20.34
CA SER A 85 -0.38 3.25 20.61
C SER A 85 0.35 3.65 19.33
N VAL A 86 0.09 2.94 18.25
CA VAL A 86 0.78 3.22 16.99
C VAL A 86 -0.08 4.10 16.09
N THR A 87 0.55 5.11 15.50
CA THR A 87 -0.07 5.88 14.44
C THR A 87 1.00 6.44 13.52
N ILE A 88 0.93 6.04 12.25
CA ILE A 88 1.93 6.38 11.25
C ILE A 88 1.29 6.44 9.88
N GLN A 89 1.99 6.99 8.91
CA GLN A 89 1.53 6.95 7.53
C GLN A 89 2.71 6.96 6.57
N CYS A 90 2.47 6.46 5.37
CA CYS A 90 3.45 6.46 4.29
C CYS A 90 2.74 6.72 2.98
N ASN A 91 3.49 7.04 1.93
CA ASN A 91 2.88 7.37 0.65
C ASN A 91 3.75 6.90 -0.52
N LEU A 92 3.12 6.26 -1.51
CA LEU A 92 3.82 5.67 -2.63
C LEU A 92 4.30 6.72 -3.62
N ASP A 93 5.56 6.58 -4.02
CA ASP A 93 6.09 7.35 -5.13
C ASP A 93 5.68 6.70 -6.44
N PRO A 94 4.79 7.34 -7.22
CA PRO A 94 4.29 6.78 -8.47
C PRO A 94 5.41 6.51 -9.48
N GLU A 95 6.58 7.03 -9.18
CA GLU A 95 7.75 6.87 -10.01
C GLU A 95 8.40 5.50 -9.80
N THR A 96 7.81 4.71 -8.92
CA THR A 96 8.36 3.41 -8.60
C THR A 96 7.57 2.28 -9.25
N VAL A 97 6.38 2.61 -9.75
CA VAL A 97 5.56 1.68 -10.54
C VAL A 97 6.35 1.10 -11.73
N LYS A 98 7.48 1.73 -12.07
CA LYS A 98 8.28 1.27 -13.19
C LYS A 98 9.04 0.01 -12.85
N LEU A 99 8.30 -1.04 -12.51
CA LEU A 99 8.86 -2.36 -12.23
C LEU A 99 9.61 -2.38 -10.90
N GLU A 100 10.62 -1.55 -10.78
CA GLU A 100 11.41 -1.48 -9.57
C GLU A 100 11.72 -0.02 -9.23
N HIS A 101 12.49 0.62 -10.09
CA HIS A 101 12.89 2.00 -9.86
C HIS A 101 13.42 2.62 -11.16
N MET A 1 4.65 -1.43 18.23
CA MET A 1 4.40 -0.39 17.20
C MET A 1 4.44 -1.00 15.80
N VAL A 2 3.55 -0.55 14.95
CA VAL A 2 3.53 -0.98 13.57
C VAL A 2 4.35 0.00 12.71
N GLN A 3 4.82 -0.48 11.58
CA GLN A 3 5.65 0.27 10.65
C GLN A 3 5.04 0.14 9.27
N CYS A 4 5.28 1.07 8.38
CA CYS A 4 4.60 1.02 7.09
C CYS A 4 5.49 1.48 5.95
N GLU A 5 5.17 0.96 4.78
CA GLU A 5 5.80 1.30 3.53
C GLU A 5 4.74 1.20 2.44
N VAL A 6 5.09 1.55 1.23
CA VAL A 6 4.16 1.54 0.13
C VAL A 6 4.78 0.91 -1.10
N GLU A 7 4.14 -0.11 -1.63
CA GLU A 7 4.68 -0.83 -2.76
C GLU A 7 3.70 -0.96 -3.89
N ALA A 8 4.25 -1.09 -5.08
CA ALA A 8 3.50 -1.43 -6.26
C ALA A 8 4.10 -2.69 -6.85
N ALA A 9 3.29 -3.71 -7.06
CA ALA A 9 3.78 -5.00 -7.54
C ALA A 9 3.40 -5.20 -8.99
N VAL A 10 4.35 -5.05 -9.88
CA VAL A 10 4.08 -5.11 -11.30
C VAL A 10 4.20 -6.54 -11.84
N SER A 11 3.11 -7.04 -12.37
CA SER A 11 3.08 -8.33 -13.03
C SER A 11 2.94 -8.11 -14.53
N GLY A 12 2.95 -9.19 -15.30
CA GLY A 12 2.84 -9.07 -16.74
C GLY A 12 1.49 -8.52 -17.17
N GLY A 13 1.43 -7.22 -17.45
CA GLY A 13 0.21 -6.62 -17.97
C GLY A 13 -0.60 -5.89 -16.91
N HIS A 14 -0.30 -6.14 -15.64
CA HIS A 14 -1.07 -5.55 -14.56
C HIS A 14 -0.15 -5.16 -13.41
N VAL A 15 -0.57 -4.18 -12.63
CA VAL A 15 0.19 -3.77 -11.48
C VAL A 15 -0.67 -3.86 -10.22
N THR A 16 -0.24 -4.71 -9.31
CA THR A 16 -0.97 -4.90 -8.06
C THR A 16 -0.34 -4.03 -6.99
N LEU A 17 -1.09 -3.10 -6.46
CA LEU A 17 -0.52 -2.14 -5.55
C LEU A 17 -0.97 -2.41 -4.13
N GLN A 18 -0.02 -2.39 -3.20
CA GLN A 18 -0.29 -2.71 -1.80
C GLN A 18 0.69 -1.95 -0.90
N GLY A 19 0.22 -1.50 0.25
CA GLY A 19 1.11 -0.84 1.20
C GLY A 19 1.65 -1.82 2.22
N VAL A 20 2.96 -1.87 2.40
CA VAL A 20 3.58 -2.81 3.31
C VAL A 20 3.58 -2.29 4.74
N ILE A 21 3.37 -3.19 5.65
CA ILE A 21 3.33 -2.87 7.06
C ILE A 21 4.23 -3.83 7.82
N THR A 22 5.36 -3.34 8.25
CA THR A 22 6.20 -4.13 9.10
C THR A 22 5.72 -3.95 10.51
N ALA A 23 5.47 -5.02 11.20
CA ALA A 23 4.95 -4.90 12.53
C ALA A 23 5.88 -5.58 13.48
N VAL A 24 6.38 -4.85 14.46
CA VAL A 24 7.40 -5.38 15.35
C VAL A 24 6.84 -6.48 16.27
N ARG A 25 5.52 -6.61 16.34
CA ARG A 25 4.93 -7.64 17.15
C ARG A 25 3.99 -8.54 16.35
N ASP A 26 4.06 -9.84 16.61
CA ASP A 26 3.17 -10.80 15.96
C ASP A 26 1.80 -10.78 16.61
N GLY A 27 0.77 -10.83 15.79
CA GLY A 27 -0.58 -10.75 16.27
C GLY A 27 -1.46 -10.07 15.26
N ALA A 28 -2.19 -9.06 15.68
CA ALA A 28 -3.06 -8.33 14.78
C ALA A 28 -3.04 -6.83 15.09
N GLY A 29 -3.14 -6.02 14.06
CA GLY A 29 -3.15 -4.59 14.23
C GLY A 29 -4.15 -3.96 13.31
N SER A 30 -4.30 -2.65 13.40
CA SER A 30 -5.27 -1.96 12.58
C SER A 30 -4.62 -0.84 11.78
N TYR A 31 -5.02 -0.73 10.51
CA TYR A 31 -4.42 0.21 9.58
C TYR A 31 -5.38 0.55 8.44
N LYS A 32 -5.05 1.59 7.68
CA LYS A 32 -5.91 2.10 6.61
C LYS A 32 -5.10 2.42 5.36
N LEU A 33 -5.31 1.64 4.30
CA LEU A 33 -4.59 1.85 3.05
C LEU A 33 -5.48 2.47 2.00
N ALA A 34 -4.99 3.55 1.40
CA ALA A 34 -5.66 4.17 0.27
C ALA A 34 -4.72 4.27 -0.91
N VAL A 35 -5.19 3.87 -2.09
CA VAL A 35 -4.39 3.98 -3.30
C VAL A 35 -5.02 4.99 -4.24
N ASP A 36 -4.16 5.80 -4.84
CA ASP A 36 -4.58 6.83 -5.75
C ASP A 36 -4.04 6.55 -7.13
N LYS A 37 -4.92 6.27 -8.06
CA LYS A 37 -4.54 6.00 -9.42
C LYS A 37 -4.93 7.16 -10.32
N ALA A 38 -4.04 7.53 -11.22
CA ALA A 38 -4.28 8.64 -12.12
C ALA A 38 -3.56 8.41 -13.44
N GLY A 39 -4.33 8.11 -14.47
CA GLY A 39 -3.75 7.89 -15.77
C GLY A 39 -4.52 8.60 -16.85
N ALA A 40 -4.24 8.25 -18.10
CA ALA A 40 -4.92 8.87 -19.24
C ALA A 40 -6.40 8.55 -19.22
N ALA A 41 -6.76 7.46 -18.56
CA ALA A 41 -8.13 7.02 -18.47
C ALA A 41 -8.87 7.70 -17.32
N GLY A 42 -8.13 8.41 -16.47
CA GLY A 42 -8.73 9.10 -15.35
C GLY A 42 -8.14 8.70 -14.02
N THR A 43 -8.73 9.21 -12.94
CA THR A 43 -8.28 8.91 -11.60
C THR A 43 -9.19 7.89 -10.94
N SER A 44 -8.60 6.87 -10.32
CA SER A 44 -9.38 5.85 -9.65
C SER A 44 -9.19 5.93 -8.14
N ARG A 45 -10.24 5.60 -7.40
CA ARG A 45 -10.22 5.71 -5.95
C ARG A 45 -10.20 4.36 -5.26
N ILE A 46 -9.15 4.17 -4.48
CA ILE A 46 -8.98 2.99 -3.64
C ILE A 46 -8.85 3.42 -2.19
N LYS A 47 -9.74 2.97 -1.33
CA LYS A 47 -9.64 3.26 0.09
C LYS A 47 -10.19 2.11 0.91
N GLN A 48 -9.31 1.43 1.64
CA GLN A 48 -9.69 0.29 2.46
C GLN A 48 -9.08 0.40 3.85
N ALA A 49 -9.92 0.36 4.87
CA ALA A 49 -9.46 0.51 6.25
C ALA A 49 -10.04 -0.56 7.15
N GLY A 50 -9.25 -0.99 8.13
CA GLY A 50 -9.70 -1.99 9.07
C GLY A 50 -8.55 -2.54 9.87
N ALA A 51 -8.56 -3.85 10.08
CA ALA A 51 -7.52 -4.50 10.85
C ALA A 51 -7.15 -5.82 10.19
N PHE A 52 -5.92 -6.25 10.41
CA PHE A 52 -5.42 -7.48 9.84
C PHE A 52 -4.35 -8.07 10.75
N THR A 53 -3.87 -9.25 10.43
CA THR A 53 -2.88 -9.93 11.25
C THR A 53 -1.48 -9.56 10.81
N ALA A 54 -0.62 -9.25 11.77
CA ALA A 54 0.73 -8.83 11.45
C ALA A 54 1.76 -9.63 12.24
N ILE A 55 2.86 -9.98 11.59
CA ILE A 55 3.93 -10.74 12.23
C ILE A 55 5.07 -9.84 12.63
N ALA A 56 5.63 -10.13 13.80
CA ALA A 56 6.72 -9.33 14.34
C ALA A 56 7.92 -9.33 13.41
N GLU A 57 8.36 -8.12 13.06
CA GLU A 57 9.50 -7.92 12.19
C GLU A 57 9.25 -8.57 10.83
N GLN A 58 7.99 -8.64 10.49
CA GLN A 58 7.55 -9.14 9.21
C GLN A 58 6.85 -8.06 8.46
N ARG A 59 6.88 -8.17 7.17
CA ARG A 59 6.19 -7.23 6.31
C ARG A 59 4.78 -7.73 6.03
N VAL A 60 3.82 -6.91 6.33
CA VAL A 60 2.42 -7.24 6.11
C VAL A 60 1.87 -6.29 5.08
N THR A 61 1.60 -6.79 3.90
CA THR A 61 1.21 -5.91 2.83
C THR A 61 -0.29 -5.78 2.76
N VAL A 62 -0.74 -4.55 2.77
CA VAL A 62 -2.12 -4.24 3.01
C VAL A 62 -2.73 -3.42 1.88
N GLY A 63 -3.95 -3.80 1.49
CA GLY A 63 -4.67 -3.10 0.45
C GLY A 63 -4.37 -3.65 -0.92
N ASN A 64 -4.82 -4.87 -1.16
CA ASN A 64 -4.59 -5.52 -2.45
C ASN A 64 -5.53 -4.95 -3.49
N VAL A 65 -4.99 -4.16 -4.39
CA VAL A 65 -5.74 -3.65 -5.52
C VAL A 65 -4.93 -3.80 -6.80
N VAL A 66 -5.58 -4.19 -7.87
CA VAL A 66 -4.86 -4.44 -9.11
C VAL A 66 -5.25 -3.44 -10.19
N LEU A 67 -4.25 -2.76 -10.71
CA LEU A 67 -4.43 -1.78 -11.77
C LEU A 67 -3.88 -2.36 -13.06
N ASP A 68 -4.27 -1.79 -14.19
CA ASP A 68 -3.63 -2.14 -15.45
C ASP A 68 -2.26 -1.48 -15.50
N TYR A 69 -1.23 -2.25 -15.80
CA TYR A 69 0.14 -1.76 -15.68
C TYR A 69 0.47 -0.72 -16.73
N SER A 70 0.90 0.45 -16.28
CA SER A 70 1.42 1.46 -17.16
C SER A 70 2.57 2.21 -16.50
N SER A 71 3.73 2.17 -17.14
CA SER A 71 4.92 2.83 -16.61
C SER A 71 4.76 4.35 -16.61
N ALA A 72 3.92 4.83 -17.52
CA ALA A 72 3.65 6.26 -17.65
C ALA A 72 2.39 6.63 -16.87
N ASN A 73 1.95 5.73 -16.01
CA ASN A 73 0.76 5.97 -15.21
C ASN A 73 1.14 6.47 -13.83
N ARG A 74 0.24 7.20 -13.20
CA ARG A 74 0.46 7.66 -11.85
C ARG A 74 -0.31 6.77 -10.89
N TYR A 75 0.41 5.97 -10.15
CA TYR A 75 -0.16 5.14 -9.10
C TYR A 75 0.50 5.47 -7.79
N ALA A 76 -0.25 6.01 -6.88
CA ALA A 76 0.27 6.37 -5.58
C ALA A 76 -0.52 5.71 -4.49
N ALA A 77 -0.01 5.76 -3.29
CA ALA A 77 -0.65 5.10 -2.18
C ALA A 77 -0.42 5.87 -0.90
N ARG A 78 -1.22 5.59 0.09
CA ARG A 78 -1.03 6.13 1.42
C ARG A 78 -1.61 5.19 2.45
N LEU A 79 -0.76 4.71 3.34
CA LEU A 79 -1.23 3.82 4.38
C LEU A 79 -1.01 4.44 5.74
N ASP A 80 -2.11 4.67 6.42
CA ASP A 80 -2.08 5.15 7.78
C ASP A 80 -2.22 3.97 8.72
N VAL A 81 -1.26 3.76 9.58
CA VAL A 81 -1.38 2.68 10.54
C VAL A 81 -1.64 3.24 11.92
N SER A 82 -2.86 3.08 12.39
CA SER A 82 -3.27 3.57 13.68
C SER A 82 -3.76 2.41 14.53
N PHE A 83 -2.98 2.02 15.52
CA PHE A 83 -3.32 0.88 16.35
C PHE A 83 -2.75 1.06 17.76
N GLY A 84 -3.62 1.42 18.69
CA GLY A 84 -3.21 1.58 20.07
C GLY A 84 -2.18 2.68 20.24
N SER A 85 -0.93 2.29 20.40
CA SER A 85 0.15 3.24 20.63
C SER A 85 0.82 3.67 19.32
N VAL A 86 0.47 3.05 18.21
CA VAL A 86 1.08 3.41 16.94
C VAL A 86 0.12 4.20 16.06
N THR A 87 0.65 5.23 15.42
CA THR A 87 -0.04 5.92 14.35
C THR A 87 0.98 6.51 13.39
N ILE A 88 0.93 6.05 12.15
CA ILE A 88 1.94 6.40 11.14
C ILE A 88 1.30 6.45 9.78
N GLN A 89 2.00 6.99 8.80
CA GLN A 89 1.52 6.96 7.43
C GLN A 89 2.68 6.95 6.43
N CYS A 90 2.44 6.40 5.26
CA CYS A 90 3.41 6.40 4.17
C CYS A 90 2.68 6.58 2.85
N ASN A 91 3.39 7.05 1.84
CA ASN A 91 2.77 7.37 0.57
C ASN A 91 3.65 6.91 -0.60
N LEU A 92 3.03 6.23 -1.56
CA LEU A 92 3.75 5.69 -2.71
C LEU A 92 4.09 6.79 -3.71
N ASP A 93 5.34 6.80 -4.16
CA ASP A 93 5.74 7.65 -5.28
C ASP A 93 5.46 6.92 -6.58
N PRO A 94 4.48 7.40 -7.37
CA PRO A 94 4.05 6.71 -8.59
C PRO A 94 5.18 6.55 -9.61
N GLU A 95 6.23 7.30 -9.41
CA GLU A 95 7.40 7.27 -10.26
C GLU A 95 8.30 6.10 -9.90
N THR A 96 7.83 5.22 -9.00
CA THR A 96 8.56 4.01 -8.65
C THR A 96 7.90 2.76 -9.23
N VAL A 97 6.64 2.91 -9.64
CA VAL A 97 5.82 1.82 -10.22
C VAL A 97 6.58 0.94 -11.21
N LYS A 98 7.41 1.54 -12.05
CA LYS A 98 8.06 0.84 -13.16
C LYS A 98 8.75 -0.43 -12.70
N LEU A 99 8.03 -1.54 -12.84
CA LEU A 99 8.58 -2.86 -12.60
C LEU A 99 9.06 -3.01 -11.16
N GLU A 100 8.36 -2.36 -10.23
CA GLU A 100 8.69 -2.45 -8.82
C GLU A 100 8.29 -3.81 -8.27
N HIS A 101 9.14 -4.39 -7.44
CA HIS A 101 8.86 -5.66 -6.80
C HIS A 101 9.34 -5.63 -5.35
N MET A 1 3.75 0.16 17.61
CA MET A 1 4.49 -1.07 17.29
C MET A 1 4.47 -1.38 15.80
N VAL A 2 3.56 -0.75 15.05
CA VAL A 2 3.46 -1.03 13.62
C VAL A 2 4.22 0.02 12.80
N GLN A 3 4.79 -0.42 11.69
CA GLN A 3 5.54 0.40 10.77
C GLN A 3 4.89 0.28 9.40
N CYS A 4 5.23 1.14 8.46
CA CYS A 4 4.58 1.06 7.17
C CYS A 4 5.49 1.49 6.02
N GLU A 5 5.17 0.95 4.85
CA GLU A 5 5.83 1.22 3.59
C GLU A 5 4.79 1.12 2.49
N VAL A 6 5.18 1.39 1.26
CA VAL A 6 4.25 1.40 0.15
C VAL A 6 4.86 0.76 -1.09
N GLU A 7 4.12 -0.18 -1.65
CA GLU A 7 4.62 -0.98 -2.76
C GLU A 7 3.65 -1.02 -3.91
N ALA A 8 4.18 -1.35 -5.08
CA ALA A 8 3.37 -1.59 -6.25
C ALA A 8 3.86 -2.89 -6.91
N ALA A 9 2.96 -3.83 -7.11
CA ALA A 9 3.30 -5.13 -7.66
C ALA A 9 2.88 -5.20 -9.11
N VAL A 10 3.83 -5.34 -10.01
CA VAL A 10 3.53 -5.24 -11.43
C VAL A 10 3.62 -6.58 -12.14
N SER A 11 2.52 -6.95 -12.77
CA SER A 11 2.45 -8.12 -13.61
C SER A 11 2.30 -7.68 -15.07
N GLY A 12 2.27 -8.64 -15.98
CA GLY A 12 2.15 -8.31 -17.40
C GLY A 12 0.80 -7.72 -17.77
N GLY A 13 0.69 -6.40 -17.68
CA GLY A 13 -0.52 -5.72 -18.08
C GLY A 13 -1.38 -5.27 -16.91
N HIS A 14 -1.05 -5.72 -15.71
CA HIS A 14 -1.81 -5.35 -14.52
C HIS A 14 -0.86 -5.02 -13.38
N VAL A 15 -1.22 -4.04 -12.57
CA VAL A 15 -0.40 -3.66 -11.42
C VAL A 15 -1.23 -3.71 -10.15
N THR A 16 -0.83 -4.57 -9.24
CA THR A 16 -1.50 -4.71 -7.95
C THR A 16 -0.74 -3.92 -6.90
N LEU A 17 -1.40 -2.93 -6.32
CA LEU A 17 -0.72 -2.04 -5.42
C LEU A 17 -1.15 -2.25 -3.98
N GLN A 18 -0.17 -2.44 -3.10
CA GLN A 18 -0.43 -2.68 -1.70
C GLN A 18 0.61 -1.95 -0.83
N GLY A 19 0.21 -1.56 0.36
CA GLY A 19 1.13 -0.89 1.26
C GLY A 19 1.67 -1.84 2.31
N VAL A 20 2.98 -1.89 2.46
CA VAL A 20 3.61 -2.83 3.38
C VAL A 20 3.65 -2.28 4.79
N ILE A 21 3.58 -3.18 5.74
CA ILE A 21 3.56 -2.85 7.15
C ILE A 21 4.50 -3.76 7.91
N THR A 22 5.63 -3.24 8.34
CA THR A 22 6.46 -4.00 9.25
C THR A 22 5.92 -3.82 10.63
N ALA A 23 5.66 -4.89 11.31
CA ALA A 23 5.10 -4.77 12.62
C ALA A 23 6.01 -5.44 13.60
N VAL A 24 6.51 -4.67 14.55
CA VAL A 24 7.50 -5.18 15.49
C VAL A 24 6.96 -6.27 16.41
N ARG A 25 5.65 -6.44 16.45
CA ARG A 25 5.06 -7.44 17.33
C ARG A 25 3.98 -8.25 16.62
N ASP A 26 4.07 -9.57 16.75
CA ASP A 26 3.17 -10.49 16.06
C ASP A 26 1.78 -10.45 16.68
N GLY A 27 0.78 -10.74 15.87
CA GLY A 27 -0.58 -10.69 16.31
C GLY A 27 -1.46 -10.09 15.24
N ALA A 28 -2.27 -9.12 15.62
CA ALA A 28 -3.14 -8.46 14.67
C ALA A 28 -3.25 -6.98 14.99
N GLY A 29 -3.35 -6.16 13.96
CA GLY A 29 -3.45 -4.73 14.14
C GLY A 29 -4.35 -4.14 13.10
N SER A 30 -4.53 -2.84 13.14
CA SER A 30 -5.46 -2.19 12.22
C SER A 30 -4.78 -1.05 11.47
N TYR A 31 -5.08 -0.96 10.19
CA TYR A 31 -4.43 -0.01 9.30
C TYR A 31 -5.32 0.30 8.09
N LYS A 32 -5.04 1.40 7.41
CA LYS A 32 -5.89 1.91 6.33
C LYS A 32 -5.06 2.36 5.13
N LEU A 33 -5.19 1.65 4.02
CA LEU A 33 -4.48 2.01 2.81
C LEU A 33 -5.37 2.79 1.86
N ALA A 34 -4.90 3.96 1.49
CA ALA A 34 -5.56 4.75 0.48
C ALA A 34 -4.64 4.90 -0.73
N VAL A 35 -5.08 4.40 -1.87
CA VAL A 35 -4.29 4.41 -3.08
C VAL A 35 -4.81 5.46 -4.04
N ASP A 36 -3.89 6.10 -4.75
CA ASP A 36 -4.23 7.18 -5.65
C ASP A 36 -3.69 6.91 -7.04
N LYS A 37 -4.58 6.73 -7.99
CA LYS A 37 -4.20 6.51 -9.35
C LYS A 37 -4.42 7.77 -10.16
N ALA A 38 -3.47 8.12 -11.00
CA ALA A 38 -3.55 9.33 -11.77
C ALA A 38 -3.02 9.11 -13.19
N GLY A 39 -3.87 9.38 -14.16
CA GLY A 39 -3.49 9.30 -15.55
C GLY A 39 -4.23 10.34 -16.35
N ALA A 40 -4.22 10.21 -17.67
CA ALA A 40 -4.95 11.13 -18.52
C ALA A 40 -6.45 10.96 -18.36
N ALA A 41 -6.84 9.81 -17.81
CA ALA A 41 -8.24 9.53 -17.55
C ALA A 41 -8.69 10.17 -16.24
N GLY A 42 -7.74 10.74 -15.51
CA GLY A 42 -8.05 11.40 -14.26
C GLY A 42 -7.44 10.69 -13.07
N THR A 43 -7.78 11.14 -11.88
CA THR A 43 -7.30 10.53 -10.66
C THR A 43 -8.38 9.64 -10.05
N SER A 44 -7.99 8.47 -9.58
CA SER A 44 -8.91 7.58 -8.92
C SER A 44 -8.44 7.31 -7.50
N ARG A 45 -9.29 7.61 -6.53
CA ARG A 45 -8.93 7.41 -5.14
C ARG A 45 -9.51 6.09 -4.63
N ILE A 46 -8.67 5.33 -3.95
CA ILE A 46 -9.04 4.02 -3.44
C ILE A 46 -8.83 3.98 -1.92
N LYS A 47 -9.85 3.52 -1.19
CA LYS A 47 -9.73 3.41 0.26
C LYS A 47 -9.98 1.99 0.73
N GLN A 48 -8.97 1.37 1.32
CA GLN A 48 -9.10 0.06 1.93
C GLN A 48 -8.65 0.11 3.39
N ALA A 49 -9.57 -0.13 4.30
CA ALA A 49 -9.26 0.00 5.73
C ALA A 49 -9.80 -1.19 6.51
N GLY A 50 -9.05 -1.62 7.52
CA GLY A 50 -9.48 -2.71 8.34
C GLY A 50 -8.38 -3.19 9.27
N ALA A 51 -8.50 -4.43 9.72
CA ALA A 51 -7.51 -5.01 10.60
C ALA A 51 -7.08 -6.37 10.09
N PHE A 52 -5.79 -6.62 10.12
CA PHE A 52 -5.22 -7.84 9.62
C PHE A 52 -4.14 -8.34 10.58
N THR A 53 -3.58 -9.49 10.30
CA THR A 53 -2.57 -10.09 11.18
C THR A 53 -1.18 -9.62 10.79
N ALA A 54 -0.47 -9.09 11.76
CA ALA A 54 0.86 -8.58 11.51
C ALA A 54 1.89 -9.34 12.34
N ILE A 55 2.97 -9.74 11.69
CA ILE A 55 4.01 -10.50 12.35
C ILE A 55 5.17 -9.62 12.77
N ALA A 56 5.69 -9.90 13.95
CA ALA A 56 6.78 -9.11 14.51
C ALA A 56 8.02 -9.11 13.63
N GLU A 57 8.47 -7.91 13.28
CA GLU A 57 9.69 -7.70 12.52
C GLU A 57 9.56 -8.29 11.11
N GLN A 58 8.31 -8.53 10.74
CA GLN A 58 7.97 -9.01 9.43
C GLN A 58 7.22 -7.95 8.69
N ARG A 59 7.34 -7.99 7.39
CA ARG A 59 6.62 -7.06 6.53
C ARG A 59 5.26 -7.62 6.15
N VAL A 60 4.23 -6.84 6.37
CA VAL A 60 2.87 -7.27 6.11
C VAL A 60 2.24 -6.36 5.08
N THR A 61 1.99 -6.88 3.89
CA THR A 61 1.49 -6.04 2.82
C THR A 61 -0.02 -5.94 2.89
N VAL A 62 -0.51 -4.72 2.88
CA VAL A 62 -1.88 -4.43 3.19
C VAL A 62 -2.57 -3.61 2.10
N GLY A 63 -3.83 -3.95 1.83
CA GLY A 63 -4.63 -3.19 0.89
C GLY A 63 -4.47 -3.66 -0.53
N ASN A 64 -5.34 -4.55 -0.97
CA ASN A 64 -5.26 -5.08 -2.32
C ASN A 64 -6.00 -4.17 -3.28
N VAL A 65 -5.26 -3.45 -4.10
CA VAL A 65 -5.85 -2.61 -5.13
C VAL A 65 -5.20 -2.89 -6.47
N VAL A 66 -5.96 -3.42 -7.41
CA VAL A 66 -5.40 -3.82 -8.69
C VAL A 66 -5.77 -2.83 -9.79
N LEU A 67 -4.73 -2.24 -10.36
CA LEU A 67 -4.87 -1.28 -11.45
C LEU A 67 -4.42 -1.92 -12.74
N ASP A 68 -4.75 -1.32 -13.87
CA ASP A 68 -4.14 -1.69 -15.13
C ASP A 68 -2.72 -1.13 -15.14
N TYR A 69 -1.76 -1.92 -15.60
CA TYR A 69 -0.36 -1.51 -15.51
C TYR A 69 0.04 -0.59 -16.65
N SER A 70 0.57 0.57 -16.28
CA SER A 70 1.24 1.40 -17.26
C SER A 70 2.43 2.09 -16.59
N SER A 71 3.59 1.96 -17.21
CA SER A 71 4.79 2.61 -16.70
C SER A 71 4.71 4.11 -16.90
N ALA A 72 3.71 4.53 -17.66
CA ALA A 72 3.47 5.92 -17.97
C ALA A 72 2.41 6.52 -17.05
N ASN A 73 1.86 5.68 -16.17
CA ASN A 73 0.80 6.09 -15.29
C ASN A 73 1.35 6.47 -13.93
N ARG A 74 0.67 7.38 -13.25
CA ARG A 74 1.02 7.73 -11.89
C ARG A 74 0.15 6.92 -10.93
N TYR A 75 0.76 5.98 -10.24
CA TYR A 75 0.07 5.24 -9.20
C TYR A 75 0.75 5.50 -7.89
N ALA A 76 0.03 6.08 -6.96
CA ALA A 76 0.57 6.41 -5.66
C ALA A 76 -0.26 5.78 -4.58
N ALA A 77 0.26 5.81 -3.37
CA ALA A 77 -0.42 5.19 -2.26
C ALA A 77 -0.13 5.94 -0.99
N ARG A 78 -0.94 5.68 0.02
CA ARG A 78 -0.72 6.21 1.35
C ARG A 78 -1.39 5.27 2.35
N LEU A 79 -0.60 4.67 3.22
CA LEU A 79 -1.18 3.77 4.20
C LEU A 79 -1.02 4.35 5.59
N ASP A 80 -2.16 4.61 6.21
CA ASP A 80 -2.21 5.09 7.57
C ASP A 80 -2.37 3.90 8.51
N VAL A 81 -1.42 3.68 9.38
CA VAL A 81 -1.54 2.61 10.34
C VAL A 81 -1.90 3.17 11.70
N SER A 82 -3.13 2.97 12.10
CA SER A 82 -3.58 3.44 13.39
C SER A 82 -4.13 2.26 14.20
N PHE A 83 -3.34 1.82 15.16
CA PHE A 83 -3.71 0.69 15.98
C PHE A 83 -3.29 0.92 17.42
N GLY A 84 -4.23 1.39 18.23
CA GLY A 84 -3.95 1.60 19.64
C GLY A 84 -2.95 2.70 19.86
N SER A 85 -1.71 2.30 20.15
CA SER A 85 -0.66 3.25 20.46
C SER A 85 0.11 3.68 19.21
N VAL A 86 -0.08 2.97 18.11
CA VAL A 86 0.61 3.30 16.88
C VAL A 86 -0.29 4.06 15.92
N THR A 87 0.25 5.11 15.31
CA THR A 87 -0.43 5.78 14.22
C THR A 87 0.61 6.44 13.30
N ILE A 88 0.63 5.99 12.05
CA ILE A 88 1.66 6.39 11.09
C ILE A 88 1.07 6.38 9.69
N GLN A 89 1.77 6.96 8.73
CA GLN A 89 1.38 6.81 7.33
C GLN A 89 2.58 6.94 6.41
N CYS A 90 2.49 6.31 5.24
CA CYS A 90 3.52 6.39 4.22
C CYS A 90 2.87 6.61 2.87
N ASN A 91 3.65 7.02 1.88
CA ASN A 91 3.08 7.33 0.57
C ASN A 91 3.95 6.78 -0.55
N LEU A 92 3.30 6.17 -1.55
CA LEU A 92 4.00 5.56 -2.68
C LEU A 92 4.45 6.61 -3.68
N ASP A 93 5.67 6.46 -4.16
CA ASP A 93 6.17 7.24 -5.27
C ASP A 93 5.77 6.56 -6.57
N PRO A 94 4.85 7.14 -7.35
CA PRO A 94 4.38 6.54 -8.60
C PRO A 94 5.52 6.33 -9.59
N GLU A 95 6.62 7.01 -9.33
CA GLU A 95 7.82 6.88 -10.11
C GLU A 95 8.57 5.60 -9.78
N THR A 96 7.97 4.75 -8.94
CA THR A 96 8.55 3.45 -8.65
C THR A 96 7.73 2.31 -9.26
N VAL A 97 6.53 2.66 -9.71
CA VAL A 97 5.59 1.69 -10.33
C VAL A 97 6.25 0.83 -11.40
N LYS A 98 7.29 1.33 -12.04
CA LYS A 98 7.86 0.66 -13.18
C LYS A 98 8.66 -0.56 -12.74
N LEU A 99 7.94 -1.65 -12.52
CA LEU A 99 8.53 -2.94 -12.26
C LEU A 99 9.31 -2.95 -10.95
N GLU A 100 8.63 -2.59 -9.87
CA GLU A 100 9.24 -2.62 -8.55
C GLU A 100 9.28 -4.06 -8.04
N HIS A 101 8.12 -4.59 -7.69
CA HIS A 101 8.02 -5.97 -7.25
C HIS A 101 6.57 -6.43 -7.38
N MET A 1 4.34 -1.88 18.23
CA MET A 1 4.44 -0.77 17.24
C MET A 1 4.43 -1.33 15.81
N VAL A 2 3.58 -0.77 14.98
CA VAL A 2 3.51 -1.15 13.58
C VAL A 2 4.28 -0.14 12.72
N GLN A 3 4.79 -0.60 11.59
CA GLN A 3 5.53 0.20 10.66
C GLN A 3 4.78 0.18 9.34
N CYS A 4 5.12 1.05 8.41
CA CYS A 4 4.41 1.06 7.14
C CYS A 4 5.27 1.55 6.00
N GLU A 5 5.05 0.94 4.85
CA GLU A 5 5.72 1.25 3.62
C GLU A 5 4.70 1.12 2.49
N VAL A 6 5.10 1.45 1.28
CA VAL A 6 4.18 1.45 0.15
C VAL A 6 4.83 0.85 -1.08
N GLU A 7 4.18 -0.15 -1.63
CA GLU A 7 4.73 -0.86 -2.78
C GLU A 7 3.74 -0.92 -3.93
N ALA A 8 4.28 -1.14 -5.10
CA ALA A 8 3.49 -1.42 -6.28
C ALA A 8 4.05 -2.68 -6.93
N ALA A 9 3.22 -3.68 -7.13
CA ALA A 9 3.69 -4.96 -7.65
C ALA A 9 3.25 -5.14 -9.08
N VAL A 10 4.17 -4.97 -10.01
CA VAL A 10 3.85 -5.03 -11.41
C VAL A 10 3.96 -6.46 -11.95
N SER A 11 2.91 -6.90 -12.60
CA SER A 11 2.92 -8.15 -13.31
C SER A 11 2.53 -7.90 -14.77
N GLY A 12 2.53 -8.94 -15.57
CA GLY A 12 2.17 -8.80 -16.97
C GLY A 12 0.78 -8.19 -17.16
N GLY A 13 0.75 -6.96 -17.65
CA GLY A 13 -0.51 -6.33 -18.00
C GLY A 13 -1.20 -5.65 -16.83
N HIS A 14 -0.82 -5.97 -15.61
CA HIS A 14 -1.50 -5.43 -14.45
C HIS A 14 -0.53 -5.13 -13.33
N VAL A 15 -0.78 -4.03 -12.64
CA VAL A 15 0.04 -3.64 -11.51
C VAL A 15 -0.79 -3.71 -10.22
N THR A 16 -0.39 -4.58 -9.32
CA THR A 16 -1.09 -4.79 -8.07
C THR A 16 -0.42 -3.97 -6.98
N LEU A 17 -1.14 -3.04 -6.41
CA LEU A 17 -0.54 -2.07 -5.53
C LEU A 17 -1.00 -2.28 -4.10
N GLN A 18 -0.04 -2.39 -3.18
CA GLN A 18 -0.34 -2.62 -1.77
C GLN A 18 0.70 -1.94 -0.89
N GLY A 19 0.32 -1.55 0.31
CA GLY A 19 1.25 -0.94 1.24
C GLY A 19 1.80 -1.94 2.24
N VAL A 20 3.12 -2.01 2.36
CA VAL A 20 3.74 -3.00 3.23
C VAL A 20 3.93 -2.49 4.65
N ILE A 21 3.20 -3.09 5.53
CA ILE A 21 3.27 -2.81 6.95
C ILE A 21 4.20 -3.80 7.62
N THR A 22 5.38 -3.35 8.00
CA THR A 22 6.19 -4.17 8.86
C THR A 22 5.68 -3.97 10.25
N ALA A 23 5.53 -5.03 10.99
CA ALA A 23 5.05 -4.87 12.32
C ALA A 23 6.04 -5.48 13.27
N VAL A 24 6.55 -4.68 14.18
CA VAL A 24 7.60 -5.15 15.07
C VAL A 24 7.07 -6.15 16.10
N ARG A 25 5.76 -6.32 16.16
CA ARG A 25 5.20 -7.27 17.09
C ARG A 25 4.17 -8.15 16.41
N ASP A 26 4.18 -9.44 16.77
CA ASP A 26 3.28 -10.41 16.18
C ASP A 26 1.91 -10.32 16.82
N GLY A 27 0.89 -10.49 16.02
CA GLY A 27 -0.47 -10.41 16.50
C GLY A 27 -1.36 -9.80 15.45
N ALA A 28 -2.17 -8.86 15.84
CA ALA A 28 -3.06 -8.20 14.92
C ALA A 28 -3.18 -6.71 15.25
N GLY A 29 -3.35 -5.91 14.23
CA GLY A 29 -3.50 -4.49 14.41
C GLY A 29 -4.41 -3.93 13.36
N SER A 30 -4.62 -2.63 13.36
CA SER A 30 -5.54 -2.03 12.42
C SER A 30 -4.86 -0.90 11.66
N TYR A 31 -5.14 -0.85 10.37
CA TYR A 31 -4.49 0.08 9.48
C TYR A 31 -5.35 0.34 8.24
N LYS A 32 -5.08 1.45 7.57
CA LYS A 32 -5.90 1.92 6.46
C LYS A 32 -5.06 2.25 5.24
N LEU A 33 -5.20 1.46 4.19
CA LEU A 33 -4.44 1.69 2.97
C LEU A 33 -5.34 2.30 1.90
N ALA A 34 -4.96 3.46 1.42
CA ALA A 34 -5.64 4.11 0.32
C ALA A 34 -4.71 4.26 -0.87
N VAL A 35 -5.23 4.08 -2.07
CA VAL A 35 -4.43 4.16 -3.29
C VAL A 35 -4.97 5.25 -4.20
N ASP A 36 -4.08 6.08 -4.68
CA ASP A 36 -4.44 7.18 -5.54
C ASP A 36 -3.93 6.92 -6.94
N LYS A 37 -4.86 6.77 -7.87
CA LYS A 37 -4.52 6.41 -9.23
C LYS A 37 -4.91 7.52 -10.20
N ALA A 38 -3.99 7.84 -11.10
CA ALA A 38 -4.19 8.91 -12.06
C ALA A 38 -3.55 8.54 -13.39
N GLY A 39 -4.24 8.86 -14.48
CA GLY A 39 -3.71 8.56 -15.78
C GLY A 39 -4.31 9.47 -16.85
N ALA A 40 -4.10 9.11 -18.11
CA ALA A 40 -4.63 9.87 -19.22
C ALA A 40 -6.15 9.72 -19.29
N ALA A 41 -6.66 8.71 -18.61
CA ALA A 41 -8.10 8.46 -18.57
C ALA A 41 -8.75 9.10 -17.35
N GLY A 42 -8.02 9.98 -16.67
CA GLY A 42 -8.57 10.69 -15.53
C GLY A 42 -7.98 10.24 -14.22
N THR A 43 -8.55 10.72 -13.13
CA THR A 43 -8.08 10.38 -11.80
C THR A 43 -9.10 9.49 -11.07
N SER A 44 -8.62 8.69 -10.15
CA SER A 44 -9.47 7.79 -9.39
C SER A 44 -9.01 7.73 -7.93
N ARG A 45 -9.93 7.36 -7.04
CA ARG A 45 -9.61 7.27 -5.62
C ARG A 45 -10.00 5.90 -5.07
N ILE A 46 -9.01 5.12 -4.70
CA ILE A 46 -9.23 3.82 -4.10
C ILE A 46 -8.87 3.87 -2.62
N LYS A 47 -9.73 3.38 -1.75
CA LYS A 47 -9.47 3.48 -0.33
C LYS A 47 -10.02 2.27 0.44
N GLN A 48 -9.15 1.66 1.24
CA GLN A 48 -9.53 0.54 2.09
C GLN A 48 -9.10 0.82 3.53
N ALA A 49 -9.72 0.13 4.47
CA ALA A 49 -9.39 0.31 5.89
C ALA A 49 -9.98 -0.80 6.74
N GLY A 50 -9.20 -1.27 7.70
CA GLY A 50 -9.67 -2.31 8.58
C GLY A 50 -8.57 -2.79 9.50
N ALA A 51 -8.53 -4.09 9.71
CA ALA A 51 -7.53 -4.69 10.56
C ALA A 51 -7.07 -6.02 9.99
N PHE A 52 -5.84 -6.39 10.26
CA PHE A 52 -5.26 -7.61 9.75
C PHE A 52 -4.17 -8.11 10.70
N THR A 53 -3.70 -9.32 10.48
CA THR A 53 -2.74 -9.94 11.36
C THR A 53 -1.32 -9.67 10.90
N ALA A 54 -0.48 -9.21 11.81
CA ALA A 54 0.86 -8.81 11.48
C ALA A 54 1.88 -9.49 12.38
N ILE A 55 2.94 -10.01 11.78
CA ILE A 55 3.99 -10.70 12.52
C ILE A 55 5.14 -9.75 12.83
N ALA A 56 5.75 -9.96 13.99
CA ALA A 56 6.86 -9.12 14.44
C ALA A 56 8.04 -9.20 13.48
N GLU A 57 8.48 -8.03 13.03
CA GLU A 57 9.59 -7.90 12.10
C GLU A 57 9.25 -8.56 10.78
N GLN A 58 7.95 -8.65 10.52
CA GLN A 58 7.44 -9.23 9.31
C GLN A 58 6.72 -8.18 8.50
N ARG A 59 6.95 -8.23 7.21
CA ARG A 59 6.30 -7.34 6.27
C ARG A 59 4.90 -7.82 5.96
N VAL A 60 3.93 -6.99 6.26
CA VAL A 60 2.53 -7.30 6.03
C VAL A 60 1.98 -6.38 4.96
N THR A 61 1.70 -6.91 3.80
CA THR A 61 1.27 -6.07 2.71
C THR A 61 -0.23 -5.90 2.74
N VAL A 62 -0.64 -4.65 2.77
CA VAL A 62 -2.00 -4.31 3.05
C VAL A 62 -2.63 -3.50 1.92
N GLY A 63 -3.89 -3.80 1.63
CA GLY A 63 -4.62 -3.09 0.60
C GLY A 63 -4.33 -3.63 -0.78
N ASN A 64 -4.94 -4.76 -1.10
CA ASN A 64 -4.74 -5.38 -2.40
C ASN A 64 -5.64 -4.73 -3.44
N VAL A 65 -5.03 -3.93 -4.30
CA VAL A 65 -5.74 -3.33 -5.42
C VAL A 65 -4.95 -3.60 -6.71
N VAL A 66 -5.66 -3.88 -7.79
CA VAL A 66 -4.98 -4.18 -9.04
C VAL A 66 -5.36 -3.18 -10.12
N LEU A 67 -4.36 -2.48 -10.60
CA LEU A 67 -4.53 -1.47 -11.64
C LEU A 67 -4.02 -2.05 -12.95
N ASP A 68 -4.47 -1.50 -14.07
CA ASP A 68 -3.89 -1.88 -15.35
C ASP A 68 -2.52 -1.23 -15.45
N TYR A 69 -1.52 -2.03 -15.77
CA TYR A 69 -0.14 -1.59 -15.70
C TYR A 69 0.22 -0.60 -16.79
N SER A 70 0.73 0.55 -16.38
CA SER A 70 1.36 1.48 -17.29
C SER A 70 2.54 2.13 -16.59
N SER A 71 3.73 1.93 -17.16
CA SER A 71 4.95 2.43 -16.55
C SER A 71 4.94 3.95 -16.46
N ALA A 72 4.19 4.58 -17.34
CA ALA A 72 4.08 6.03 -17.37
C ALA A 72 2.89 6.52 -16.56
N ASN A 73 2.12 5.61 -15.99
CA ASN A 73 0.91 6.01 -15.27
C ASN A 73 1.22 6.42 -13.86
N ARG A 74 0.36 7.25 -13.29
CA ARG A 74 0.55 7.77 -11.94
C ARG A 74 -0.23 6.90 -10.96
N TYR A 75 0.48 6.13 -10.17
CA TYR A 75 -0.13 5.34 -9.13
C TYR A 75 0.57 5.64 -7.82
N ALA A 76 -0.19 6.09 -6.85
CA ALA A 76 0.33 6.39 -5.55
C ALA A 76 -0.48 5.70 -4.49
N ALA A 77 0.03 5.70 -3.29
CA ALA A 77 -0.62 5.03 -2.19
C ALA A 77 -0.36 5.78 -0.91
N ARG A 78 -1.16 5.49 0.08
CA ARG A 78 -0.97 6.04 1.40
C ARG A 78 -1.54 5.09 2.44
N LEU A 79 -0.71 4.68 3.37
CA LEU A 79 -1.19 3.78 4.40
C LEU A 79 -1.03 4.43 5.75
N ASP A 80 -2.15 4.55 6.44
CA ASP A 80 -2.17 5.04 7.79
C ASP A 80 -2.32 3.88 8.75
N VAL A 81 -1.36 3.69 9.62
CA VAL A 81 -1.48 2.64 10.61
C VAL A 81 -1.76 3.26 11.96
N SER A 82 -2.99 3.13 12.40
CA SER A 82 -3.43 3.70 13.65
C SER A 82 -4.08 2.63 14.51
N PHE A 83 -3.34 2.16 15.50
CA PHE A 83 -3.79 1.06 16.34
C PHE A 83 -3.23 1.21 17.75
N GLY A 84 -4.03 1.79 18.63
CA GLY A 84 -3.63 1.94 20.01
C GLY A 84 -2.47 2.89 20.18
N SER A 85 -1.28 2.35 20.43
CA SER A 85 -0.11 3.16 20.69
C SER A 85 0.62 3.54 19.40
N VAL A 86 0.27 2.89 18.30
CA VAL A 86 0.92 3.18 17.02
C VAL A 86 0.01 4.03 16.13
N THR A 87 0.60 5.04 15.51
CA THR A 87 -0.08 5.80 14.47
C THR A 87 0.95 6.40 13.51
N ILE A 88 0.89 5.99 12.25
CA ILE A 88 1.89 6.33 11.25
C ILE A 88 1.26 6.40 9.88
N GLN A 89 1.97 6.94 8.92
CA GLN A 89 1.49 6.97 7.56
C GLN A 89 2.65 6.97 6.56
N CYS A 90 2.38 6.50 5.35
CA CYS A 90 3.36 6.45 4.27
C CYS A 90 2.67 6.66 2.93
N ASN A 91 3.44 6.99 1.90
CA ASN A 91 2.86 7.30 0.59
C ASN A 91 3.74 6.78 -0.54
N LEU A 92 3.10 6.14 -1.53
CA LEU A 92 3.81 5.54 -2.66
C LEU A 92 4.29 6.60 -3.64
N ASP A 93 5.51 6.43 -4.12
CA ASP A 93 6.06 7.25 -5.20
C ASP A 93 5.67 6.64 -6.54
N PRO A 94 4.79 7.29 -7.32
CA PRO A 94 4.30 6.74 -8.59
C PRO A 94 5.42 6.44 -9.61
N GLU A 95 6.59 7.00 -9.39
CA GLU A 95 7.71 6.76 -10.28
C GLU A 95 8.40 5.44 -9.94
N THR A 96 7.90 4.76 -8.93
CA THR A 96 8.46 3.47 -8.55
C THR A 96 7.66 2.33 -9.14
N VAL A 97 6.48 2.66 -9.67
CA VAL A 97 5.67 1.72 -10.47
C VAL A 97 6.50 1.10 -11.61
N LYS A 98 7.68 1.66 -11.85
CA LYS A 98 8.55 1.21 -12.92
C LYS A 98 9.21 -0.12 -12.58
N LEU A 99 8.41 -1.07 -12.12
CA LEU A 99 8.84 -2.46 -11.97
C LEU A 99 9.94 -2.60 -10.93
N GLU A 100 9.86 -1.78 -9.88
CA GLU A 100 10.81 -1.87 -8.77
C GLU A 100 10.37 -2.95 -7.81
N HIS A 101 11.16 -4.02 -7.72
CA HIS A 101 10.82 -5.15 -6.89
C HIS A 101 12.09 -5.80 -6.36
N MET A 1 2.86 -1.51 18.20
CA MET A 1 3.83 -0.75 17.40
C MET A 1 3.96 -1.34 15.99
N VAL A 2 3.59 -0.55 14.99
CA VAL A 2 3.58 -1.00 13.61
C VAL A 2 4.36 0.00 12.73
N GLN A 3 4.83 -0.47 11.58
CA GLN A 3 5.58 0.32 10.61
C GLN A 3 4.84 0.26 9.29
N CYS A 4 5.19 1.11 8.33
CA CYS A 4 4.49 1.09 7.07
C CYS A 4 5.37 1.59 5.91
N GLU A 5 5.15 0.96 4.78
CA GLU A 5 5.80 1.29 3.52
C GLU A 5 4.76 1.16 2.42
N VAL A 6 5.13 1.48 1.19
CA VAL A 6 4.22 1.42 0.08
C VAL A 6 4.90 0.80 -1.13
N GLU A 7 4.18 -0.10 -1.78
CA GLU A 7 4.73 -0.85 -2.90
C GLU A 7 3.74 -0.96 -4.04
N ALA A 8 4.28 -1.20 -5.23
CA ALA A 8 3.47 -1.47 -6.39
C ALA A 8 4.01 -2.72 -7.09
N ALA A 9 3.16 -3.71 -7.30
CA ALA A 9 3.58 -4.99 -7.85
C ALA A 9 3.10 -5.14 -9.29
N VAL A 10 4.01 -5.03 -10.23
CA VAL A 10 3.64 -5.07 -11.63
C VAL A 10 3.64 -6.49 -12.18
N SER A 11 2.56 -6.84 -12.84
CA SER A 11 2.46 -8.08 -13.57
C SER A 11 2.11 -7.75 -15.03
N GLY A 12 2.04 -8.77 -15.87
CA GLY A 12 1.75 -8.57 -17.27
C GLY A 12 0.38 -7.95 -17.51
N GLY A 13 0.35 -6.63 -17.68
CA GLY A 13 -0.88 -5.94 -18.00
C GLY A 13 -1.58 -5.34 -16.80
N HIS A 14 -1.19 -5.75 -15.60
CA HIS A 14 -1.85 -5.28 -14.38
C HIS A 14 -0.83 -4.96 -13.31
N VAL A 15 -1.07 -3.91 -12.56
CA VAL A 15 -0.21 -3.55 -11.47
C VAL A 15 -0.99 -3.64 -10.16
N THR A 16 -0.55 -4.52 -9.28
CA THR A 16 -1.20 -4.72 -7.99
C THR A 16 -0.51 -3.89 -6.94
N LEU A 17 -1.22 -2.96 -6.35
CA LEU A 17 -0.60 -2.01 -5.47
C LEU A 17 -1.06 -2.21 -4.03
N GLN A 18 -0.11 -2.21 -3.10
CA GLN A 18 -0.40 -2.40 -1.69
C GLN A 18 0.63 -1.63 -0.84
N GLY A 19 0.42 -1.58 0.46
CA GLY A 19 1.39 -0.97 1.34
C GLY A 19 1.96 -1.95 2.34
N VAL A 20 3.28 -2.03 2.41
CA VAL A 20 3.93 -3.01 3.29
C VAL A 20 4.09 -2.48 4.71
N ILE A 21 3.38 -3.12 5.59
CA ILE A 21 3.42 -2.83 7.00
C ILE A 21 4.37 -3.78 7.71
N THR A 22 5.52 -3.30 8.09
CA THR A 22 6.34 -4.07 8.99
C THR A 22 5.77 -3.88 10.38
N ALA A 23 5.58 -4.94 11.10
CA ALA A 23 5.05 -4.80 12.41
C ALA A 23 6.01 -5.41 13.39
N VAL A 24 6.48 -4.61 14.33
CA VAL A 24 7.50 -5.08 15.26
C VAL A 24 6.91 -6.05 16.29
N ARG A 25 5.61 -6.24 16.27
CA ARG A 25 4.99 -7.17 17.20
C ARG A 25 3.99 -8.08 16.51
N ASP A 26 4.04 -9.36 16.85
CA ASP A 26 3.19 -10.36 16.24
C ASP A 26 1.80 -10.35 16.88
N GLY A 27 0.80 -10.48 16.04
CA GLY A 27 -0.57 -10.48 16.49
C GLY A 27 -1.48 -9.97 15.40
N ALA A 28 -2.41 -9.11 15.75
CA ALA A 28 -3.29 -8.49 14.76
C ALA A 28 -3.45 -7.01 15.06
N GLY A 29 -3.36 -6.19 14.03
CA GLY A 29 -3.44 -4.76 14.20
C GLY A 29 -4.34 -4.14 13.16
N SER A 30 -4.53 -2.85 13.24
CA SER A 30 -5.46 -2.17 12.35
C SER A 30 -4.77 -1.04 11.61
N TYR A 31 -5.07 -0.94 10.33
CA TYR A 31 -4.43 0.03 9.45
C TYR A 31 -5.31 0.31 8.22
N LYS A 32 -4.97 1.37 7.49
CA LYS A 32 -5.77 1.82 6.35
C LYS A 32 -4.89 2.15 5.15
N LEU A 33 -4.99 1.37 4.10
CA LEU A 33 -4.21 1.62 2.89
C LEU A 33 -5.09 2.27 1.85
N ALA A 34 -4.70 3.46 1.44
CA ALA A 34 -5.39 4.18 0.38
C ALA A 34 -4.51 4.22 -0.86
N VAL A 35 -5.12 4.13 -2.03
CA VAL A 35 -4.37 4.21 -3.28
C VAL A 35 -4.88 5.38 -4.11
N ASP A 36 -3.96 6.12 -4.68
CA ASP A 36 -4.27 7.27 -5.51
C ASP A 36 -3.79 7.02 -6.92
N LYS A 37 -4.73 6.91 -7.84
CA LYS A 37 -4.42 6.62 -9.22
C LYS A 37 -4.77 7.81 -10.09
N ALA A 38 -3.85 8.19 -10.96
CA ALA A 38 -4.07 9.31 -11.86
C ALA A 38 -3.56 8.97 -13.25
N GLY A 39 -4.48 8.69 -14.15
CA GLY A 39 -4.12 8.29 -15.49
C GLY A 39 -4.96 9.01 -16.52
N ALA A 40 -5.00 8.47 -17.73
CA ALA A 40 -5.81 9.05 -18.80
C ALA A 40 -7.30 8.95 -18.44
N ALA A 41 -7.62 8.06 -17.52
CA ALA A 41 -8.99 7.89 -17.04
C ALA A 41 -9.28 8.82 -15.86
N GLY A 42 -8.35 9.73 -15.59
CA GLY A 42 -8.53 10.69 -14.52
C GLY A 42 -7.95 10.20 -13.21
N THR A 43 -8.29 10.88 -12.13
CA THR A 43 -7.83 10.49 -10.82
C THR A 43 -8.88 9.66 -10.10
N SER A 44 -8.46 8.56 -9.49
CA SER A 44 -9.37 7.68 -8.80
C SER A 44 -8.91 7.46 -7.37
N ARG A 45 -9.86 7.50 -6.45
CA ARG A 45 -9.56 7.37 -5.03
C ARG A 45 -9.96 6.01 -4.49
N ILE A 46 -8.97 5.22 -4.13
CA ILE A 46 -9.19 3.89 -3.58
C ILE A 46 -8.79 3.84 -2.12
N LYS A 47 -9.61 3.24 -1.27
CA LYS A 47 -9.29 3.12 0.15
C LYS A 47 -9.73 1.77 0.73
N GLN A 48 -8.79 1.06 1.34
CA GLN A 48 -9.11 -0.16 2.06
C GLN A 48 -8.61 -0.05 3.49
N ALA A 49 -9.54 -0.09 4.44
CA ALA A 49 -9.20 0.07 5.84
C ALA A 49 -9.79 -1.06 6.66
N GLY A 50 -9.14 -1.35 7.77
CA GLY A 50 -9.61 -2.40 8.66
C GLY A 50 -8.50 -2.93 9.53
N ALA A 51 -8.51 -4.22 9.78
CA ALA A 51 -7.51 -4.84 10.61
C ALA A 51 -7.06 -6.15 9.97
N PHE A 52 -5.82 -6.50 10.19
CA PHE A 52 -5.26 -7.72 9.64
C PHE A 52 -4.19 -8.26 10.58
N THR A 53 -3.70 -9.44 10.30
CA THR A 53 -2.76 -10.12 11.18
C THR A 53 -1.33 -9.74 10.83
N ALA A 54 -0.60 -9.23 11.80
CA ALA A 54 0.74 -8.76 11.56
C ALA A 54 1.75 -9.52 12.41
N ILE A 55 2.93 -9.75 11.86
CA ILE A 55 3.97 -10.50 12.54
C ILE A 55 5.14 -9.61 12.87
N ALA A 56 5.69 -9.82 14.06
CA ALA A 56 6.81 -9.01 14.56
C ALA A 56 8.03 -9.11 13.67
N GLU A 57 8.49 -7.96 13.20
CA GLU A 57 9.66 -7.84 12.37
C GLU A 57 9.44 -8.54 11.04
N GLN A 58 8.16 -8.63 10.69
CA GLN A 58 7.73 -9.17 9.43
C GLN A 58 7.00 -8.12 8.65
N ARG A 59 7.09 -8.22 7.35
CA ARG A 59 6.40 -7.30 6.47
C ARG A 59 5.01 -7.83 6.13
N VAL A 60 4.03 -6.99 6.35
CA VAL A 60 2.65 -7.33 6.07
C VAL A 60 2.10 -6.37 5.04
N THR A 61 1.87 -6.84 3.83
CA THR A 61 1.41 -5.94 2.80
C THR A 61 -0.10 -5.82 2.82
N VAL A 62 -0.56 -4.58 2.84
CA VAL A 62 -1.94 -4.28 3.11
C VAL A 62 -2.60 -3.47 2.00
N GLY A 63 -3.87 -3.77 1.73
CA GLY A 63 -4.63 -3.01 0.76
C GLY A 63 -4.39 -3.47 -0.65
N ASN A 64 -4.98 -4.59 -1.02
CA ASN A 64 -4.79 -5.16 -2.36
C ASN A 64 -5.69 -4.45 -3.37
N VAL A 65 -5.06 -3.64 -4.18
CA VAL A 65 -5.76 -2.95 -5.25
C VAL A 65 -5.04 -3.19 -6.57
N VAL A 66 -5.73 -3.78 -7.52
CA VAL A 66 -5.12 -4.10 -8.80
C VAL A 66 -5.55 -3.11 -9.86
N LEU A 67 -4.58 -2.42 -10.41
CA LEU A 67 -4.80 -1.44 -11.45
C LEU A 67 -4.37 -2.02 -12.78
N ASP A 68 -4.82 -1.41 -13.87
CA ASP A 68 -4.27 -1.74 -15.18
C ASP A 68 -2.89 -1.12 -15.28
N TYR A 69 -1.91 -1.91 -15.65
CA TYR A 69 -0.52 -1.47 -15.59
C TYR A 69 -0.17 -0.53 -16.74
N SER A 70 0.40 0.61 -16.38
CA SER A 70 0.98 1.51 -17.37
C SER A 70 2.23 2.14 -16.79
N SER A 71 3.34 1.98 -17.49
CA SER A 71 4.64 2.44 -17.01
C SER A 71 4.67 3.95 -16.87
N ALA A 72 3.81 4.64 -17.60
CA ALA A 72 3.75 6.09 -17.58
C ALA A 72 2.63 6.59 -16.69
N ASN A 73 1.89 5.66 -16.09
CA ASN A 73 0.74 6.03 -15.28
C ASN A 73 1.17 6.50 -13.90
N ARG A 74 0.36 7.33 -13.28
CA ARG A 74 0.62 7.81 -11.94
C ARG A 74 -0.17 6.98 -10.95
N TYR A 75 0.54 6.15 -10.20
CA TYR A 75 -0.06 5.36 -9.15
C TYR A 75 0.65 5.63 -7.84
N ALA A 76 -0.09 6.10 -6.88
CA ALA A 76 0.45 6.40 -5.57
C ALA A 76 -0.39 5.73 -4.52
N ALA A 77 0.10 5.72 -3.30
CA ALA A 77 -0.56 5.04 -2.22
C ALA A 77 -0.31 5.78 -0.94
N ARG A 78 -1.10 5.49 0.07
CA ARG A 78 -0.93 6.11 1.36
C ARG A 78 -1.53 5.21 2.42
N LEU A 79 -0.70 4.69 3.30
CA LEU A 79 -1.20 3.80 4.33
C LEU A 79 -1.05 4.45 5.68
N ASP A 80 -2.16 4.56 6.37
CA ASP A 80 -2.19 5.06 7.73
C ASP A 80 -2.35 3.89 8.69
N VAL A 81 -1.37 3.66 9.53
CA VAL A 81 -1.48 2.58 10.49
C VAL A 81 -1.82 3.16 11.84
N SER A 82 -3.05 2.99 12.25
CA SER A 82 -3.53 3.50 13.51
C SER A 82 -4.11 2.36 14.33
N PHE A 83 -3.38 1.95 15.35
CA PHE A 83 -3.78 0.81 16.17
C PHE A 83 -3.32 1.00 17.61
N GLY A 84 -4.24 1.41 18.47
CA GLY A 84 -3.93 1.60 19.86
C GLY A 84 -2.93 2.72 20.07
N SER A 85 -1.69 2.35 20.32
CA SER A 85 -0.64 3.33 20.59
C SER A 85 0.13 3.69 19.32
N VAL A 86 -0.04 2.92 18.26
CA VAL A 86 0.65 3.22 17.01
C VAL A 86 -0.22 4.04 16.06
N THR A 87 0.38 5.03 15.43
CA THR A 87 -0.26 5.77 14.36
C THR A 87 0.80 6.37 13.44
N ILE A 88 0.78 5.94 12.19
CA ILE A 88 1.80 6.33 11.21
C ILE A 88 1.19 6.35 9.82
N GLN A 89 1.87 6.94 8.86
CA GLN A 89 1.41 6.89 7.48
C GLN A 89 2.58 7.00 6.50
N CYS A 90 2.38 6.42 5.31
CA CYS A 90 3.37 6.44 4.24
C CYS A 90 2.68 6.73 2.91
N ASN A 91 3.45 7.00 1.86
CA ASN A 91 2.88 7.36 0.57
C ASN A 91 3.76 6.88 -0.58
N LEU A 92 3.14 6.25 -1.57
CA LEU A 92 3.86 5.64 -2.69
C LEU A 92 4.36 6.69 -3.69
N ASP A 93 5.61 6.50 -4.12
CA ASP A 93 6.16 7.27 -5.21
C ASP A 93 5.81 6.60 -6.54
N PRO A 94 4.92 7.21 -7.35
CA PRO A 94 4.44 6.61 -8.60
C PRO A 94 5.58 6.24 -9.56
N GLU A 95 6.71 6.90 -9.41
CA GLU A 95 7.84 6.65 -10.26
C GLU A 95 8.53 5.33 -9.91
N THR A 96 7.98 4.61 -8.94
CA THR A 96 8.51 3.32 -8.57
C THR A 96 7.74 2.19 -9.25
N VAL A 97 6.52 2.50 -9.73
CA VAL A 97 5.69 1.56 -10.50
C VAL A 97 6.45 0.94 -11.68
N LYS A 98 7.61 1.49 -12.03
CA LYS A 98 8.36 1.04 -13.19
C LYS A 98 8.97 -0.33 -12.96
N LEU A 99 8.13 -1.37 -13.06
CA LEU A 99 8.58 -2.75 -13.08
C LEU A 99 9.29 -3.14 -11.79
N GLU A 100 8.74 -2.70 -10.66
CA GLU A 100 9.30 -3.04 -9.36
C GLU A 100 8.90 -4.47 -8.99
N HIS A 101 9.89 -5.34 -8.91
CA HIS A 101 9.65 -6.72 -8.53
C HIS A 101 10.40 -7.05 -7.25
N MET A 1 4.19 -1.95 18.18
CA MET A 1 4.50 -0.80 17.29
C MET A 1 4.51 -1.24 15.84
N VAL A 2 3.63 -0.67 15.03
CA VAL A 2 3.55 -1.01 13.62
C VAL A 2 4.33 0.01 12.79
N GLN A 3 4.89 -0.45 11.68
CA GLN A 3 5.61 0.37 10.73
C GLN A 3 4.90 0.28 9.40
N CYS A 4 5.22 1.14 8.45
CA CYS A 4 4.52 1.10 7.18
C CYS A 4 5.40 1.56 6.03
N GLU A 5 5.07 1.04 4.87
CA GLU A 5 5.78 1.29 3.62
C GLU A 5 4.75 1.31 2.51
N VAL A 6 5.18 1.62 1.30
CA VAL A 6 4.27 1.71 0.17
C VAL A 6 4.84 1.10 -1.09
N GLU A 7 4.17 0.05 -1.55
CA GLU A 7 4.64 -0.79 -2.64
C GLU A 7 3.70 -0.74 -3.83
N ALA A 8 4.25 -1.14 -4.94
CA ALA A 8 3.48 -1.38 -6.12
C ALA A 8 4.02 -2.64 -6.80
N ALA A 9 3.17 -3.62 -7.02
CA ALA A 9 3.62 -4.90 -7.56
C ALA A 9 3.05 -5.14 -8.95
N VAL A 10 3.89 -4.97 -9.96
CA VAL A 10 3.44 -5.12 -11.32
C VAL A 10 3.31 -6.59 -11.71
N SER A 11 2.19 -6.91 -12.32
CA SER A 11 1.97 -8.23 -12.87
C SER A 11 1.65 -8.11 -14.35
N GLY A 12 1.45 -9.22 -15.03
CA GLY A 12 1.20 -9.21 -16.47
C GLY A 12 -0.04 -8.41 -16.85
N GLY A 13 0.17 -7.17 -17.28
CA GLY A 13 -0.93 -6.35 -17.75
C GLY A 13 -1.63 -5.59 -16.64
N HIS A 14 -1.39 -5.99 -15.40
CA HIS A 14 -2.10 -5.38 -14.27
C HIS A 14 -1.14 -5.19 -13.10
N VAL A 15 -1.23 -4.04 -12.47
CA VAL A 15 -0.34 -3.70 -11.37
C VAL A 15 -1.10 -3.77 -10.04
N THR A 16 -0.60 -4.61 -9.15
CA THR A 16 -1.22 -4.81 -7.85
C THR A 16 -0.52 -3.94 -6.81
N LEU A 17 -1.24 -3.02 -6.20
CA LEU A 17 -0.61 -2.04 -5.35
C LEU A 17 -1.05 -2.20 -3.90
N GLN A 18 -0.09 -2.04 -2.97
CA GLN A 18 -0.34 -2.21 -1.55
C GLN A 18 0.64 -1.38 -0.73
N GLY A 19 0.44 -1.35 0.59
CA GLY A 19 1.40 -0.73 1.48
C GLY A 19 1.96 -1.76 2.47
N VAL A 20 3.28 -1.91 2.51
CA VAL A 20 3.92 -2.91 3.35
C VAL A 20 4.13 -2.43 4.78
N ILE A 21 3.46 -3.09 5.68
CA ILE A 21 3.53 -2.79 7.09
C ILE A 21 4.46 -3.75 7.82
N THR A 22 5.59 -3.27 8.27
CA THR A 22 6.39 -4.07 9.16
C THR A 22 5.87 -3.87 10.57
N ALA A 23 5.58 -4.94 11.24
CA ALA A 23 5.02 -4.80 12.56
C ALA A 23 5.89 -5.48 13.57
N VAL A 24 6.38 -4.73 14.53
CA VAL A 24 7.39 -5.23 15.46
C VAL A 24 6.84 -6.33 16.38
N ARG A 25 5.53 -6.52 16.41
CA ARG A 25 4.97 -7.57 17.25
C ARG A 25 3.93 -8.39 16.51
N ASP A 26 3.99 -9.71 16.72
CA ASP A 26 3.10 -10.64 16.02
C ASP A 26 1.70 -10.60 16.61
N GLY A 27 0.73 -10.82 15.75
CA GLY A 27 -0.65 -10.77 16.17
C GLY A 27 -1.49 -10.11 15.11
N ALA A 28 -2.27 -9.12 15.50
CA ALA A 28 -3.09 -8.40 14.56
C ALA A 28 -3.12 -6.92 14.90
N GLY A 29 -3.33 -6.10 13.88
CA GLY A 29 -3.43 -4.69 14.07
C GLY A 29 -4.36 -4.09 13.05
N SER A 30 -4.59 -2.80 13.12
CA SER A 30 -5.50 -2.17 12.19
C SER A 30 -4.83 -1.02 11.48
N TYR A 31 -5.06 -0.94 10.18
CA TYR A 31 -4.40 0.03 9.33
C TYR A 31 -5.24 0.31 8.08
N LYS A 32 -5.04 1.48 7.50
CA LYS A 32 -5.82 1.92 6.35
C LYS A 32 -4.91 2.23 5.15
N LEU A 33 -4.99 1.42 4.11
CA LEU A 33 -4.22 1.67 2.92
C LEU A 33 -5.13 2.23 1.83
N ALA A 34 -4.77 3.41 1.35
CA ALA A 34 -5.48 4.02 0.25
C ALA A 34 -4.53 4.26 -0.92
N VAL A 35 -5.04 4.08 -2.12
CA VAL A 35 -4.24 4.21 -3.32
C VAL A 35 -4.80 5.32 -4.21
N ASP A 36 -3.90 6.16 -4.70
CA ASP A 36 -4.27 7.28 -5.54
C ASP A 36 -3.81 7.03 -6.96
N LYS A 37 -4.76 6.89 -7.86
CA LYS A 37 -4.46 6.59 -9.24
C LYS A 37 -4.82 7.76 -10.15
N ALA A 38 -3.96 8.03 -11.12
CA ALA A 38 -4.18 9.12 -12.05
C ALA A 38 -3.57 8.77 -13.40
N GLY A 39 -4.43 8.45 -14.36
CA GLY A 39 -3.97 8.07 -15.67
C GLY A 39 -4.76 8.74 -16.77
N ALA A 40 -4.68 8.20 -17.98
CA ALA A 40 -5.38 8.77 -19.12
C ALA A 40 -6.89 8.64 -18.96
N ALA A 41 -7.30 7.68 -18.13
CA ALA A 41 -8.71 7.48 -17.84
C ALA A 41 -9.20 8.45 -16.77
N GLY A 42 -8.30 9.28 -16.28
CA GLY A 42 -8.66 10.24 -15.27
C GLY A 42 -8.06 9.89 -13.93
N THR A 43 -8.55 10.55 -12.88
CA THR A 43 -8.08 10.31 -11.54
C THR A 43 -9.04 9.38 -10.79
N SER A 44 -8.49 8.42 -10.08
CA SER A 44 -9.27 7.45 -9.35
C SER A 44 -8.80 7.37 -7.90
N ARG A 45 -9.75 7.30 -6.97
CA ARG A 45 -9.44 7.21 -5.56
C ARG A 45 -9.82 5.84 -5.01
N ILE A 46 -8.81 5.12 -4.52
CA ILE A 46 -9.02 3.78 -3.99
C ILE A 46 -8.65 3.75 -2.51
N LYS A 47 -9.49 3.14 -1.68
CA LYS A 47 -9.16 2.99 -0.27
C LYS A 47 -9.71 1.70 0.31
N GLN A 48 -8.86 0.97 1.01
CA GLN A 48 -9.30 -0.20 1.77
C GLN A 48 -8.75 -0.12 3.18
N ALA A 49 -9.65 -0.02 4.14
CA ALA A 49 -9.27 0.15 5.54
C ALA A 49 -9.84 -0.98 6.39
N GLY A 50 -9.09 -1.39 7.39
CA GLY A 50 -9.54 -2.44 8.28
C GLY A 50 -8.43 -2.97 9.14
N ALA A 51 -8.46 -4.25 9.43
CA ALA A 51 -7.47 -4.87 10.28
C ALA A 51 -7.00 -6.19 9.68
N PHE A 52 -5.76 -6.53 9.96
CA PHE A 52 -5.17 -7.75 9.44
C PHE A 52 -4.15 -8.29 10.45
N THR A 53 -3.59 -9.45 10.17
CA THR A 53 -2.64 -10.07 11.06
C THR A 53 -1.23 -9.70 10.68
N ALA A 54 -0.47 -9.22 11.65
CA ALA A 54 0.87 -8.74 11.39
C ALA A 54 1.88 -9.47 12.28
N ILE A 55 2.90 -10.03 11.65
CA ILE A 55 3.95 -10.74 12.38
C ILE A 55 5.08 -9.79 12.77
N ALA A 56 5.64 -10.04 13.95
CA ALA A 56 6.69 -9.20 14.49
C ALA A 56 7.91 -9.15 13.59
N GLU A 57 8.26 -7.94 13.19
CA GLU A 57 9.43 -7.68 12.38
C GLU A 57 9.33 -8.43 11.06
N GLN A 58 8.09 -8.64 10.66
CA GLN A 58 7.75 -9.18 9.38
C GLN A 58 7.01 -8.15 8.60
N ARG A 59 7.20 -8.19 7.32
CA ARG A 59 6.58 -7.23 6.44
C ARG A 59 5.21 -7.69 5.98
N VAL A 60 4.21 -6.90 6.30
CA VAL A 60 2.84 -7.24 6.02
C VAL A 60 2.26 -6.31 4.98
N THR A 61 2.00 -6.81 3.79
CA THR A 61 1.52 -5.95 2.73
C THR A 61 0.02 -5.78 2.80
N VAL A 62 -0.41 -4.54 2.82
CA VAL A 62 -1.78 -4.23 3.15
C VAL A 62 -2.49 -3.47 2.04
N GLY A 63 -3.78 -3.82 1.85
CA GLY A 63 -4.61 -3.13 0.89
C GLY A 63 -4.32 -3.54 -0.52
N ASN A 64 -4.60 -4.79 -0.85
CA ASN A 64 -4.31 -5.28 -2.19
C ASN A 64 -5.37 -4.84 -3.17
N VAL A 65 -4.98 -3.90 -4.00
CA VAL A 65 -5.83 -3.41 -5.06
C VAL A 65 -5.10 -3.57 -6.39
N VAL A 66 -5.81 -4.00 -7.41
CA VAL A 66 -5.17 -4.22 -8.69
C VAL A 66 -5.63 -3.19 -9.71
N LEU A 67 -4.66 -2.52 -10.28
CA LEU A 67 -4.90 -1.52 -11.31
C LEU A 67 -4.49 -2.11 -12.65
N ASP A 68 -4.92 -1.49 -13.73
CA ASP A 68 -4.39 -1.82 -15.04
C ASP A 68 -2.98 -1.25 -15.14
N TYR A 69 -2.03 -2.08 -15.52
CA TYR A 69 -0.62 -1.69 -15.47
C TYR A 69 -0.26 -0.69 -16.56
N SER A 70 0.25 0.45 -16.15
CA SER A 70 0.79 1.41 -17.05
C SER A 70 2.02 2.06 -16.43
N SER A 71 3.18 1.85 -17.04
CA SER A 71 4.42 2.39 -16.51
C SER A 71 4.43 3.91 -16.54
N ALA A 72 3.71 4.47 -17.50
CA ALA A 72 3.61 5.91 -17.64
C ALA A 72 2.44 6.47 -16.83
N ASN A 73 1.79 5.60 -16.06
CA ASN A 73 0.65 6.00 -15.26
C ASN A 73 1.12 6.62 -13.96
N ARG A 74 0.21 7.24 -13.24
CA ARG A 74 0.50 7.71 -11.91
C ARG A 74 -0.29 6.88 -10.91
N TYR A 75 0.42 6.03 -10.19
CA TYR A 75 -0.16 5.26 -9.12
C TYR A 75 0.60 5.54 -7.85
N ALA A 76 -0.10 6.12 -6.90
CA ALA A 76 0.49 6.42 -5.61
C ALA A 76 -0.32 5.78 -4.52
N ALA A 77 0.22 5.77 -3.32
CA ALA A 77 -0.44 5.12 -2.23
C ALA A 77 -0.21 5.89 -0.95
N ARG A 78 -1.02 5.59 0.03
CA ARG A 78 -0.92 6.20 1.34
C ARG A 78 -1.51 5.26 2.37
N LEU A 79 -0.70 4.87 3.32
CA LEU A 79 -1.18 3.97 4.34
C LEU A 79 -1.08 4.63 5.70
N ASP A 80 -2.20 4.74 6.36
CA ASP A 80 -2.25 5.20 7.73
C ASP A 80 -2.39 4.00 8.65
N VAL A 81 -1.41 3.76 9.48
CA VAL A 81 -1.51 2.68 10.44
C VAL A 81 -1.85 3.26 11.80
N SER A 82 -3.07 3.07 12.22
CA SER A 82 -3.55 3.60 13.48
C SER A 82 -4.15 2.48 14.30
N PHE A 83 -3.42 2.01 15.29
CA PHE A 83 -3.84 0.88 16.10
C PHE A 83 -3.37 1.05 17.54
N GLY A 84 -4.27 1.56 18.37
CA GLY A 84 -3.94 1.79 19.75
C GLY A 84 -2.93 2.90 19.93
N SER A 85 -1.70 2.53 20.28
CA SER A 85 -0.67 3.50 20.52
C SER A 85 0.11 3.84 19.25
N VAL A 86 -0.08 3.06 18.19
CA VAL A 86 0.62 3.32 16.94
C VAL A 86 -0.24 4.12 15.98
N THR A 87 0.33 5.14 15.38
CA THR A 87 -0.31 5.86 14.30
C THR A 87 0.76 6.46 13.39
N ILE A 88 0.78 6.01 12.14
CA ILE A 88 1.82 6.38 11.18
C ILE A 88 1.24 6.43 9.78
N GLN A 89 1.99 6.99 8.85
CA GLN A 89 1.56 7.04 7.46
C GLN A 89 2.74 6.93 6.50
N CYS A 90 2.46 6.54 5.26
CA CYS A 90 3.47 6.43 4.21
C CYS A 90 2.81 6.66 2.86
N ASN A 91 3.59 7.05 1.86
CA ASN A 91 3.03 7.39 0.56
C ASN A 91 3.89 6.89 -0.61
N LEU A 92 3.25 6.21 -1.56
CA LEU A 92 3.94 5.60 -2.69
C LEU A 92 4.37 6.65 -3.72
N ASP A 93 5.54 6.46 -4.29
CA ASP A 93 6.01 7.27 -5.39
C ASP A 93 5.69 6.59 -6.72
N PRO A 94 4.77 7.15 -7.51
CA PRO A 94 4.27 6.50 -8.73
C PRO A 94 5.38 6.12 -9.72
N GLU A 95 6.52 6.78 -9.59
CA GLU A 95 7.64 6.53 -10.44
C GLU A 95 8.36 5.24 -10.08
N THR A 96 7.87 4.56 -9.07
CA THR A 96 8.45 3.30 -8.65
C THR A 96 7.66 2.12 -9.21
N VAL A 97 6.45 2.41 -9.69
CA VAL A 97 5.61 1.43 -10.41
C VAL A 97 6.38 0.77 -11.57
N LYS A 98 7.55 1.28 -11.88
CA LYS A 98 8.35 0.76 -12.98
C LYS A 98 8.88 -0.64 -12.68
N LEU A 99 7.99 -1.61 -12.77
CA LEU A 99 8.33 -3.03 -12.72
C LEU A 99 8.89 -3.45 -11.37
N GLU A 100 8.27 -2.97 -10.31
CA GLU A 100 8.63 -3.41 -8.97
C GLU A 100 7.76 -4.60 -8.58
N HIS A 101 8.31 -5.50 -7.79
CA HIS A 101 7.57 -6.67 -7.33
C HIS A 101 8.05 -7.07 -5.95
N MET A 1 4.17 -2.29 18.01
CA MET A 1 4.30 -1.04 17.22
C MET A 1 4.43 -1.38 15.75
N VAL A 2 3.61 -0.76 14.92
CA VAL A 2 3.54 -1.10 13.50
C VAL A 2 4.29 -0.09 12.63
N GLN A 3 4.80 -0.58 11.50
CA GLN A 3 5.49 0.22 10.50
C GLN A 3 4.69 0.16 9.22
N CYS A 4 5.02 1.01 8.26
CA CYS A 4 4.31 0.98 7.01
C CYS A 4 5.19 1.47 5.87
N GLU A 5 4.98 0.84 4.73
CA GLU A 5 5.66 1.15 3.48
C GLU A 5 4.63 1.16 2.38
N VAL A 6 5.05 1.50 1.18
CA VAL A 6 4.12 1.58 0.07
C VAL A 6 4.69 0.97 -1.21
N GLU A 7 4.08 -0.12 -1.62
CA GLU A 7 4.56 -0.90 -2.74
C GLU A 7 3.63 -0.82 -3.93
N ALA A 8 4.18 -1.17 -5.06
CA ALA A 8 3.42 -1.35 -6.28
C ALA A 8 4.00 -2.56 -7.01
N ALA A 9 3.17 -3.53 -7.29
CA ALA A 9 3.64 -4.80 -7.82
C ALA A 9 3.14 -5.01 -9.25
N VAL A 10 4.04 -4.86 -10.20
CA VAL A 10 3.66 -4.98 -11.60
C VAL A 10 3.60 -6.42 -12.05
N SER A 11 2.45 -6.81 -12.56
CA SER A 11 2.28 -8.10 -13.18
C SER A 11 1.93 -7.89 -14.65
N GLY A 12 1.78 -8.99 -15.39
CA GLY A 12 1.49 -8.89 -16.81
C GLY A 12 0.24 -8.10 -17.13
N GLY A 13 0.43 -6.84 -17.49
CA GLY A 13 -0.68 -6.00 -17.89
C GLY A 13 -1.43 -5.38 -16.74
N HIS A 14 -1.13 -5.82 -15.52
CA HIS A 14 -1.85 -5.34 -14.35
C HIS A 14 -0.88 -5.04 -13.22
N VAL A 15 -1.04 -3.89 -12.59
CA VAL A 15 -0.17 -3.51 -11.50
C VAL A 15 -0.94 -3.61 -10.18
N THR A 16 -0.46 -4.46 -9.30
CA THR A 16 -1.11 -4.69 -8.03
C THR A 16 -0.45 -3.84 -6.96
N LEU A 17 -1.20 -2.93 -6.37
CA LEU A 17 -0.61 -1.98 -5.46
C LEU A 17 -1.06 -2.24 -4.03
N GLN A 18 -0.12 -2.19 -3.10
CA GLN A 18 -0.38 -2.44 -1.69
C GLN A 18 0.78 -1.93 -0.84
N GLY A 19 0.51 -1.56 0.41
CA GLY A 19 1.55 -1.01 1.27
C GLY A 19 2.08 -2.01 2.28
N VAL A 20 3.40 -2.15 2.39
CA VAL A 20 4.00 -3.12 3.30
C VAL A 20 4.13 -2.58 4.72
N ILE A 21 3.32 -3.14 5.57
CA ILE A 21 3.36 -2.88 6.98
C ILE A 21 4.29 -3.86 7.67
N THR A 22 5.44 -3.41 8.07
CA THR A 22 6.24 -4.22 8.94
C THR A 22 5.75 -4.00 10.34
N ALA A 23 5.58 -5.03 11.10
CA ALA A 23 5.09 -4.85 12.44
C ALA A 23 6.07 -5.44 13.42
N VAL A 24 6.57 -4.63 14.32
CA VAL A 24 7.63 -5.05 15.21
C VAL A 24 7.18 -6.13 16.20
N ARG A 25 5.88 -6.30 16.36
CA ARG A 25 5.38 -7.28 17.29
C ARG A 25 4.26 -8.11 16.66
N ASP A 26 4.34 -9.42 16.85
CA ASP A 26 3.38 -10.34 16.26
C ASP A 26 2.04 -10.23 16.97
N GLY A 27 0.99 -10.31 16.18
CA GLY A 27 -0.35 -10.22 16.70
C GLY A 27 -1.30 -9.74 15.61
N ALA A 28 -2.19 -8.85 15.95
CA ALA A 28 -3.11 -8.31 14.97
C ALA A 28 -3.39 -6.85 15.25
N GLY A 29 -3.39 -6.05 14.21
CA GLY A 29 -3.60 -4.63 14.37
C GLY A 29 -4.51 -4.07 13.31
N SER A 30 -4.63 -2.76 13.26
CA SER A 30 -5.53 -2.12 12.33
C SER A 30 -4.82 -1.01 11.56
N TYR A 31 -5.10 -0.94 10.27
CA TYR A 31 -4.45 0.00 9.38
C TYR A 31 -5.32 0.26 8.16
N LYS A 32 -5.10 1.40 7.52
CA LYS A 32 -5.92 1.86 6.40
C LYS A 32 -5.07 2.18 5.18
N LEU A 33 -5.22 1.39 4.13
CA LEU A 33 -4.48 1.64 2.90
C LEU A 33 -5.39 2.25 1.85
N ALA A 34 -5.06 3.45 1.43
CA ALA A 34 -5.75 4.10 0.35
C ALA A 34 -4.81 4.28 -0.84
N VAL A 35 -5.30 4.01 -2.04
CA VAL A 35 -4.47 4.13 -3.22
C VAL A 35 -4.87 5.35 -4.03
N ASP A 36 -3.88 6.07 -4.51
CA ASP A 36 -4.10 7.26 -5.30
C ASP A 36 -3.67 7.01 -6.73
N LYS A 37 -4.62 6.99 -7.64
CA LYS A 37 -4.33 6.71 -9.03
C LYS A 37 -4.69 7.90 -9.89
N ALA A 38 -3.75 8.32 -10.72
CA ALA A 38 -3.94 9.44 -11.61
C ALA A 38 -3.44 9.09 -13.00
N GLY A 39 -4.37 8.85 -13.90
CA GLY A 39 -4.03 8.44 -15.24
C GLY A 39 -4.58 9.38 -16.29
N ALA A 40 -4.64 8.92 -17.53
CA ALA A 40 -5.16 9.73 -18.62
C ALA A 40 -6.63 10.09 -18.41
N ALA A 41 -7.34 9.22 -17.70
CA ALA A 41 -8.76 9.44 -17.41
C ALA A 41 -8.93 10.24 -16.12
N GLY A 42 -7.84 10.83 -15.64
CA GLY A 42 -7.91 11.64 -14.45
C GLY A 42 -7.57 10.86 -13.20
N THR A 43 -7.97 11.38 -12.06
CA THR A 43 -7.65 10.77 -10.79
C THR A 43 -8.77 9.85 -10.32
N SER A 44 -8.41 8.83 -9.57
CA SER A 44 -9.37 7.88 -9.04
C SER A 44 -9.15 7.70 -7.54
N ARG A 45 -10.18 7.24 -6.85
CA ARG A 45 -10.14 7.15 -5.39
C ARG A 45 -10.36 5.71 -4.91
N ILE A 46 -9.29 5.13 -4.36
CA ILE A 46 -9.37 3.81 -3.77
C ILE A 46 -9.03 3.87 -2.29
N LYS A 47 -9.86 3.28 -1.46
CA LYS A 47 -9.63 3.31 -0.02
C LYS A 47 -10.10 2.01 0.63
N GLN A 48 -9.16 1.24 1.16
CA GLN A 48 -9.48 0.03 1.88
C GLN A 48 -8.93 0.10 3.29
N ALA A 49 -9.82 0.10 4.28
CA ALA A 49 -9.42 0.22 5.66
C ALA A 49 -10.01 -0.90 6.50
N GLY A 50 -9.32 -1.25 7.57
CA GLY A 50 -9.79 -2.31 8.43
C GLY A 50 -8.70 -2.80 9.35
N ALA A 51 -8.63 -4.11 9.53
CA ALA A 51 -7.64 -4.70 10.41
C ALA A 51 -7.14 -6.01 9.82
N PHE A 52 -5.95 -6.42 10.21
CA PHE A 52 -5.35 -7.64 9.70
C PHE A 52 -4.34 -8.18 10.72
N THR A 53 -3.76 -9.33 10.43
CA THR A 53 -2.81 -9.95 11.32
C THR A 53 -1.39 -9.61 10.92
N ALA A 54 -0.58 -9.20 11.88
CA ALA A 54 0.78 -8.78 11.59
C ALA A 54 1.79 -9.53 12.45
N ILE A 55 2.94 -9.84 11.87
CA ILE A 55 3.98 -10.58 12.56
C ILE A 55 5.17 -9.68 12.84
N ALA A 56 5.79 -9.89 14.00
CA ALA A 56 6.92 -9.09 14.44
C ALA A 56 8.07 -9.13 13.46
N GLU A 57 8.49 -7.95 13.02
CA GLU A 57 9.63 -7.77 12.14
C GLU A 57 9.39 -8.46 10.80
N GLN A 58 8.13 -8.77 10.56
CA GLN A 58 7.66 -9.33 9.33
C GLN A 58 6.96 -8.28 8.54
N ARG A 59 7.02 -8.46 7.25
CA ARG A 59 6.40 -7.53 6.33
C ARG A 59 4.98 -7.97 6.03
N VAL A 60 4.03 -7.11 6.33
CA VAL A 60 2.64 -7.40 6.11
C VAL A 60 2.10 -6.42 5.08
N THR A 61 1.81 -6.89 3.88
CA THR A 61 1.41 -5.99 2.85
C THR A 61 -0.09 -5.83 2.82
N VAL A 62 -0.53 -4.58 2.85
CA VAL A 62 -1.90 -4.27 3.11
C VAL A 62 -2.52 -3.42 2.01
N GLY A 63 -3.75 -3.75 1.66
CA GLY A 63 -4.49 -2.96 0.71
C GLY A 63 -4.19 -3.34 -0.72
N ASN A 64 -4.44 -4.61 -1.05
CA ASN A 64 -4.17 -5.10 -2.39
C ASN A 64 -5.20 -4.58 -3.38
N VAL A 65 -4.74 -3.66 -4.20
CA VAL A 65 -5.58 -3.06 -5.22
C VAL A 65 -4.90 -3.20 -6.58
N VAL A 66 -5.54 -3.91 -7.49
CA VAL A 66 -4.96 -4.13 -8.79
C VAL A 66 -5.45 -3.11 -9.80
N LEU A 67 -4.50 -2.38 -10.38
CA LEU A 67 -4.79 -1.40 -11.42
C LEU A 67 -4.36 -1.99 -12.76
N ASP A 68 -4.82 -1.39 -13.85
CA ASP A 68 -4.25 -1.73 -15.15
C ASP A 68 -2.88 -1.09 -15.24
N TYR A 69 -1.89 -1.88 -15.61
CA TYR A 69 -0.50 -1.45 -15.54
C TYR A 69 -0.13 -0.49 -16.67
N SER A 70 0.40 0.65 -16.29
CA SER A 70 1.03 1.55 -17.25
C SER A 70 2.24 2.19 -16.58
N SER A 71 3.40 2.02 -17.19
CA SER A 71 4.65 2.52 -16.63
C SER A 71 4.66 4.05 -16.57
N ALA A 72 3.75 4.68 -17.30
CA ALA A 72 3.65 6.13 -17.33
C ALA A 72 2.49 6.63 -16.47
N ASN A 73 1.71 5.70 -15.92
CA ASN A 73 0.54 6.08 -15.16
C ASN A 73 0.92 6.38 -13.72
N ARG A 74 0.44 7.50 -13.21
CA ARG A 74 0.74 7.88 -11.84
C ARG A 74 -0.07 7.05 -10.86
N TYR A 75 0.62 6.18 -10.17
CA TYR A 75 0.02 5.36 -9.12
C TYR A 75 0.74 5.61 -7.82
N ALA A 76 0.00 6.09 -6.85
CA ALA A 76 0.52 6.36 -5.54
C ALA A 76 -0.34 5.70 -4.50
N ALA A 77 0.14 5.68 -3.27
CA ALA A 77 -0.56 5.02 -2.21
C ALA A 77 -0.35 5.77 -0.93
N ARG A 78 -1.18 5.48 0.05
CA ARG A 78 -1.06 6.07 1.35
C ARG A 78 -1.63 5.12 2.39
N LEU A 79 -0.79 4.67 3.30
CA LEU A 79 -1.26 3.76 4.31
C LEU A 79 -1.11 4.39 5.68
N ASP A 80 -2.23 4.55 6.34
CA ASP A 80 -2.26 5.04 7.68
C ASP A 80 -2.41 3.87 8.65
N VAL A 81 -1.42 3.63 9.47
CA VAL A 81 -1.54 2.57 10.44
C VAL A 81 -1.83 3.17 11.80
N SER A 82 -3.06 3.02 12.25
CA SER A 82 -3.47 3.53 13.54
C SER A 82 -4.07 2.38 14.34
N PHE A 83 -3.42 2.04 15.42
CA PHE A 83 -3.82 0.92 16.25
C PHE A 83 -3.29 1.09 17.66
N GLY A 84 -4.16 1.49 18.57
CA GLY A 84 -3.77 1.68 19.95
C GLY A 84 -2.75 2.79 20.11
N SER A 85 -1.49 2.41 20.31
CA SER A 85 -0.44 3.37 20.55
C SER A 85 0.32 3.72 19.27
N VAL A 86 0.06 2.99 18.19
CA VAL A 86 0.74 3.27 16.93
C VAL A 86 -0.16 4.07 15.99
N THR A 87 0.41 5.08 15.35
CA THR A 87 -0.25 5.79 14.27
C THR A 87 0.79 6.39 13.34
N ILE A 88 0.76 5.95 12.09
CA ILE A 88 1.78 6.30 11.10
C ILE A 88 1.15 6.36 9.72
N GLN A 89 1.86 6.91 8.76
CA GLN A 89 1.40 6.90 7.38
C GLN A 89 2.58 6.89 6.40
N CYS A 90 2.34 6.35 5.23
CA CYS A 90 3.32 6.32 4.15
C CYS A 90 2.65 6.59 2.83
N ASN A 91 3.42 6.98 1.82
CA ASN A 91 2.87 7.35 0.53
C ASN A 91 3.75 6.86 -0.61
N LEU A 92 3.14 6.19 -1.59
CA LEU A 92 3.88 5.58 -2.69
C LEU A 92 4.37 6.62 -3.69
N ASP A 93 5.66 6.55 -4.01
CA ASP A 93 6.21 7.31 -5.14
C ASP A 93 5.86 6.60 -6.44
N PRO A 94 4.99 7.19 -7.27
CA PRO A 94 4.55 6.57 -8.53
C PRO A 94 5.72 6.25 -9.46
N GLU A 95 6.83 6.94 -9.24
CA GLU A 95 8.03 6.75 -10.02
C GLU A 95 8.69 5.40 -9.72
N THR A 96 8.08 4.62 -8.84
CA THR A 96 8.59 3.31 -8.50
C THR A 96 7.82 2.19 -9.22
N VAL A 97 6.62 2.54 -9.70
CA VAL A 97 5.80 1.63 -10.52
C VAL A 97 6.58 1.05 -11.71
N LYS A 98 7.73 1.64 -12.02
CA LYS A 98 8.52 1.21 -13.17
C LYS A 98 9.20 -0.13 -12.92
N LEU A 99 8.38 -1.18 -12.89
CA LEU A 99 8.88 -2.54 -12.83
C LEU A 99 9.72 -2.77 -11.58
N GLU A 100 9.12 -2.50 -10.42
CA GLU A 100 9.76 -2.75 -9.13
C GLU A 100 11.02 -1.93 -8.95
N HIS A 101 10.84 -0.63 -8.73
CA HIS A 101 11.97 0.26 -8.48
C HIS A 101 11.99 0.64 -7.00
N MET A 1 5.05 -1.54 18.20
CA MET A 1 4.31 -0.67 17.27
C MET A 1 4.40 -1.20 15.85
N VAL A 2 3.62 -0.62 14.95
CA VAL A 2 3.59 -1.04 13.57
C VAL A 2 4.34 -0.04 12.68
N GLN A 3 4.87 -0.53 11.57
CA GLN A 3 5.62 0.27 10.60
C GLN A 3 4.86 0.25 9.29
N CYS A 4 5.22 1.11 8.35
CA CYS A 4 4.52 1.11 7.08
C CYS A 4 5.39 1.63 5.94
N GLU A 5 5.21 1.01 4.79
CA GLU A 5 5.85 1.37 3.55
C GLU A 5 4.82 1.24 2.44
N VAL A 6 5.20 1.59 1.23
CA VAL A 6 4.27 1.55 0.13
C VAL A 6 4.90 0.95 -1.11
N GLU A 7 4.19 0.00 -1.68
CA GLU A 7 4.69 -0.78 -2.80
C GLU A 7 3.74 -0.77 -3.96
N ALA A 8 4.29 -1.05 -5.11
CA ALA A 8 3.51 -1.32 -6.30
C ALA A 8 4.12 -2.54 -6.97
N ALA A 9 3.32 -3.56 -7.20
CA ALA A 9 3.82 -4.82 -7.72
C ALA A 9 3.31 -5.08 -9.13
N VAL A 10 4.19 -4.88 -10.09
CA VAL A 10 3.80 -5.03 -11.48
C VAL A 10 3.79 -6.48 -11.90
N SER A 11 2.72 -6.86 -12.59
CA SER A 11 2.59 -8.18 -13.17
C SER A 11 2.35 -8.03 -14.67
N GLY A 12 2.27 -9.15 -15.38
CA GLY A 12 2.09 -9.11 -16.82
C GLY A 12 0.77 -8.50 -17.26
N GLY A 13 0.79 -7.18 -17.47
CA GLY A 13 -0.38 -6.49 -17.98
C GLY A 13 -1.15 -5.74 -16.91
N HIS A 14 -0.88 -6.06 -15.65
CA HIS A 14 -1.60 -5.44 -14.54
C HIS A 14 -0.64 -5.15 -13.40
N VAL A 15 -0.91 -4.09 -12.66
CA VAL A 15 -0.07 -3.72 -11.54
C VAL A 15 -0.85 -3.82 -10.24
N THR A 16 -0.37 -4.65 -9.33
CA THR A 16 -1.01 -4.86 -8.04
C THR A 16 -0.35 -3.98 -6.99
N LEU A 17 -1.11 -3.08 -6.41
CA LEU A 17 -0.52 -2.09 -5.52
C LEU A 17 -1.00 -2.28 -4.09
N GLN A 18 -0.08 -2.16 -3.13
CA GLN A 18 -0.38 -2.30 -1.72
C GLN A 18 0.76 -1.74 -0.85
N GLY A 19 0.48 -1.49 0.41
CA GLY A 19 1.50 -0.92 1.29
C GLY A 19 2.04 -1.92 2.29
N VAL A 20 3.36 -1.97 2.44
CA VAL A 20 3.98 -2.96 3.33
C VAL A 20 4.10 -2.44 4.76
N ILE A 21 3.39 -3.10 5.62
CA ILE A 21 3.41 -2.83 7.04
C ILE A 21 4.33 -3.81 7.75
N THR A 22 5.49 -3.35 8.16
CA THR A 22 6.30 -4.17 9.02
C THR A 22 5.80 -3.98 10.42
N ALA A 23 5.54 -5.04 11.12
CA ALA A 23 5.00 -4.90 12.43
C ALA A 23 5.92 -5.56 13.41
N VAL A 24 6.44 -4.79 14.35
CA VAL A 24 7.43 -5.30 15.29
C VAL A 24 6.82 -6.32 16.26
N ARG A 25 5.50 -6.45 16.27
CA ARG A 25 4.87 -7.40 17.16
C ARG A 25 3.83 -8.25 16.43
N ASP A 26 3.86 -9.55 16.69
CA ASP A 26 2.96 -10.50 16.07
C ASP A 26 1.56 -10.38 16.65
N GLY A 27 0.57 -10.77 15.87
CA GLY A 27 -0.80 -10.71 16.31
C GLY A 27 -1.66 -10.09 15.24
N ALA A 28 -2.41 -9.07 15.60
CA ALA A 28 -3.25 -8.36 14.66
C ALA A 28 -3.32 -6.89 15.01
N GLY A 29 -3.32 -6.04 13.99
CA GLY A 29 -3.39 -4.62 14.21
C GLY A 29 -4.34 -3.98 13.23
N SER A 30 -4.51 -2.69 13.32
CA SER A 30 -5.44 -2.00 12.44
C SER A 30 -4.74 -0.90 11.67
N TYR A 31 -5.04 -0.83 10.38
CA TYR A 31 -4.39 0.10 9.47
C TYR A 31 -5.26 0.36 8.24
N LYS A 32 -4.89 1.35 7.45
CA LYS A 32 -5.69 1.77 6.31
C LYS A 32 -4.81 2.14 5.12
N LEU A 33 -4.85 1.33 4.08
CA LEU A 33 -4.09 1.61 2.87
C LEU A 33 -5.01 2.16 1.80
N ALA A 34 -4.73 3.39 1.38
CA ALA A 34 -5.50 4.01 0.32
C ALA A 34 -4.63 4.25 -0.89
N VAL A 35 -5.10 3.82 -2.05
CA VAL A 35 -4.36 3.99 -3.29
C VAL A 35 -5.02 5.05 -4.15
N ASP A 36 -4.19 5.87 -4.76
CA ASP A 36 -4.66 6.93 -5.62
C ASP A 36 -4.13 6.71 -7.03
N LYS A 37 -5.04 6.45 -7.95
CA LYS A 37 -4.66 6.21 -9.32
C LYS A 37 -5.05 7.38 -10.20
N ALA A 38 -4.13 7.82 -11.02
CA ALA A 38 -4.36 8.94 -11.92
C ALA A 38 -3.77 8.63 -13.29
N GLY A 39 -4.63 8.33 -14.23
CA GLY A 39 -4.19 7.91 -15.54
C GLY A 39 -4.97 8.55 -16.66
N ALA A 40 -4.90 7.96 -17.85
CA ALA A 40 -5.64 8.48 -18.98
C ALA A 40 -7.13 8.31 -18.78
N ALA A 41 -7.50 7.46 -17.82
CA ALA A 41 -8.90 7.25 -17.46
C ALA A 41 -9.29 8.14 -16.29
N GLY A 42 -8.43 9.10 -15.98
CA GLY A 42 -8.72 10.03 -14.90
C GLY A 42 -8.20 9.55 -13.56
N THR A 43 -8.63 10.22 -12.50
CA THR A 43 -8.22 9.87 -11.16
C THR A 43 -9.25 8.93 -10.52
N SER A 44 -8.81 8.14 -9.57
CA SER A 44 -9.68 7.18 -8.90
C SER A 44 -9.23 6.98 -7.45
N ARG A 45 -10.18 6.94 -6.54
CA ARG A 45 -9.88 6.79 -5.13
C ARG A 45 -10.09 5.35 -4.69
N ILE A 46 -9.01 4.70 -4.30
CA ILE A 46 -9.07 3.34 -3.79
C ILE A 46 -8.70 3.33 -2.30
N LYS A 47 -9.48 2.63 -1.48
CA LYS A 47 -9.20 2.61 -0.05
C LYS A 47 -9.57 1.27 0.59
N GLN A 48 -8.57 0.62 1.18
CA GLN A 48 -8.81 -0.56 2.00
C GLN A 48 -8.41 -0.27 3.43
N ALA A 49 -9.36 -0.31 4.34
CA ALA A 49 -9.11 0.03 5.73
C ALA A 49 -9.75 -0.99 6.65
N GLY A 50 -9.08 -1.25 7.77
CA GLY A 50 -9.60 -2.18 8.74
C GLY A 50 -8.52 -2.73 9.63
N ALA A 51 -8.59 -4.02 9.90
CA ALA A 51 -7.61 -4.67 10.74
C ALA A 51 -7.23 -6.01 10.14
N PHE A 52 -5.96 -6.36 10.25
CA PHE A 52 -5.45 -7.59 9.68
C PHE A 52 -4.36 -8.14 10.59
N THR A 53 -3.85 -9.32 10.27
CA THR A 53 -2.83 -9.94 11.11
C THR A 53 -1.45 -9.47 10.72
N ALA A 54 -0.64 -9.18 11.71
CA ALA A 54 0.71 -8.72 11.49
C ALA A 54 1.70 -9.54 12.30
N ILE A 55 2.83 -9.85 11.70
CA ILE A 55 3.85 -10.65 12.37
C ILE A 55 5.04 -9.79 12.76
N ALA A 56 5.54 -10.03 13.95
CA ALA A 56 6.64 -9.24 14.50
C ALA A 56 7.87 -9.29 13.62
N GLU A 57 8.30 -8.11 13.19
CA GLU A 57 9.49 -7.93 12.38
C GLU A 57 9.31 -8.57 11.00
N GLN A 58 8.05 -8.81 10.68
CA GLN A 58 7.66 -9.28 9.38
C GLN A 58 6.93 -8.19 8.64
N ARG A 59 7.02 -8.28 7.35
CA ARG A 59 6.33 -7.35 6.48
C ARG A 59 4.94 -7.86 6.14
N VAL A 60 3.96 -7.03 6.38
CA VAL A 60 2.58 -7.35 6.10
C VAL A 60 2.05 -6.36 5.09
N THR A 61 1.81 -6.82 3.88
CA THR A 61 1.43 -5.90 2.83
C THR A 61 -0.08 -5.75 2.79
N VAL A 62 -0.51 -4.52 2.83
CA VAL A 62 -1.89 -4.21 3.08
C VAL A 62 -2.53 -3.41 1.95
N GLY A 63 -3.76 -3.78 1.62
CA GLY A 63 -4.52 -3.05 0.61
C GLY A 63 -4.16 -3.46 -0.79
N ASN A 64 -4.21 -4.76 -1.05
CA ASN A 64 -3.87 -5.28 -2.37
C ASN A 64 -4.97 -4.97 -3.36
N VAL A 65 -4.69 -4.05 -4.25
CA VAL A 65 -5.60 -3.66 -5.29
C VAL A 65 -4.90 -3.73 -6.65
N VAL A 66 -5.59 -4.19 -7.67
CA VAL A 66 -4.95 -4.42 -8.95
C VAL A 66 -5.41 -3.41 -10.00
N LEU A 67 -4.44 -2.70 -10.55
CA LEU A 67 -4.68 -1.72 -11.58
C LEU A 67 -4.20 -2.28 -12.91
N ASP A 68 -4.55 -1.63 -14.02
CA ASP A 68 -3.95 -1.94 -15.30
C ASP A 68 -2.54 -1.37 -15.32
N TYR A 69 -1.57 -2.16 -15.74
CA TYR A 69 -0.18 -1.73 -15.67
C TYR A 69 0.15 -0.71 -16.74
N SER A 70 0.54 0.47 -16.32
CA SER A 70 1.04 1.48 -17.20
C SER A 70 2.17 2.24 -16.54
N SER A 71 3.35 2.22 -17.14
CA SER A 71 4.52 2.84 -16.57
C SER A 71 4.36 4.35 -16.48
N ALA A 72 3.59 4.91 -17.41
CA ALA A 72 3.35 6.34 -17.45
C ALA A 72 2.13 6.72 -16.61
N ASN A 73 1.52 5.75 -15.96
CA ASN A 73 0.33 5.99 -15.20
C ASN A 73 0.67 6.31 -13.75
N ARG A 74 0.07 7.36 -13.23
CA ARG A 74 0.33 7.77 -11.86
C ARG A 74 -0.43 6.86 -10.90
N TYR A 75 0.30 6.03 -10.19
CA TYR A 75 -0.27 5.22 -9.14
C TYR A 75 0.42 5.53 -7.84
N ALA A 76 -0.30 6.10 -6.92
CA ALA A 76 0.26 6.44 -5.62
C ALA A 76 -0.52 5.75 -4.54
N ALA A 77 0.02 5.75 -3.35
CA ALA A 77 -0.59 5.08 -2.25
C ALA A 77 -0.32 5.82 -0.96
N ARG A 78 -1.08 5.50 0.06
CA ARG A 78 -0.92 6.11 1.36
C ARG A 78 -1.50 5.20 2.42
N LEU A 79 -0.67 4.75 3.34
CA LEU A 79 -1.14 3.86 4.37
C LEU A 79 -1.04 4.52 5.72
N ASP A 80 -2.15 4.55 6.42
CA ASP A 80 -2.21 5.06 7.76
C ASP A 80 -2.34 3.91 8.74
N VAL A 81 -1.35 3.70 9.58
CA VAL A 81 -1.44 2.65 10.57
C VAL A 81 -1.70 3.26 11.94
N SER A 82 -2.91 3.09 12.41
CA SER A 82 -3.31 3.62 13.71
C SER A 82 -3.86 2.48 14.57
N PHE A 83 -3.12 2.11 15.59
CA PHE A 83 -3.51 1.01 16.45
C PHE A 83 -2.91 1.17 17.83
N GLY A 84 -3.66 1.85 18.70
CA GLY A 84 -3.23 2.05 20.07
C GLY A 84 -2.08 3.02 20.18
N SER A 85 -0.89 2.50 20.43
CA SER A 85 0.29 3.33 20.61
C SER A 85 0.94 3.67 19.28
N VAL A 86 0.55 2.98 18.22
CA VAL A 86 1.10 3.27 16.90
C VAL A 86 0.14 4.12 16.07
N THR A 87 0.68 5.16 15.46
CA THR A 87 -0.03 5.89 14.43
C THR A 87 0.98 6.48 13.45
N ILE A 88 0.90 6.05 12.21
CA ILE A 88 1.88 6.40 11.19
C ILE A 88 1.23 6.46 9.83
N GLN A 89 1.94 7.02 8.86
CA GLN A 89 1.46 7.05 7.50
C GLN A 89 2.63 7.06 6.51
N CYS A 90 2.40 6.51 5.34
CA CYS A 90 3.39 6.50 4.25
C CYS A 90 2.69 6.73 2.92
N ASN A 91 3.45 7.10 1.90
CA ASN A 91 2.85 7.41 0.60
C ASN A 91 3.71 6.89 -0.56
N LEU A 92 3.06 6.22 -1.51
CA LEU A 92 3.74 5.65 -2.66
C LEU A 92 4.11 6.72 -3.67
N ASP A 93 5.34 6.67 -4.14
CA ASP A 93 5.76 7.47 -5.28
C ASP A 93 5.45 6.73 -6.56
N PRO A 94 4.51 7.25 -7.37
CA PRO A 94 4.10 6.59 -8.62
C PRO A 94 5.26 6.40 -9.57
N GLU A 95 6.34 7.13 -9.31
CA GLU A 95 7.55 7.04 -10.09
C GLU A 95 8.24 5.71 -9.85
N THR A 96 7.75 4.95 -8.89
CA THR A 96 8.35 3.69 -8.53
C THR A 96 7.60 2.51 -9.14
N VAL A 97 6.41 2.78 -9.66
CA VAL A 97 5.64 1.80 -10.46
C VAL A 97 6.51 1.22 -11.59
N LYS A 98 7.63 1.87 -11.86
CA LYS A 98 8.58 1.40 -12.85
C LYS A 98 9.28 0.14 -12.36
N LEU A 99 8.50 -0.91 -12.16
CA LEU A 99 9.02 -2.22 -11.80
C LEU A 99 9.79 -2.17 -10.47
N GLU A 100 9.19 -1.50 -9.49
CA GLU A 100 9.74 -1.44 -8.13
C GLU A 100 11.15 -0.83 -8.11
N HIS A 101 11.26 0.39 -8.61
CA HIS A 101 12.55 1.08 -8.63
C HIS A 101 12.46 2.39 -7.86
N MET A 1 3.48 0.23 17.57
CA MET A 1 4.37 -0.92 17.32
C MET A 1 4.28 -1.40 15.87
N VAL A 2 3.55 -0.67 15.04
CA VAL A 2 3.47 -1.01 13.62
C VAL A 2 4.22 0.02 12.78
N GLN A 3 4.78 -0.44 11.67
CA GLN A 3 5.56 0.37 10.75
C GLN A 3 4.91 0.30 9.40
N CYS A 4 5.32 1.14 8.47
CA CYS A 4 4.67 1.12 7.18
C CYS A 4 5.62 1.33 6.02
N GLU A 5 5.16 0.88 4.88
CA GLU A 5 5.84 1.01 3.59
C GLU A 5 4.77 0.98 2.51
N VAL A 6 5.17 1.17 1.27
CA VAL A 6 4.23 1.20 0.17
C VAL A 6 4.81 0.54 -1.06
N GLU A 7 4.04 -0.31 -1.67
CA GLU A 7 4.50 -1.09 -2.81
C GLU A 7 3.56 -1.03 -3.98
N ALA A 8 4.12 -1.30 -5.13
CA ALA A 8 3.37 -1.49 -6.35
C ALA A 8 3.94 -2.72 -7.04
N ALA A 9 3.10 -3.68 -7.34
CA ALA A 9 3.53 -4.94 -7.92
C ALA A 9 3.01 -5.11 -9.33
N VAL A 10 3.89 -4.93 -10.30
CA VAL A 10 3.49 -4.94 -11.70
C VAL A 10 3.46 -6.36 -12.25
N SER A 11 2.34 -6.70 -12.89
CA SER A 11 2.21 -7.95 -13.59
C SER A 11 1.83 -7.66 -15.05
N GLY A 12 1.70 -8.70 -15.87
CA GLY A 12 1.39 -8.52 -17.27
C GLY A 12 0.15 -7.67 -17.51
N GLY A 13 0.37 -6.40 -17.89
CA GLY A 13 -0.72 -5.53 -18.26
C GLY A 13 -1.43 -4.90 -17.07
N HIS A 14 -1.20 -5.43 -15.88
CA HIS A 14 -1.92 -4.98 -14.70
C HIS A 14 -0.96 -4.75 -13.55
N VAL A 15 -1.15 -3.66 -12.84
CA VAL A 15 -0.31 -3.34 -11.70
C VAL A 15 -1.10 -3.54 -10.41
N THR A 16 -0.63 -4.44 -9.57
CA THR A 16 -1.26 -4.71 -8.30
C THR A 16 -0.58 -3.90 -7.22
N LEU A 17 -1.31 -3.00 -6.60
CA LEU A 17 -0.71 -2.10 -5.66
C LEU A 17 -1.19 -2.39 -4.26
N GLN A 18 -0.27 -2.33 -3.30
CA GLN A 18 -0.56 -2.63 -1.91
C GLN A 18 0.53 -2.07 -1.01
N GLY A 19 0.13 -1.55 0.14
CA GLY A 19 1.09 -0.93 1.03
C GLY A 19 1.61 -1.90 2.07
N VAL A 20 2.92 -1.92 2.27
CA VAL A 20 3.52 -2.84 3.24
C VAL A 20 3.49 -2.25 4.63
N ILE A 21 3.35 -3.12 5.60
CA ILE A 21 3.38 -2.75 6.98
C ILE A 21 4.33 -3.67 7.72
N THR A 22 5.48 -3.17 8.10
CA THR A 22 6.29 -3.94 8.99
C THR A 22 5.72 -3.77 10.37
N ALA A 23 5.58 -4.82 11.10
CA ALA A 23 5.04 -4.69 12.41
C ALA A 23 6.02 -5.25 13.40
N VAL A 24 6.46 -4.43 14.33
CA VAL A 24 7.52 -4.85 15.25
C VAL A 24 6.99 -5.86 16.28
N ARG A 25 5.68 -6.07 16.30
CA ARG A 25 5.10 -6.99 17.24
C ARG A 25 4.11 -7.92 16.54
N ASP A 26 4.20 -9.21 16.87
CA ASP A 26 3.37 -10.23 16.24
C ASP A 26 2.00 -10.26 16.88
N GLY A 27 0.99 -10.50 16.07
CA GLY A 27 -0.37 -10.54 16.54
C GLY A 27 -1.30 -10.01 15.47
N ALA A 28 -2.14 -9.07 15.83
CA ALA A 28 -3.03 -8.45 14.86
C ALA A 28 -3.15 -6.97 15.15
N GLY A 29 -3.27 -6.17 14.11
CA GLY A 29 -3.36 -4.74 14.28
C GLY A 29 -4.33 -4.15 13.27
N SER A 30 -4.50 -2.85 13.32
CA SER A 30 -5.45 -2.19 12.44
C SER A 30 -4.78 -1.05 11.68
N TYR A 31 -5.10 -0.96 10.40
CA TYR A 31 -4.47 0.01 9.51
C TYR A 31 -5.36 0.29 8.29
N LYS A 32 -5.12 1.41 7.64
CA LYS A 32 -5.94 1.88 6.53
C LYS A 32 -5.08 2.20 5.30
N LEU A 33 -5.22 1.41 4.25
CA LEU A 33 -4.46 1.65 3.03
C LEU A 33 -5.33 2.34 2.00
N ALA A 34 -4.89 3.52 1.60
CA ALA A 34 -5.55 4.26 0.55
C ALA A 34 -4.62 4.40 -0.65
N VAL A 35 -5.15 4.13 -1.83
CA VAL A 35 -4.36 4.22 -3.05
C VAL A 35 -4.80 5.42 -3.86
N ASP A 36 -3.84 6.08 -4.49
CA ASP A 36 -4.11 7.29 -5.26
C ASP A 36 -3.63 7.12 -6.69
N LYS A 37 -4.56 7.13 -7.63
CA LYS A 37 -4.19 7.00 -9.03
C LYS A 37 -4.37 8.31 -9.75
N ALA A 38 -3.52 8.54 -10.72
CA ALA A 38 -3.57 9.75 -11.52
C ALA A 38 -3.01 9.51 -12.92
N GLY A 39 -3.82 9.81 -13.92
CA GLY A 39 -3.39 9.63 -15.29
C GLY A 39 -4.04 10.67 -16.18
N ALA A 40 -4.01 10.44 -17.48
CA ALA A 40 -4.64 11.35 -18.44
C ALA A 40 -6.15 11.35 -18.27
N ALA A 41 -6.68 10.25 -17.73
CA ALA A 41 -8.12 10.12 -17.49
C ALA A 41 -8.52 10.85 -16.20
N GLY A 42 -7.54 11.34 -15.47
CA GLY A 42 -7.82 12.05 -14.23
C GLY A 42 -7.28 11.33 -13.02
N THR A 43 -7.76 11.72 -11.85
CA THR A 43 -7.34 11.09 -10.62
C THR A 43 -8.45 10.18 -10.08
N SER A 44 -8.09 9.25 -9.20
CA SER A 44 -9.05 8.35 -8.60
C SER A 44 -8.68 8.05 -7.14
N ARG A 45 -9.69 8.04 -6.27
CA ARG A 45 -9.47 7.81 -4.85
C ARG A 45 -9.83 6.38 -4.45
N ILE A 46 -8.84 5.64 -3.98
CA ILE A 46 -9.05 4.31 -3.43
C ILE A 46 -8.77 4.31 -1.95
N LYS A 47 -9.67 3.78 -1.14
CA LYS A 47 -9.45 3.72 0.30
C LYS A 47 -10.06 2.46 0.91
N GLN A 48 -9.21 1.61 1.45
CA GLN A 48 -9.67 0.41 2.15
C GLN A 48 -9.05 0.35 3.54
N ALA A 49 -9.90 0.40 4.56
CA ALA A 49 -9.42 0.40 5.94
C ALA A 49 -9.95 -0.81 6.69
N GLY A 50 -9.26 -1.19 7.76
CA GLY A 50 -9.69 -2.30 8.57
C GLY A 50 -8.59 -2.80 9.46
N ALA A 51 -8.52 -4.11 9.61
CA ALA A 51 -7.53 -4.73 10.46
C ALA A 51 -7.06 -6.03 9.83
N PHE A 52 -5.87 -6.47 10.20
CA PHE A 52 -5.29 -7.69 9.68
C PHE A 52 -4.22 -8.20 10.64
N THR A 53 -3.71 -9.40 10.36
CA THR A 53 -2.73 -10.03 11.24
C THR A 53 -1.32 -9.60 10.85
N ALA A 54 -0.49 -9.36 11.85
CA ALA A 54 0.85 -8.86 11.60
C ALA A 54 1.88 -9.60 12.44
N ILE A 55 3.07 -9.80 11.89
CA ILE A 55 4.14 -10.48 12.59
C ILE A 55 5.26 -9.51 12.93
N ALA A 56 5.83 -9.70 14.11
CA ALA A 56 6.90 -8.84 14.60
C ALA A 56 8.12 -8.89 13.70
N GLU A 57 8.54 -7.71 13.25
CA GLU A 57 9.69 -7.55 12.40
C GLU A 57 9.46 -8.27 11.08
N GLN A 58 8.20 -8.31 10.70
CA GLN A 58 7.77 -8.90 9.46
C GLN A 58 6.99 -7.89 8.67
N ARG A 59 7.11 -7.99 7.37
CA ARG A 59 6.39 -7.13 6.47
C ARG A 59 5.01 -7.69 6.18
N VAL A 60 3.99 -6.86 6.33
CA VAL A 60 2.63 -7.24 6.08
C VAL A 60 2.03 -6.33 5.03
N THR A 61 1.77 -6.85 3.85
CA THR A 61 1.31 -6.00 2.78
C THR A 61 -0.21 -5.92 2.77
N VAL A 62 -0.69 -4.70 2.73
CA VAL A 62 -2.07 -4.41 3.00
C VAL A 62 -2.73 -3.62 1.87
N GLY A 63 -3.95 -4.02 1.53
CA GLY A 63 -4.72 -3.31 0.53
C GLY A 63 -4.36 -3.72 -0.89
N ASN A 64 -4.76 -4.92 -1.27
CA ASN A 64 -4.48 -5.43 -2.60
C ASN A 64 -5.49 -4.87 -3.58
N VAL A 65 -5.04 -3.94 -4.41
CA VAL A 65 -5.86 -3.40 -5.47
C VAL A 65 -5.12 -3.55 -6.80
N VAL A 66 -5.83 -3.93 -7.85
CA VAL A 66 -5.18 -4.19 -9.12
C VAL A 66 -5.63 -3.19 -10.18
N LEU A 67 -4.68 -2.42 -10.66
CA LEU A 67 -4.94 -1.37 -11.62
C LEU A 67 -4.45 -1.83 -13.00
N ASP A 68 -4.85 -1.12 -14.04
CA ASP A 68 -4.24 -1.31 -15.34
C ASP A 68 -2.85 -0.68 -15.32
N TYR A 69 -1.86 -1.44 -15.74
CA TYR A 69 -0.47 -1.04 -15.60
C TYR A 69 -0.04 -0.07 -16.69
N SER A 70 0.55 1.04 -16.27
CA SER A 70 1.28 1.88 -17.20
C SER A 70 2.51 2.43 -16.50
N SER A 71 3.67 2.25 -17.11
CA SER A 71 4.91 2.78 -16.55
C SER A 71 4.90 4.31 -16.63
N ALA A 72 3.97 4.84 -17.41
CA ALA A 72 3.83 6.27 -17.58
C ALA A 72 2.67 6.83 -16.76
N ASN A 73 2.04 5.98 -15.97
CA ASN A 73 0.90 6.41 -15.16
C ASN A 73 1.35 6.73 -13.75
N ARG A 74 0.64 7.63 -13.10
CA ARG A 74 0.94 7.99 -11.73
C ARG A 74 0.09 7.17 -10.79
N TYR A 75 0.72 6.24 -10.11
CA TYR A 75 0.05 5.45 -9.10
C TYR A 75 0.75 5.64 -7.78
N ALA A 76 0.03 6.11 -6.80
CA ALA A 76 0.57 6.31 -5.48
C ALA A 76 -0.28 5.61 -4.44
N ALA A 77 0.24 5.54 -3.25
CA ALA A 77 -0.43 4.87 -2.17
C ALA A 77 -0.14 5.58 -0.88
N ARG A 78 -0.93 5.32 0.13
CA ARG A 78 -0.72 5.89 1.43
C ARG A 78 -1.40 5.02 2.48
N LEU A 79 -0.61 4.47 3.36
CA LEU A 79 -1.17 3.61 4.38
C LEU A 79 -1.02 4.25 5.74
N ASP A 80 -2.14 4.53 6.33
CA ASP A 80 -2.20 5.04 7.68
C ASP A 80 -2.37 3.87 8.65
N VAL A 81 -1.40 3.64 9.49
CA VAL A 81 -1.53 2.57 10.46
C VAL A 81 -1.89 3.16 11.81
N SER A 82 -3.14 2.97 12.20
CA SER A 82 -3.63 3.46 13.46
C SER A 82 -4.12 2.28 14.30
N PHE A 83 -3.33 1.88 15.27
CA PHE A 83 -3.66 0.74 16.10
C PHE A 83 -3.25 1.02 17.54
N GLY A 84 -4.21 1.46 18.33
CA GLY A 84 -3.95 1.75 19.72
C GLY A 84 -2.95 2.88 19.90
N SER A 85 -1.72 2.53 20.22
CA SER A 85 -0.69 3.52 20.49
C SER A 85 0.10 3.88 19.22
N VAL A 86 -0.07 3.10 18.16
CA VAL A 86 0.61 3.39 16.91
C VAL A 86 -0.32 4.16 15.96
N THR A 87 0.21 5.21 15.36
CA THR A 87 -0.45 5.89 14.26
C THR A 87 0.61 6.49 13.33
N ILE A 88 0.63 6.02 12.09
CA ILE A 88 1.68 6.36 11.13
C ILE A 88 1.11 6.38 9.72
N GLN A 89 1.89 6.88 8.77
CA GLN A 89 1.48 6.82 7.36
C GLN A 89 2.70 6.77 6.44
N CYS A 90 2.58 6.01 5.36
CA CYS A 90 3.62 5.98 4.32
C CYS A 90 2.95 6.11 2.96
N ASN A 91 3.69 6.62 1.98
CA ASN A 91 3.10 6.95 0.68
C ASN A 91 3.97 6.49 -0.49
N LEU A 92 3.34 5.87 -1.48
CA LEU A 92 4.03 5.30 -2.62
C LEU A 92 4.52 6.37 -3.59
N ASP A 93 5.76 6.24 -4.02
CA ASP A 93 6.29 7.05 -5.10
C ASP A 93 5.89 6.45 -6.43
N PRO A 94 5.02 7.12 -7.20
CA PRO A 94 4.58 6.60 -8.50
C PRO A 94 5.74 6.38 -9.46
N GLU A 95 6.86 7.00 -9.13
CA GLU A 95 8.08 6.83 -9.87
C GLU A 95 8.76 5.50 -9.56
N THR A 96 8.09 4.64 -8.81
CA THR A 96 8.60 3.31 -8.56
C THR A 96 7.74 2.25 -9.25
N VAL A 97 6.59 2.67 -9.77
CA VAL A 97 5.66 1.79 -10.48
C VAL A 97 6.31 1.08 -11.68
N LYS A 98 7.48 1.53 -12.11
CA LYS A 98 8.09 0.94 -13.28
C LYS A 98 8.74 -0.38 -12.93
N LEU A 99 7.89 -1.39 -12.81
CA LEU A 99 8.29 -2.77 -12.63
C LEU A 99 8.73 -3.03 -11.20
N GLU A 100 8.05 -4.00 -10.59
CA GLU A 100 8.16 -4.31 -9.16
C GLU A 100 9.61 -4.49 -8.72
N HIS A 101 9.98 -3.74 -7.69
CA HIS A 101 11.28 -3.88 -7.02
C HIS A 101 12.43 -3.71 -8.00
N MET A 1 4.69 -2.10 18.17
CA MET A 1 4.23 -0.99 17.31
C MET A 1 4.37 -1.37 15.84
N VAL A 2 3.51 -0.81 15.01
CA VAL A 2 3.48 -1.15 13.59
C VAL A 2 4.28 -0.13 12.77
N GLN A 3 4.74 -0.57 11.61
CA GLN A 3 5.47 0.26 10.66
C GLN A 3 4.73 0.19 9.33
N CYS A 4 5.04 1.06 8.40
CA CYS A 4 4.34 1.02 7.14
C CYS A 4 5.20 1.47 5.96
N GLU A 5 4.85 0.93 4.82
CA GLU A 5 5.54 1.17 3.57
C GLU A 5 4.52 1.19 2.45
N VAL A 6 4.95 1.49 1.24
CA VAL A 6 4.06 1.58 0.10
C VAL A 6 4.67 0.99 -1.15
N GLU A 7 4.02 -0.05 -1.64
CA GLU A 7 4.52 -0.87 -2.72
C GLU A 7 3.65 -0.77 -3.95
N ALA A 8 4.24 -1.18 -5.06
CA ALA A 8 3.51 -1.38 -6.29
C ALA A 8 4.08 -2.63 -6.97
N ALA A 9 3.23 -3.59 -7.28
CA ALA A 9 3.69 -4.86 -7.83
C ALA A 9 3.18 -5.07 -9.24
N VAL A 10 4.06 -4.90 -10.22
CA VAL A 10 3.67 -5.03 -11.61
C VAL A 10 3.71 -6.49 -12.05
N SER A 11 2.53 -7.05 -12.33
CA SER A 11 2.41 -8.44 -12.73
C SER A 11 1.64 -8.59 -14.04
N GLY A 12 2.30 -9.13 -15.06
CA GLY A 12 1.64 -9.50 -16.31
C GLY A 12 0.82 -8.38 -16.94
N GLY A 13 1.43 -7.22 -17.13
CA GLY A 13 0.73 -6.13 -17.79
C GLY A 13 -0.22 -5.38 -16.88
N HIS A 14 -0.41 -5.90 -15.68
CA HIS A 14 -1.24 -5.25 -14.68
C HIS A 14 -0.34 -4.86 -13.51
N VAL A 15 -0.83 -4.00 -12.65
CA VAL A 15 -0.05 -3.61 -11.50
C VAL A 15 -0.88 -3.72 -10.23
N THR A 16 -0.44 -4.57 -9.32
CA THR A 16 -1.09 -4.77 -8.06
C THR A 16 -0.43 -3.88 -7.02
N LEU A 17 -1.17 -2.94 -6.48
CA LEU A 17 -0.59 -1.95 -5.62
C LEU A 17 -1.08 -2.11 -4.20
N GLN A 18 -0.16 -2.01 -3.26
CA GLN A 18 -0.41 -2.30 -1.87
C GLN A 18 0.59 -1.57 -0.97
N GLY A 19 0.31 -1.51 0.32
CA GLY A 19 1.26 -0.92 1.25
C GLY A 19 1.77 -1.93 2.26
N VAL A 20 3.09 -2.09 2.35
CA VAL A 20 3.69 -3.08 3.23
C VAL A 20 3.91 -2.55 4.63
N ILE A 21 3.21 -3.17 5.54
CA ILE A 21 3.30 -2.86 6.94
C ILE A 21 4.24 -3.81 7.64
N THR A 22 5.41 -3.35 8.01
CA THR A 22 6.24 -4.13 8.89
C THR A 22 5.71 -3.94 10.28
N ALA A 23 5.52 -5.00 11.00
CA ALA A 23 5.00 -4.85 12.33
C ALA A 23 5.96 -5.46 13.31
N VAL A 24 6.44 -4.67 14.25
CA VAL A 24 7.46 -5.14 15.17
C VAL A 24 6.89 -6.14 16.20
N ARG A 25 5.59 -6.33 16.21
CA ARG A 25 4.99 -7.26 17.14
C ARG A 25 3.97 -8.17 16.46
N ASP A 26 4.07 -9.47 16.74
CA ASP A 26 3.18 -10.47 16.16
C ASP A 26 1.79 -10.41 16.76
N GLY A 27 0.80 -10.77 15.98
CA GLY A 27 -0.57 -10.71 16.43
C GLY A 27 -1.42 -10.06 15.37
N ALA A 28 -2.14 -9.02 15.74
CA ALA A 28 -2.94 -8.28 14.80
C ALA A 28 -2.84 -6.79 15.07
N GLY A 29 -3.24 -6.00 14.09
CA GLY A 29 -3.20 -4.57 14.22
C GLY A 29 -4.17 -3.93 13.26
N SER A 30 -4.42 -2.65 13.41
CA SER A 30 -5.38 -1.99 12.56
C SER A 30 -4.72 -0.86 11.77
N TYR A 31 -5.08 -0.78 10.50
CA TYR A 31 -4.46 0.14 9.56
C TYR A 31 -5.38 0.42 8.37
N LYS A 32 -5.09 1.49 7.65
CA LYS A 32 -5.93 1.93 6.54
C LYS A 32 -5.09 2.26 5.30
N LEU A 33 -5.20 1.44 4.27
CA LEU A 33 -4.48 1.71 3.04
C LEU A 33 -5.41 2.31 1.99
N ALA A 34 -5.00 3.44 1.46
CA ALA A 34 -5.72 4.10 0.37
C ALA A 34 -4.79 4.32 -0.81
N VAL A 35 -5.24 3.96 -2.00
CA VAL A 35 -4.42 4.09 -3.19
C VAL A 35 -4.92 5.25 -4.06
N ASP A 36 -4.01 5.94 -4.70
CA ASP A 36 -4.33 7.11 -5.51
C ASP A 36 -3.82 6.91 -6.93
N LYS A 37 -4.72 6.85 -7.90
CA LYS A 37 -4.30 6.71 -9.28
C LYS A 37 -4.53 8.00 -10.03
N ALA A 38 -3.70 8.21 -11.02
CA ALA A 38 -3.82 9.38 -11.87
C ALA A 38 -3.31 9.08 -13.27
N GLY A 39 -4.24 8.93 -14.20
CA GLY A 39 -3.88 8.67 -15.57
C GLY A 39 -4.35 9.78 -16.48
N ALA A 40 -4.37 9.51 -17.78
CA ALA A 40 -4.80 10.52 -18.75
C ALA A 40 -6.30 10.73 -18.70
N ALA A 41 -7.02 9.77 -18.13
CA ALA A 41 -8.46 9.86 -18.01
C ALA A 41 -8.87 10.56 -16.71
N GLY A 42 -7.89 10.81 -15.84
CA GLY A 42 -8.17 11.52 -14.61
C GLY A 42 -7.63 10.82 -13.38
N THR A 43 -7.95 11.37 -12.23
CA THR A 43 -7.49 10.83 -10.96
C THR A 43 -8.56 9.95 -10.31
N SER A 44 -8.14 8.83 -9.77
CA SER A 44 -9.06 7.89 -9.15
C SER A 44 -8.60 7.54 -7.73
N ARG A 45 -9.54 7.48 -6.80
CA ARG A 45 -9.20 7.30 -5.40
C ARG A 45 -9.68 5.95 -4.86
N ILE A 46 -8.73 5.18 -4.35
CA ILE A 46 -9.01 3.90 -3.71
C ILE A 46 -8.84 4.06 -2.21
N LYS A 47 -9.74 3.50 -1.43
CA LYS A 47 -9.64 3.62 0.02
C LYS A 47 -10.14 2.35 0.71
N GLN A 48 -9.27 1.77 1.53
CA GLN A 48 -9.64 0.63 2.36
C GLN A 48 -9.18 0.87 3.79
N ALA A 49 -9.69 0.06 4.72
CA ALA A 49 -9.32 0.17 6.13
C ALA A 49 -9.82 -1.03 6.91
N GLY A 50 -9.17 -1.31 8.03
CA GLY A 50 -9.59 -2.40 8.86
C GLY A 50 -8.47 -2.89 9.75
N ALA A 51 -8.54 -4.14 10.15
CA ALA A 51 -7.52 -4.73 10.99
C ALA A 51 -7.13 -6.09 10.44
N PHE A 52 -5.84 -6.35 10.41
CA PHE A 52 -5.32 -7.60 9.86
C PHE A 52 -4.21 -8.13 10.76
N THR A 53 -3.75 -9.33 10.50
CA THR A 53 -2.75 -9.97 11.33
C THR A 53 -1.35 -9.59 10.90
N ALA A 54 -0.52 -9.24 11.86
CA ALA A 54 0.82 -8.77 11.57
C ALA A 54 1.85 -9.50 12.41
N ILE A 55 2.89 -10.03 11.76
CA ILE A 55 3.97 -10.72 12.44
C ILE A 55 5.08 -9.76 12.80
N ALA A 56 5.66 -9.97 13.97
CA ALA A 56 6.74 -9.12 14.47
C ALA A 56 7.97 -9.17 13.58
N GLU A 57 8.39 -8.00 13.15
CA GLU A 57 9.56 -7.85 12.29
C GLU A 57 9.32 -8.58 10.98
N GLN A 58 8.07 -8.59 10.56
CA GLN A 58 7.64 -9.18 9.32
C GLN A 58 6.87 -8.15 8.53
N ARG A 59 7.02 -8.24 7.24
CA ARG A 59 6.34 -7.34 6.33
C ARG A 59 4.93 -7.84 6.03
N VAL A 60 3.95 -7.02 6.32
CA VAL A 60 2.55 -7.36 6.11
C VAL A 60 1.96 -6.44 5.07
N THR A 61 1.65 -6.95 3.90
CA THR A 61 1.17 -6.09 2.85
C THR A 61 -0.32 -5.90 2.93
N VAL A 62 -0.72 -4.64 2.89
CA VAL A 62 -2.09 -4.28 3.16
C VAL A 62 -2.72 -3.51 1.99
N GLY A 63 -3.95 -3.88 1.66
CA GLY A 63 -4.69 -3.20 0.61
C GLY A 63 -4.11 -3.43 -0.77
N ASN A 64 -4.12 -4.67 -1.23
CA ASN A 64 -3.62 -4.98 -2.54
C ASN A 64 -4.73 -4.85 -3.57
N VAL A 65 -4.62 -3.81 -4.38
CA VAL A 65 -5.60 -3.54 -5.42
C VAL A 65 -4.91 -3.59 -6.78
N VAL A 66 -5.57 -4.17 -7.77
CA VAL A 66 -4.92 -4.40 -9.05
C VAL A 66 -5.38 -3.39 -10.10
N LEU A 67 -4.40 -2.72 -10.67
CA LEU A 67 -4.63 -1.71 -11.70
C LEU A 67 -4.06 -2.21 -13.02
N ASP A 68 -4.38 -1.52 -14.11
CA ASP A 68 -3.69 -1.75 -15.36
C ASP A 68 -2.31 -1.12 -15.29
N TYR A 69 -1.28 -1.89 -15.62
CA TYR A 69 0.08 -1.40 -15.51
C TYR A 69 0.42 -0.43 -16.62
N SER A 70 0.92 0.73 -16.24
CA SER A 70 1.50 1.67 -17.17
C SER A 70 2.69 2.35 -16.53
N SER A 71 3.84 2.31 -17.21
CA SER A 71 5.07 2.89 -16.68
C SER A 71 5.01 4.41 -16.70
N ALA A 72 4.21 4.95 -17.59
CA ALA A 72 4.04 6.39 -17.71
C ALA A 72 2.85 6.86 -16.88
N ASN A 73 2.28 5.95 -16.10
CA ASN A 73 1.11 6.25 -15.29
C ASN A 73 1.53 6.80 -13.95
N ARG A 74 0.60 7.43 -13.25
CA ARG A 74 0.85 7.85 -11.90
C ARG A 74 -0.01 7.03 -10.96
N TYR A 75 0.63 6.15 -10.23
CA TYR A 75 -0.02 5.33 -9.23
C TYR A 75 0.65 5.55 -7.89
N ALA A 76 -0.08 6.08 -6.95
CA ALA A 76 0.46 6.34 -5.63
C ALA A 76 -0.39 5.67 -4.57
N ALA A 77 0.12 5.63 -3.37
CA ALA A 77 -0.56 4.97 -2.28
C ALA A 77 -0.33 5.74 -1.00
N ARG A 78 -1.17 5.51 -0.02
CA ARG A 78 -1.05 6.14 1.27
C ARG A 78 -1.67 5.24 2.33
N LEU A 79 -0.89 4.86 3.32
CA LEU A 79 -1.39 3.99 4.35
C LEU A 79 -1.23 4.63 5.71
N ASP A 80 -2.32 4.68 6.44
CA ASP A 80 -2.30 5.14 7.82
C ASP A 80 -2.40 3.95 8.75
N VAL A 81 -1.39 3.71 9.54
CA VAL A 81 -1.46 2.64 10.50
C VAL A 81 -1.71 3.22 11.88
N SER A 82 -2.92 3.05 12.35
CA SER A 82 -3.33 3.54 13.65
C SER A 82 -3.86 2.40 14.50
N PHE A 83 -3.05 1.95 15.43
CA PHE A 83 -3.39 0.80 16.26
C PHE A 83 -2.85 1.00 17.68
N GLY A 84 -3.70 1.55 18.53
CA GLY A 84 -3.32 1.77 19.91
C GLY A 84 -2.20 2.77 20.04
N SER A 85 -1.01 2.28 20.33
CA SER A 85 0.14 3.14 20.56
C SER A 85 0.80 3.57 19.26
N VAL A 86 0.44 2.93 18.16
CA VAL A 86 1.04 3.26 16.87
C VAL A 86 0.09 4.09 16.01
N THR A 87 0.63 5.12 15.38
CA THR A 87 -0.10 5.85 14.36
C THR A 87 0.91 6.47 13.39
N ILE A 88 0.83 6.05 12.13
CA ILE A 88 1.82 6.39 11.12
C ILE A 88 1.17 6.44 9.75
N GLN A 89 1.87 7.01 8.77
CA GLN A 89 1.37 7.04 7.41
C GLN A 89 2.51 7.07 6.41
N CYS A 90 2.31 6.41 5.28
CA CYS A 90 3.30 6.35 4.20
C CYS A 90 2.63 6.61 2.86
N ASN A 91 3.41 6.92 1.84
CA ASN A 91 2.85 7.29 0.54
C ASN A 91 3.75 6.82 -0.61
N LEU A 92 3.16 6.14 -1.57
CA LEU A 92 3.91 5.54 -2.68
C LEU A 92 4.35 6.60 -3.68
N ASP A 93 5.59 6.49 -4.12
CA ASP A 93 6.09 7.29 -5.23
C ASP A 93 5.76 6.61 -6.55
N PRO A 94 4.84 7.19 -7.34
CA PRO A 94 4.39 6.58 -8.59
C PRO A 94 5.52 6.37 -9.60
N GLU A 95 6.61 7.08 -9.38
CA GLU A 95 7.79 6.96 -10.22
C GLU A 95 8.61 5.72 -9.84
N THR A 96 8.08 4.89 -8.96
CA THR A 96 8.72 3.64 -8.60
C THR A 96 8.01 2.43 -9.22
N VAL A 97 6.77 2.65 -9.65
CA VAL A 97 5.88 1.63 -10.25
C VAL A 97 6.54 0.76 -11.33
N LYS A 98 7.53 1.30 -12.04
CA LYS A 98 8.07 0.61 -13.22
C LYS A 98 8.69 -0.73 -12.86
N LEU A 99 7.85 -1.77 -12.91
CA LEU A 99 8.28 -3.15 -12.79
C LEU A 99 8.74 -3.51 -11.38
N GLU A 100 9.83 -2.90 -10.95
CA GLU A 100 10.41 -3.20 -9.66
C GLU A 100 10.18 -2.07 -8.68
N HIS A 101 9.69 -2.41 -7.50
CA HIS A 101 9.40 -1.43 -6.48
C HIS A 101 10.50 -1.45 -5.42
N MET A 1 2.86 -2.22 17.86
CA MET A 1 3.97 -1.45 17.24
C MET A 1 4.08 -1.82 15.77
N VAL A 2 3.59 -0.94 14.90
CA VAL A 2 3.53 -1.24 13.48
C VAL A 2 4.33 -0.20 12.67
N GLN A 3 4.82 -0.64 11.52
CA GLN A 3 5.55 0.19 10.58
C GLN A 3 4.79 0.20 9.27
N CYS A 4 5.12 1.07 8.34
CA CYS A 4 4.40 1.09 7.09
C CYS A 4 5.28 1.55 5.93
N GLU A 5 4.96 1.02 4.77
CA GLU A 5 5.63 1.35 3.52
C GLU A 5 4.58 1.31 2.42
N VAL A 6 4.99 1.66 1.21
CA VAL A 6 4.06 1.72 0.10
C VAL A 6 4.64 1.12 -1.18
N GLU A 7 4.06 0.01 -1.58
CA GLU A 7 4.57 -0.78 -2.67
C GLU A 7 3.62 -0.81 -3.83
N ALA A 8 4.18 -1.15 -4.97
CA ALA A 8 3.41 -1.44 -6.15
C ALA A 8 4.00 -2.70 -6.77
N ALA A 9 3.18 -3.72 -6.98
CA ALA A 9 3.66 -5.00 -7.45
C ALA A 9 3.24 -5.23 -8.89
N VAL A 10 4.19 -5.10 -9.80
CA VAL A 10 3.87 -5.16 -11.21
C VAL A 10 3.96 -6.57 -11.75
N SER A 11 2.88 -7.00 -12.38
CA SER A 11 2.78 -8.29 -13.01
C SER A 11 2.67 -8.10 -14.52
N GLY A 12 2.63 -9.20 -15.27
CA GLY A 12 2.53 -9.11 -16.72
C GLY A 12 1.20 -8.55 -17.19
N GLY A 13 1.15 -7.24 -17.36
CA GLY A 13 -0.06 -6.60 -17.87
C GLY A 13 -0.87 -5.90 -16.79
N HIS A 14 -0.58 -6.20 -15.53
CA HIS A 14 -1.33 -5.62 -14.42
C HIS A 14 -0.39 -5.22 -13.29
N VAL A 15 -0.82 -4.27 -12.48
CA VAL A 15 -0.02 -3.85 -11.34
C VAL A 15 -0.86 -3.92 -10.06
N THR A 16 -0.41 -4.73 -9.13
CA THR A 16 -1.10 -4.91 -7.86
C THR A 16 -0.47 -4.00 -6.82
N LEU A 17 -1.23 -3.07 -6.30
CA LEU A 17 -0.66 -2.08 -5.42
C LEU A 17 -1.13 -2.28 -3.99
N GLN A 18 -0.18 -2.23 -3.07
CA GLN A 18 -0.44 -2.40 -1.65
C GLN A 18 0.76 -1.91 -0.84
N GLY A 19 0.50 -1.38 0.36
CA GLY A 19 1.57 -0.82 1.18
C GLY A 19 2.11 -1.83 2.19
N VAL A 20 3.43 -1.96 2.28
CA VAL A 20 4.04 -2.94 3.17
C VAL A 20 4.19 -2.44 4.59
N ILE A 21 3.39 -3.00 5.44
CA ILE A 21 3.42 -2.75 6.86
C ILE A 21 4.32 -3.76 7.55
N THR A 22 5.48 -3.36 7.96
CA THR A 22 6.24 -4.21 8.83
C THR A 22 5.71 -4.01 10.23
N ALA A 23 5.51 -5.06 10.96
CA ALA A 23 4.98 -4.89 12.27
C ALA A 23 5.93 -5.50 13.27
N VAL A 24 6.42 -4.68 14.18
CA VAL A 24 7.43 -5.13 15.13
C VAL A 24 6.86 -6.10 16.16
N ARG A 25 5.55 -6.26 16.18
CA ARG A 25 4.93 -7.16 17.13
C ARG A 25 3.92 -8.07 16.45
N ASP A 26 3.95 -9.34 16.80
CA ASP A 26 3.07 -10.34 16.22
C ASP A 26 1.67 -10.20 16.79
N GLY A 27 0.70 -10.69 16.03
CA GLY A 27 -0.68 -10.59 16.43
C GLY A 27 -1.49 -10.02 15.31
N ALA A 28 -2.44 -9.17 15.65
CA ALA A 28 -3.26 -8.51 14.66
C ALA A 28 -3.34 -7.03 14.96
N GLY A 29 -3.25 -6.20 13.93
CA GLY A 29 -3.29 -4.77 14.12
C GLY A 29 -4.23 -4.14 13.13
N SER A 30 -4.37 -2.83 13.22
CA SER A 30 -5.32 -2.14 12.36
C SER A 30 -4.64 -1.00 11.61
N TYR A 31 -4.99 -0.88 10.34
CA TYR A 31 -4.37 0.07 9.43
C TYR A 31 -5.29 0.39 8.26
N LYS A 32 -4.99 1.47 7.56
CA LYS A 32 -5.84 1.97 6.48
C LYS A 32 -5.01 2.35 5.27
N LEU A 33 -5.16 1.60 4.19
CA LEU A 33 -4.43 1.87 2.96
C LEU A 33 -5.36 2.49 1.93
N ALA A 34 -4.90 3.56 1.32
CA ALA A 34 -5.63 4.20 0.25
C ALA A 34 -4.71 4.40 -0.96
N VAL A 35 -5.18 4.02 -2.13
CA VAL A 35 -4.39 4.16 -3.34
C VAL A 35 -4.96 5.27 -4.22
N ASP A 36 -4.07 6.06 -4.77
CA ASP A 36 -4.43 7.17 -5.64
C ASP A 36 -4.02 6.83 -7.06
N LYS A 37 -4.99 6.66 -7.94
CA LYS A 37 -4.71 6.34 -9.31
C LYS A 37 -5.21 7.44 -10.24
N ALA A 38 -4.38 7.81 -11.22
CA ALA A 38 -4.73 8.84 -12.17
C ALA A 38 -4.09 8.56 -13.52
N GLY A 39 -4.90 8.13 -14.46
CA GLY A 39 -4.39 7.86 -15.79
C GLY A 39 -5.14 8.63 -16.84
N ALA A 40 -4.94 8.27 -18.10
CA ALA A 40 -5.62 8.93 -19.21
C ALA A 40 -7.12 8.68 -19.14
N ALA A 41 -7.50 7.61 -18.45
CA ALA A 41 -8.90 7.28 -18.28
C ALA A 41 -9.53 8.03 -17.11
N GLY A 42 -8.72 8.84 -16.43
CA GLY A 42 -9.22 9.64 -15.33
C GLY A 42 -8.64 9.23 -14.00
N THR A 43 -9.18 9.79 -12.92
CA THR A 43 -8.73 9.49 -11.58
C THR A 43 -9.65 8.49 -10.91
N SER A 44 -9.15 7.80 -9.89
CA SER A 44 -9.96 6.84 -9.16
C SER A 44 -9.50 6.78 -7.69
N ARG A 45 -10.45 6.51 -6.80
CA ARG A 45 -10.18 6.53 -5.37
C ARG A 45 -10.26 5.12 -4.80
N ILE A 46 -9.11 4.60 -4.36
CA ILE A 46 -9.06 3.31 -3.70
C ILE A 46 -8.88 3.49 -2.20
N LYS A 47 -9.85 3.07 -1.41
CA LYS A 47 -9.77 3.17 0.03
C LYS A 47 -10.09 1.84 0.70
N GLN A 48 -9.11 1.28 1.39
CA GLN A 48 -9.30 0.04 2.11
C GLN A 48 -8.78 0.17 3.53
N ALA A 49 -9.68 0.08 4.50
CA ALA A 49 -9.31 0.24 5.89
C ALA A 49 -9.88 -0.88 6.75
N GLY A 50 -9.13 -1.28 7.76
CA GLY A 50 -9.59 -2.33 8.65
C GLY A 50 -8.47 -2.84 9.53
N ALA A 51 -8.49 -4.13 9.80
CA ALA A 51 -7.48 -4.76 10.62
C ALA A 51 -7.08 -6.10 10.03
N PHE A 52 -5.81 -6.42 10.12
CA PHE A 52 -5.29 -7.64 9.55
C PHE A 52 -4.25 -8.23 10.51
N THR A 53 -3.74 -9.40 10.20
CA THR A 53 -2.79 -10.06 11.05
C THR A 53 -1.37 -9.61 10.70
N ALA A 54 -0.58 -9.30 11.72
CA ALA A 54 0.75 -8.78 11.50
C ALA A 54 1.76 -9.43 12.43
N ILE A 55 2.74 -10.08 11.83
CA ILE A 55 3.80 -10.75 12.57
C ILE A 55 4.95 -9.80 12.88
N ALA A 56 5.55 -9.99 14.05
CA ALA A 56 6.63 -9.14 14.51
C ALA A 56 7.85 -9.22 13.60
N GLU A 57 8.31 -8.06 13.16
CA GLU A 57 9.47 -7.92 12.31
C GLU A 57 9.23 -8.59 10.97
N GLN A 58 7.95 -8.73 10.65
CA GLN A 58 7.49 -9.29 9.41
C GLN A 58 6.75 -8.25 8.62
N ARG A 59 6.95 -8.31 7.34
CA ARG A 59 6.27 -7.44 6.41
C ARG A 59 4.87 -7.92 6.15
N VAL A 60 3.93 -7.00 6.26
CA VAL A 60 2.54 -7.27 5.99
C VAL A 60 2.04 -6.27 4.96
N THR A 61 1.77 -6.71 3.76
CA THR A 61 1.40 -5.78 2.72
C THR A 61 -0.12 -5.60 2.72
N VAL A 62 -0.53 -4.35 2.76
CA VAL A 62 -1.91 -4.02 3.01
C VAL A 62 -2.52 -3.15 1.93
N GLY A 63 -3.75 -3.45 1.55
CA GLY A 63 -4.45 -2.65 0.57
C GLY A 63 -4.34 -3.22 -0.81
N ASN A 64 -4.46 -4.53 -0.89
CA ASN A 64 -4.26 -5.25 -2.14
C ASN A 64 -5.33 -4.88 -3.15
N VAL A 65 -4.94 -4.12 -4.15
CA VAL A 65 -5.81 -3.78 -5.26
C VAL A 65 -5.03 -3.89 -6.57
N VAL A 66 -5.67 -4.41 -7.61
CA VAL A 66 -4.98 -4.63 -8.86
C VAL A 66 -5.43 -3.65 -9.92
N LEU A 67 -4.45 -2.94 -10.49
CA LEU A 67 -4.66 -1.97 -11.53
C LEU A 67 -4.14 -2.52 -12.85
N ASP A 68 -4.46 -1.86 -13.95
CA ASP A 68 -3.79 -2.17 -15.21
C ASP A 68 -2.38 -1.59 -15.15
N TYR A 69 -1.40 -2.32 -15.67
CA TYR A 69 -0.02 -1.87 -15.55
C TYR A 69 0.33 -0.88 -16.64
N SER A 70 0.74 0.31 -16.21
CA SER A 70 1.31 1.28 -17.12
C SER A 70 2.42 2.04 -16.41
N SER A 71 3.61 2.01 -16.98
CA SER A 71 4.77 2.67 -16.37
C SER A 71 4.60 4.18 -16.38
N ALA A 72 3.70 4.66 -17.24
CA ALA A 72 3.41 6.08 -17.34
C ALA A 72 2.09 6.42 -16.65
N ASN A 73 1.60 5.49 -15.85
CA ASN A 73 0.35 5.71 -15.13
C ASN A 73 0.65 6.26 -13.74
N ARG A 74 -0.14 7.22 -13.29
CA ARG A 74 0.03 7.76 -11.96
C ARG A 74 -0.63 6.84 -10.94
N TYR A 75 0.20 6.15 -10.19
CA TYR A 75 -0.26 5.32 -9.11
C TYR A 75 0.48 5.68 -7.85
N ALA A 76 -0.24 6.18 -6.89
CA ALA A 76 0.33 6.50 -5.60
C ALA A 76 -0.47 5.84 -4.52
N ALA A 77 0.05 5.83 -3.32
CA ALA A 77 -0.61 5.17 -2.23
C ALA A 77 -0.36 5.94 -0.95
N ARG A 78 -1.17 5.65 0.04
CA ARG A 78 -1.01 6.24 1.35
C ARG A 78 -1.57 5.26 2.37
N LEU A 79 -0.78 4.95 3.37
CA LEU A 79 -1.25 4.02 4.38
C LEU A 79 -1.08 4.63 5.75
N ASP A 80 -2.18 4.71 6.47
CA ASP A 80 -2.18 5.15 7.84
C ASP A 80 -2.28 3.94 8.75
N VAL A 81 -1.31 3.74 9.59
CA VAL A 81 -1.39 2.65 10.54
C VAL A 81 -1.64 3.19 11.92
N SER A 82 -2.85 3.02 12.40
CA SER A 82 -3.25 3.48 13.70
C SER A 82 -3.81 2.33 14.52
N PHE A 83 -3.01 1.85 15.45
CA PHE A 83 -3.38 0.70 16.26
C PHE A 83 -2.86 0.87 17.69
N GLY A 84 -3.72 1.40 18.55
CA GLY A 84 -3.36 1.60 19.93
C GLY A 84 -2.25 2.61 20.11
N SER A 85 -1.05 2.15 20.35
CA SER A 85 0.08 3.02 20.59
C SER A 85 0.78 3.43 19.29
N VAL A 86 0.48 2.74 18.21
CA VAL A 86 1.08 3.06 16.93
C VAL A 86 0.16 3.93 16.08
N THR A 87 0.74 4.97 15.48
CA THR A 87 0.04 5.77 14.50
C THR A 87 1.05 6.38 13.54
N ILE A 88 0.95 6.00 12.27
CA ILE A 88 1.95 6.35 11.26
C ILE A 88 1.30 6.43 9.89
N GLN A 89 2.02 6.97 8.92
CA GLN A 89 1.52 7.00 7.55
C GLN A 89 2.68 6.97 6.55
N CYS A 90 2.36 6.61 5.31
CA CYS A 90 3.35 6.56 4.22
C CYS A 90 2.66 6.81 2.89
N ASN A 91 3.42 7.09 1.85
CA ASN A 91 2.87 7.45 0.54
C ASN A 91 3.72 6.91 -0.61
N LEU A 92 3.07 6.25 -1.58
CA LEU A 92 3.78 5.66 -2.70
C LEU A 92 4.22 6.71 -3.71
N ASP A 93 5.45 6.58 -4.17
CA ASP A 93 5.96 7.42 -5.25
C ASP A 93 5.63 6.76 -6.58
N PRO A 94 4.73 7.35 -7.38
CA PRO A 94 4.30 6.76 -8.66
C PRO A 94 5.47 6.49 -9.61
N GLU A 95 6.55 7.23 -9.43
CA GLU A 95 7.75 7.06 -10.21
C GLU A 95 8.51 5.80 -9.79
N THR A 96 7.91 4.99 -8.93
CA THR A 96 8.51 3.73 -8.55
C THR A 96 7.76 2.53 -9.13
N VAL A 97 6.57 2.79 -9.68
CA VAL A 97 5.70 1.77 -10.29
C VAL A 97 6.42 0.92 -11.34
N LYS A 98 7.54 1.38 -11.88
CA LYS A 98 8.19 0.67 -12.98
C LYS A 98 8.93 -0.55 -12.47
N LEU A 99 8.15 -1.59 -12.16
CA LEU A 99 8.68 -2.91 -11.84
C LEU A 99 9.32 -2.97 -10.46
N GLU A 100 10.28 -2.11 -10.21
CA GLU A 100 10.98 -2.07 -8.94
C GLU A 100 11.57 -0.68 -8.71
N HIS A 101 11.67 -0.29 -7.44
CA HIS A 101 12.33 0.96 -7.08
C HIS A 101 13.78 0.68 -6.73
N MET A 1 4.55 -1.66 18.19
CA MET A 1 4.56 -0.59 17.17
C MET A 1 4.48 -1.19 15.77
N VAL A 2 3.55 -0.69 14.97
CA VAL A 2 3.46 -1.08 13.58
C VAL A 2 4.25 -0.10 12.71
N GLN A 3 4.70 -0.58 11.57
CA GLN A 3 5.49 0.17 10.60
C GLN A 3 4.74 0.17 9.29
N CYS A 4 5.14 1.01 8.34
CA CYS A 4 4.46 1.02 7.07
C CYS A 4 5.34 1.50 5.94
N GLU A 5 5.11 0.90 4.79
CA GLU A 5 5.78 1.21 3.54
C GLU A 5 4.73 1.10 2.43
N VAL A 6 5.11 1.42 1.22
CA VAL A 6 4.20 1.38 0.11
C VAL A 6 4.85 0.72 -1.09
N GLU A 7 4.08 -0.10 -1.76
CA GLU A 7 4.60 -0.91 -2.85
C GLU A 7 3.65 -0.95 -4.03
N ALA A 8 4.23 -1.13 -5.20
CA ALA A 8 3.47 -1.38 -6.39
C ALA A 8 4.05 -2.62 -7.06
N ALA A 9 3.21 -3.61 -7.30
CA ALA A 9 3.68 -4.88 -7.84
C ALA A 9 3.23 -5.05 -9.28
N VAL A 10 4.14 -4.87 -10.21
CA VAL A 10 3.80 -4.99 -11.60
C VAL A 10 3.77 -6.44 -12.05
N SER A 11 2.65 -6.83 -12.62
CA SER A 11 2.49 -8.14 -13.20
C SER A 11 2.10 -7.97 -14.67
N GLY A 12 1.95 -9.08 -15.39
CA GLY A 12 1.64 -9.01 -16.81
C GLY A 12 0.37 -8.22 -17.11
N GLY A 13 0.54 -6.99 -17.56
CA GLY A 13 -0.58 -6.18 -18.00
C GLY A 13 -1.27 -5.45 -16.87
N HIS A 14 -0.99 -5.84 -15.63
CA HIS A 14 -1.69 -5.28 -14.49
C HIS A 14 -0.74 -5.03 -13.34
N VAL A 15 -0.88 -3.88 -12.70
CA VAL A 15 -0.05 -3.53 -11.58
C VAL A 15 -0.84 -3.62 -10.29
N THR A 16 -0.42 -4.49 -9.41
CA THR A 16 -1.09 -4.71 -8.14
C THR A 16 -0.42 -3.89 -7.07
N LEU A 17 -1.15 -2.96 -6.50
CA LEU A 17 -0.54 -1.99 -5.61
C LEU A 17 -1.01 -2.19 -4.18
N GLN A 18 -0.07 -2.13 -3.23
CA GLN A 18 -0.35 -2.37 -1.83
C GLN A 18 0.55 -1.51 -0.94
N GLY A 19 0.31 -1.55 0.36
CA GLY A 19 1.23 -0.92 1.30
C GLY A 19 1.76 -1.92 2.30
N VAL A 20 3.08 -2.03 2.40
CA VAL A 20 3.70 -3.02 3.27
C VAL A 20 3.87 -2.51 4.69
N ILE A 21 3.25 -3.20 5.60
CA ILE A 21 3.30 -2.88 7.01
C ILE A 21 4.24 -3.82 7.74
N THR A 22 5.39 -3.35 8.12
CA THR A 22 6.22 -4.12 9.01
C THR A 22 5.64 -3.97 10.40
N ALA A 23 5.51 -5.03 11.13
CA ALA A 23 4.97 -4.90 12.46
C ALA A 23 5.92 -5.48 13.45
N VAL A 24 6.38 -4.69 14.39
CA VAL A 24 7.44 -5.13 15.30
C VAL A 24 6.98 -6.22 16.27
N ARG A 25 5.68 -6.48 16.36
CA ARG A 25 5.20 -7.48 17.30
C ARG A 25 4.14 -8.39 16.68
N ASP A 26 4.31 -9.70 16.93
CA ASP A 26 3.38 -10.71 16.46
C ASP A 26 2.01 -10.51 17.09
N GLY A 27 1.00 -10.46 16.25
CA GLY A 27 -0.35 -10.31 16.72
C GLY A 27 -1.24 -9.79 15.63
N ALA A 28 -2.15 -8.90 15.99
CA ALA A 28 -3.04 -8.30 15.01
C ALA A 28 -3.21 -6.82 15.28
N GLY A 29 -3.33 -6.04 14.22
CA GLY A 29 -3.47 -4.62 14.36
C GLY A 29 -4.46 -4.06 13.36
N SER A 30 -4.60 -2.77 13.32
CA SER A 30 -5.53 -2.14 12.41
C SER A 30 -4.85 -1.01 11.64
N TYR A 31 -5.14 -0.95 10.35
CA TYR A 31 -4.50 0.00 9.46
C TYR A 31 -5.36 0.29 8.22
N LYS A 32 -5.07 1.39 7.55
CA LYS A 32 -5.90 1.90 6.47
C LYS A 32 -5.06 2.25 5.24
N LEU A 33 -5.21 1.48 4.18
CA LEU A 33 -4.47 1.73 2.95
C LEU A 33 -5.36 2.42 1.92
N ALA A 34 -4.84 3.47 1.31
CA ALA A 34 -5.54 4.16 0.26
C ALA A 34 -4.63 4.38 -0.94
N VAL A 35 -5.11 4.04 -2.13
CA VAL A 35 -4.33 4.19 -3.35
C VAL A 35 -4.87 5.35 -4.17
N ASP A 36 -3.97 6.12 -4.76
CA ASP A 36 -4.33 7.26 -5.59
C ASP A 36 -3.88 7.00 -7.02
N LYS A 37 -4.82 6.89 -7.92
CA LYS A 37 -4.53 6.64 -9.31
C LYS A 37 -4.88 7.83 -10.17
N ALA A 38 -4.01 8.13 -11.12
CA ALA A 38 -4.23 9.24 -12.03
C ALA A 38 -3.60 8.94 -13.38
N GLY A 39 -4.42 8.92 -14.41
CA GLY A 39 -3.94 8.63 -15.74
C GLY A 39 -4.80 9.29 -16.80
N ALA A 40 -4.67 8.82 -18.03
CA ALA A 40 -5.51 9.32 -19.12
C ALA A 40 -6.96 8.90 -18.91
N ALA A 41 -7.16 7.92 -18.05
CA ALA A 41 -8.49 7.44 -17.70
C ALA A 41 -9.03 8.17 -16.48
N GLY A 42 -8.36 9.25 -16.10
CA GLY A 42 -8.81 10.04 -14.98
C GLY A 42 -8.17 9.65 -13.68
N THR A 43 -8.67 10.22 -12.60
CA THR A 43 -8.16 9.96 -11.27
C THR A 43 -9.11 9.04 -10.52
N SER A 44 -8.56 8.09 -9.75
CA SER A 44 -9.39 7.24 -8.93
C SER A 44 -8.80 7.11 -7.53
N ARG A 45 -9.63 7.32 -6.53
CA ARG A 45 -9.20 7.15 -5.15
C ARG A 45 -9.72 5.84 -4.62
N ILE A 46 -8.79 5.01 -4.19
CA ILE A 46 -9.12 3.68 -3.72
C ILE A 46 -8.84 3.57 -2.22
N LYS A 47 -9.84 3.13 -1.46
CA LYS A 47 -9.69 2.99 -0.02
C LYS A 47 -9.95 1.56 0.43
N GLN A 48 -9.08 1.05 1.29
CA GLN A 48 -9.31 -0.20 2.01
C GLN A 48 -8.82 -0.05 3.44
N ALA A 49 -9.75 -0.12 4.38
CA ALA A 49 -9.41 0.05 5.78
C ALA A 49 -9.99 -1.07 6.63
N GLY A 50 -9.29 -1.44 7.67
CA GLY A 50 -9.72 -2.52 8.53
C GLY A 50 -8.62 -2.99 9.44
N ALA A 51 -8.64 -4.27 9.78
CA ALA A 51 -7.66 -4.84 10.66
C ALA A 51 -7.20 -6.20 10.14
N PHE A 52 -5.93 -6.49 10.31
CA PHE A 52 -5.35 -7.72 9.81
C PHE A 52 -4.26 -8.21 10.77
N THR A 53 -3.76 -9.40 10.54
CA THR A 53 -2.81 -10.02 11.44
C THR A 53 -1.38 -9.67 11.02
N ALA A 54 -0.53 -9.35 11.98
CA ALA A 54 0.81 -8.90 11.67
C ALA A 54 1.86 -9.64 12.50
N ILE A 55 2.98 -9.96 11.87
CA ILE A 55 4.07 -10.69 12.51
C ILE A 55 5.20 -9.75 12.85
N ALA A 56 5.83 -10.00 14.00
CA ALA A 56 6.90 -9.13 14.50
C ALA A 56 8.09 -9.08 13.56
N GLU A 57 8.39 -7.86 13.13
CA GLU A 57 9.51 -7.57 12.25
C GLU A 57 9.34 -8.29 10.93
N GLN A 58 8.07 -8.57 10.63
CA GLN A 58 7.66 -9.13 9.38
C GLN A 58 6.89 -8.10 8.61
N ARG A 59 6.98 -8.20 7.33
CA ARG A 59 6.26 -7.34 6.44
C ARG A 59 4.86 -7.87 6.19
N VAL A 60 3.88 -7.01 6.38
CA VAL A 60 2.50 -7.35 6.15
C VAL A 60 1.92 -6.42 5.10
N THR A 61 1.65 -6.93 3.92
CA THR A 61 1.22 -6.07 2.85
C THR A 61 -0.28 -5.89 2.89
N VAL A 62 -0.69 -4.64 2.89
CA VAL A 62 -2.05 -4.29 3.13
C VAL A 62 -2.64 -3.45 2.00
N GLY A 63 -3.89 -3.73 1.66
CA GLY A 63 -4.58 -2.97 0.63
C GLY A 63 -4.20 -3.41 -0.76
N ASN A 64 -4.60 -4.62 -1.13
CA ASN A 64 -4.32 -5.13 -2.46
C ASN A 64 -5.29 -4.54 -3.46
N VAL A 65 -4.77 -3.67 -4.31
CA VAL A 65 -5.55 -3.04 -5.35
C VAL A 65 -4.87 -3.23 -6.69
N VAL A 66 -5.56 -3.85 -7.63
CA VAL A 66 -4.98 -4.12 -8.93
C VAL A 66 -5.42 -3.08 -9.95
N LEU A 67 -4.43 -2.42 -10.54
CA LEU A 67 -4.65 -1.43 -11.57
C LEU A 67 -4.19 -2.00 -12.90
N ASP A 68 -4.56 -1.36 -14.00
CA ASP A 68 -3.97 -1.70 -15.29
C ASP A 68 -2.55 -1.13 -15.33
N TYR A 69 -1.60 -1.95 -15.72
CA TYR A 69 -0.21 -1.56 -15.63
C TYR A 69 0.19 -0.62 -16.76
N SER A 70 0.65 0.56 -16.38
CA SER A 70 1.22 1.50 -17.30
C SER A 70 2.40 2.21 -16.63
N SER A 71 3.56 2.14 -17.26
CA SER A 71 4.77 2.73 -16.72
C SER A 71 4.65 4.26 -16.66
N ALA A 72 3.85 4.82 -17.56
CA ALA A 72 3.66 6.25 -17.64
C ALA A 72 2.42 6.69 -16.87
N ASN A 73 1.84 5.78 -16.10
CA ASN A 73 0.64 6.07 -15.33
C ASN A 73 1.01 6.52 -13.93
N ARG A 74 0.19 7.37 -13.34
CA ARG A 74 0.43 7.83 -11.99
C ARG A 74 -0.34 6.95 -11.01
N TYR A 75 0.40 6.16 -10.25
CA TYR A 75 -0.18 5.32 -9.22
C TYR A 75 0.56 5.56 -7.92
N ALA A 76 -0.14 6.12 -6.96
CA ALA A 76 0.45 6.38 -5.66
C ALA A 76 -0.37 5.72 -4.58
N ALA A 77 0.16 5.67 -3.39
CA ALA A 77 -0.49 4.99 -2.30
C ALA A 77 -0.21 5.72 -1.01
N ARG A 78 -0.99 5.40 0.00
CA ARG A 78 -0.81 5.96 1.31
C ARG A 78 -1.42 5.01 2.33
N LEU A 79 -0.64 4.60 3.31
CA LEU A 79 -1.16 3.72 4.32
C LEU A 79 -0.99 4.36 5.68
N ASP A 80 -2.11 4.51 6.36
CA ASP A 80 -2.11 5.03 7.71
C ASP A 80 -2.28 3.86 8.67
N VAL A 81 -1.35 3.68 9.56
CA VAL A 81 -1.48 2.63 10.55
C VAL A 81 -1.77 3.26 11.89
N SER A 82 -3.01 3.16 12.32
CA SER A 82 -3.44 3.70 13.59
C SER A 82 -4.09 2.60 14.42
N PHE A 83 -3.33 2.11 15.39
CA PHE A 83 -3.77 1.00 16.21
C PHE A 83 -3.26 1.16 17.64
N GLY A 84 -4.09 1.77 18.48
CA GLY A 84 -3.74 1.94 19.87
C GLY A 84 -2.56 2.86 20.06
N SER A 85 -1.40 2.28 20.33
CA SER A 85 -0.20 3.06 20.62
C SER A 85 0.53 3.49 19.35
N VAL A 86 0.17 2.89 18.23
CA VAL A 86 0.83 3.22 16.98
C VAL A 86 -0.06 4.07 16.08
N THR A 87 0.54 5.07 15.45
CA THR A 87 -0.12 5.83 14.40
C THR A 87 0.93 6.41 13.45
N ILE A 88 0.86 6.00 12.20
CA ILE A 88 1.87 6.33 11.19
C ILE A 88 1.25 6.39 9.82
N GLN A 89 1.97 6.92 8.86
CA GLN A 89 1.53 6.87 7.47
C GLN A 89 2.72 6.89 6.50
N CYS A 90 2.47 6.42 5.29
CA CYS A 90 3.47 6.40 4.22
C CYS A 90 2.78 6.63 2.90
N ASN A 91 3.54 6.96 1.85
CA ASN A 91 2.97 7.25 0.55
C ASN A 91 3.86 6.74 -0.57
N LEU A 92 3.23 6.15 -1.60
CA LEU A 92 3.95 5.56 -2.72
C LEU A 92 4.41 6.63 -3.72
N ASP A 93 5.63 6.47 -4.20
CA ASP A 93 6.14 7.27 -5.30
C ASP A 93 5.67 6.67 -6.61
N PRO A 94 4.75 7.33 -7.31
CA PRO A 94 4.14 6.79 -8.53
C PRO A 94 5.15 6.47 -9.63
N GLU A 95 6.33 7.09 -9.54
CA GLU A 95 7.37 6.89 -10.52
C GLU A 95 8.18 5.63 -10.21
N THR A 96 7.81 4.93 -9.15
CA THR A 96 8.48 3.69 -8.80
C THR A 96 7.73 2.47 -9.33
N VAL A 97 6.52 2.71 -9.82
CA VAL A 97 5.72 1.72 -10.56
C VAL A 97 6.52 1.11 -11.73
N LYS A 98 7.67 1.69 -12.03
CA LYS A 98 8.47 1.26 -13.16
C LYS A 98 9.15 -0.07 -12.88
N LEU A 99 8.34 -1.13 -12.87
CA LEU A 99 8.81 -2.51 -12.82
C LEU A 99 9.36 -2.91 -11.47
N GLU A 100 10.40 -2.22 -11.02
CA GLU A 100 11.01 -2.49 -9.73
C GLU A 100 11.85 -1.29 -9.29
N HIS A 101 12.96 -1.07 -9.96
CA HIS A 101 13.85 0.03 -9.64
C HIS A 101 14.67 0.41 -10.87
N MET A 1 4.24 -1.64 18.27
CA MET A 1 4.27 -0.56 17.26
C MET A 1 4.34 -1.14 15.85
N VAL A 2 3.52 -0.60 14.97
CA VAL A 2 3.52 -1.03 13.58
C VAL A 2 4.31 -0.03 12.74
N GLN A 3 4.81 -0.49 11.59
CA GLN A 3 5.61 0.31 10.68
C GLN A 3 4.93 0.29 9.33
N CYS A 4 5.34 1.14 8.42
CA CYS A 4 4.66 1.17 7.15
C CYS A 4 5.59 1.44 5.98
N GLU A 5 5.14 0.99 4.83
CA GLU A 5 5.78 1.19 3.54
C GLU A 5 4.72 1.08 2.47
N VAL A 6 5.11 1.30 1.23
CA VAL A 6 4.18 1.29 0.12
C VAL A 6 4.82 0.65 -1.10
N GLU A 7 4.15 -0.35 -1.64
CA GLU A 7 4.68 -1.07 -2.78
C GLU A 7 3.70 -1.12 -3.94
N ALA A 8 4.26 -1.29 -5.11
CA ALA A 8 3.50 -1.52 -6.32
C ALA A 8 4.05 -2.77 -6.99
N ALA A 9 3.20 -3.74 -7.27
CA ALA A 9 3.65 -5.01 -7.82
C ALA A 9 3.21 -5.14 -9.28
N VAL A 10 4.15 -4.97 -10.19
CA VAL A 10 3.83 -5.02 -11.61
C VAL A 10 3.88 -6.44 -12.14
N SER A 11 2.78 -6.85 -12.74
CA SER A 11 2.70 -8.12 -13.43
C SER A 11 2.28 -7.89 -14.87
N GLY A 12 2.20 -8.94 -15.66
CA GLY A 12 1.86 -8.82 -17.07
C GLY A 12 0.59 -8.01 -17.32
N GLY A 13 0.77 -6.77 -17.76
CA GLY A 13 -0.36 -5.93 -18.16
C GLY A 13 -1.11 -5.31 -16.99
N HIS A 14 -0.83 -5.76 -15.78
CA HIS A 14 -1.59 -5.29 -14.61
C HIS A 14 -0.65 -5.05 -13.44
N VAL A 15 -0.89 -3.96 -12.74
CA VAL A 15 -0.06 -3.61 -11.59
C VAL A 15 -0.88 -3.72 -10.31
N THR A 16 -0.45 -4.60 -9.42
CA THR A 16 -1.13 -4.79 -8.16
C THR A 16 -0.44 -3.96 -7.08
N LEU A 17 -1.16 -3.01 -6.53
CA LEU A 17 -0.55 -2.07 -5.62
C LEU A 17 -1.05 -2.30 -4.20
N GLN A 18 -0.11 -2.36 -3.26
CA GLN A 18 -0.43 -2.64 -1.87
C GLN A 18 0.66 -2.07 -0.96
N GLY A 19 0.27 -1.56 0.20
CA GLY A 19 1.24 -0.97 1.11
C GLY A 19 1.77 -1.97 2.12
N VAL A 20 3.09 -2.04 2.26
CA VAL A 20 3.70 -3.00 3.17
C VAL A 20 3.86 -2.44 4.56
N ILE A 21 3.16 -3.03 5.47
CA ILE A 21 3.25 -2.70 6.87
C ILE A 21 4.21 -3.65 7.57
N THR A 22 5.36 -3.17 7.98
CA THR A 22 6.18 -3.98 8.83
C THR A 22 5.66 -3.83 10.24
N ALA A 23 5.50 -4.89 10.95
CA ALA A 23 4.99 -4.78 12.28
C ALA A 23 5.96 -5.38 13.25
N VAL A 24 6.45 -4.60 14.18
CA VAL A 24 7.47 -5.07 15.10
C VAL A 24 6.93 -6.08 16.12
N ARG A 25 5.63 -6.32 16.11
CA ARG A 25 5.06 -7.23 17.07
C ARG A 25 4.08 -8.22 16.45
N ASP A 26 4.22 -9.49 16.84
CA ASP A 26 3.35 -10.56 16.37
C ASP A 26 1.95 -10.40 16.95
N GLY A 27 0.95 -10.49 16.10
CA GLY A 27 -0.42 -10.40 16.56
C GLY A 27 -1.32 -9.87 15.47
N ALA A 28 -2.19 -8.94 15.81
CA ALA A 28 -3.08 -8.34 14.85
C ALA A 28 -3.27 -6.87 15.15
N GLY A 29 -3.26 -6.04 14.12
CA GLY A 29 -3.41 -4.62 14.29
C GLY A 29 -4.39 -4.06 13.29
N SER A 30 -4.58 -2.76 13.32
CA SER A 30 -5.52 -2.13 12.43
C SER A 30 -4.85 -0.99 11.68
N TYR A 31 -5.15 -0.90 10.39
CA TYR A 31 -4.51 0.05 9.50
C TYR A 31 -5.39 0.37 8.30
N LYS A 32 -5.07 1.46 7.60
CA LYS A 32 -5.89 1.98 6.52
C LYS A 32 -5.04 2.31 5.30
N LEU A 33 -5.22 1.56 4.23
CA LEU A 33 -4.47 1.80 3.01
C LEU A 33 -5.36 2.46 1.96
N ALA A 34 -4.87 3.56 1.41
CA ALA A 34 -5.56 4.24 0.32
C ALA A 34 -4.64 4.32 -0.88
N VAL A 35 -5.16 4.02 -2.06
CA VAL A 35 -4.39 4.11 -3.28
C VAL A 35 -4.92 5.25 -4.14
N ASP A 36 -4.02 5.96 -4.78
CA ASP A 36 -4.36 7.09 -5.61
C ASP A 36 -3.94 6.83 -7.04
N LYS A 37 -4.91 6.72 -7.94
CA LYS A 37 -4.62 6.39 -9.32
C LYS A 37 -5.06 7.52 -10.23
N ALA A 38 -4.19 7.89 -11.16
CA ALA A 38 -4.49 8.92 -12.14
C ALA A 38 -3.83 8.57 -13.47
N GLY A 39 -4.65 8.41 -14.49
CA GLY A 39 -4.15 8.07 -15.81
C GLY A 39 -4.97 8.72 -16.89
N ALA A 40 -4.83 8.23 -18.11
CA ALA A 40 -5.59 8.77 -19.25
C ALA A 40 -7.08 8.56 -19.05
N ALA A 41 -7.44 7.56 -18.27
CA ALA A 41 -8.85 7.27 -17.98
C ALA A 41 -9.37 8.17 -16.87
N GLY A 42 -8.49 8.99 -16.31
CA GLY A 42 -8.91 9.91 -15.26
C GLY A 42 -8.33 9.54 -13.92
N THR A 43 -8.90 10.11 -12.87
CA THR A 43 -8.43 9.89 -11.52
C THR A 43 -9.40 8.99 -10.74
N SER A 44 -8.87 8.22 -9.80
CA SER A 44 -9.67 7.35 -8.96
C SER A 44 -9.06 7.25 -7.56
N ARG A 45 -9.92 7.27 -6.56
CA ARG A 45 -9.47 7.22 -5.17
C ARG A 45 -9.87 5.89 -4.55
N ILE A 46 -8.88 5.07 -4.23
CA ILE A 46 -9.13 3.74 -3.67
C ILE A 46 -8.86 3.73 -2.17
N LYS A 47 -9.77 3.18 -1.39
CA LYS A 47 -9.59 3.09 0.06
C LYS A 47 -9.91 1.69 0.58
N GLN A 48 -9.01 1.14 1.37
CA GLN A 48 -9.25 -0.12 2.08
C GLN A 48 -8.75 0.00 3.52
N ALA A 49 -9.66 -0.08 4.47
CA ALA A 49 -9.31 0.04 5.87
C ALA A 49 -9.86 -1.11 6.68
N GLY A 50 -9.18 -1.45 7.77
CA GLY A 50 -9.64 -2.53 8.63
C GLY A 50 -8.53 -3.03 9.52
N ALA A 51 -8.62 -4.29 9.91
CA ALA A 51 -7.62 -4.88 10.78
C ALA A 51 -7.22 -6.25 10.26
N PHE A 52 -5.93 -6.52 10.31
CA PHE A 52 -5.39 -7.76 9.78
C PHE A 52 -4.29 -8.27 10.73
N THR A 53 -3.76 -9.44 10.46
CA THR A 53 -2.74 -10.03 11.31
C THR A 53 -1.35 -9.58 10.89
N ALA A 54 -0.52 -9.31 11.87
CA ALA A 54 0.83 -8.83 11.60
C ALA A 54 1.84 -9.62 12.42
N ILE A 55 3.00 -9.84 11.84
CA ILE A 55 4.08 -10.58 12.51
C ILE A 55 5.23 -9.66 12.80
N ALA A 56 5.82 -9.85 13.97
CA ALA A 56 6.91 -8.99 14.44
C ALA A 56 8.10 -9.02 13.49
N GLU A 57 8.48 -7.83 13.04
CA GLU A 57 9.61 -7.63 12.13
C GLU A 57 9.29 -8.22 10.76
N GLN A 58 8.03 -8.56 10.57
CA GLN A 58 7.57 -9.08 9.31
C GLN A 58 6.79 -8.05 8.57
N ARG A 59 6.90 -8.13 7.28
CA ARG A 59 6.19 -7.25 6.39
C ARG A 59 4.81 -7.79 6.10
N VAL A 60 3.82 -6.96 6.32
CA VAL A 60 2.43 -7.29 6.09
C VAL A 60 1.87 -6.35 5.05
N THR A 61 1.58 -6.84 3.87
CA THR A 61 1.11 -5.97 2.84
C THR A 61 -0.38 -5.80 2.91
N VAL A 62 -0.81 -4.56 2.85
CA VAL A 62 -2.17 -4.20 3.11
C VAL A 62 -2.77 -3.36 1.99
N GLY A 63 -4.00 -3.68 1.63
CA GLY A 63 -4.70 -2.94 0.59
C GLY A 63 -4.26 -3.37 -0.80
N ASN A 64 -4.57 -4.60 -1.17
CA ASN A 64 -4.20 -5.11 -2.47
C ASN A 64 -5.20 -4.67 -3.50
N VAL A 65 -4.79 -3.75 -4.35
CA VAL A 65 -5.64 -3.29 -5.44
C VAL A 65 -4.93 -3.51 -6.77
N VAL A 66 -5.66 -3.93 -7.79
CA VAL A 66 -5.03 -4.19 -9.08
C VAL A 66 -5.44 -3.16 -10.12
N LEU A 67 -4.45 -2.45 -10.62
CA LEU A 67 -4.64 -1.44 -11.65
C LEU A 67 -4.16 -1.98 -12.98
N ASP A 68 -4.55 -1.34 -14.08
CA ASP A 68 -3.95 -1.65 -15.36
C ASP A 68 -2.56 -1.04 -15.41
N TYR A 69 -1.57 -1.85 -15.74
CA TYR A 69 -0.17 -1.45 -15.59
C TYR A 69 0.28 -0.47 -16.66
N SER A 70 0.72 0.70 -16.22
CA SER A 70 1.40 1.63 -17.09
C SER A 70 2.50 2.32 -16.29
N SER A 71 3.74 2.21 -16.75
CA SER A 71 4.87 2.77 -16.03
C SER A 71 4.82 4.29 -16.07
N ALA A 72 4.10 4.83 -17.03
CA ALA A 72 3.95 6.27 -17.17
C ALA A 72 2.67 6.76 -16.49
N ASN A 73 1.99 5.87 -15.79
CA ASN A 73 0.74 6.22 -15.13
C ASN A 73 0.99 6.62 -13.69
N ARG A 74 0.15 7.51 -13.18
CA ARG A 74 0.26 7.92 -11.80
C ARG A 74 -0.45 6.93 -10.89
N TYR A 75 0.34 6.19 -10.14
CA TYR A 75 -0.17 5.28 -9.13
C TYR A 75 0.56 5.53 -7.84
N ALA A 76 -0.17 5.99 -6.84
CA ALA A 76 0.41 6.28 -5.55
C ALA A 76 -0.41 5.64 -4.47
N ALA A 77 0.12 5.62 -3.27
CA ALA A 77 -0.53 4.96 -2.17
C ALA A 77 -0.27 5.70 -0.89
N ARG A 78 -1.08 5.44 0.11
CA ARG A 78 -0.94 6.07 1.41
C ARG A 78 -1.53 5.16 2.48
N LEU A 79 -0.72 4.70 3.39
CA LEU A 79 -1.22 3.81 4.42
C LEU A 79 -1.02 4.41 5.78
N ASP A 80 -2.14 4.65 6.45
CA ASP A 80 -2.14 5.09 7.82
C ASP A 80 -2.29 3.89 8.73
N VAL A 81 -1.38 3.72 9.66
CA VAL A 81 -1.50 2.64 10.61
C VAL A 81 -1.77 3.24 11.98
N SER A 82 -3.00 3.10 12.43
CA SER A 82 -3.42 3.64 13.70
C SER A 82 -4.04 2.54 14.55
N PHE A 83 -3.29 2.06 15.52
CA PHE A 83 -3.71 0.96 16.35
C PHE A 83 -3.10 1.06 17.74
N GLY A 84 -3.92 1.37 18.73
CA GLY A 84 -3.45 1.48 20.09
C GLY A 84 -2.45 2.61 20.26
N SER A 85 -1.18 2.26 20.34
CA SER A 85 -0.14 3.25 20.57
C SER A 85 0.52 3.69 19.25
N VAL A 86 0.26 2.96 18.17
CA VAL A 86 0.87 3.28 16.90
C VAL A 86 -0.05 4.14 16.03
N THR A 87 0.50 5.17 15.44
CA THR A 87 -0.17 5.91 14.38
C THR A 87 0.87 6.50 13.43
N ILE A 88 0.82 6.05 12.19
CA ILE A 88 1.84 6.37 11.20
C ILE A 88 1.22 6.40 9.80
N GLN A 89 1.97 6.91 8.83
CA GLN A 89 1.51 6.88 7.46
C GLN A 89 2.70 6.83 6.49
N CYS A 90 2.52 6.10 5.40
CA CYS A 90 3.52 6.03 4.35
C CYS A 90 2.85 6.21 3.00
N ASN A 91 3.58 6.67 2.00
CA ASN A 91 2.99 7.10 0.73
C ASN A 91 3.84 6.67 -0.46
N LEU A 92 3.19 6.07 -1.46
CA LEU A 92 3.89 5.53 -2.61
C LEU A 92 4.31 6.63 -3.58
N ASP A 93 5.54 6.52 -4.07
CA ASP A 93 6.01 7.37 -5.16
C ASP A 93 5.72 6.68 -6.49
N PRO A 94 4.82 7.25 -7.29
CA PRO A 94 4.41 6.64 -8.56
C PRO A 94 5.57 6.48 -9.54
N GLU A 95 6.68 7.13 -9.23
CA GLU A 95 7.88 7.02 -10.01
C GLU A 95 8.60 5.71 -9.74
N THR A 96 8.00 4.87 -8.89
CA THR A 96 8.58 3.59 -8.57
C THR A 96 7.84 2.44 -9.27
N VAL A 97 6.58 2.71 -9.63
CA VAL A 97 5.73 1.72 -10.34
C VAL A 97 6.47 0.99 -11.45
N LYS A 98 7.38 1.69 -12.11
CA LYS A 98 8.14 1.13 -13.24
C LYS A 98 8.77 -0.22 -12.91
N LEU A 99 8.01 -1.27 -13.20
CA LEU A 99 8.50 -2.63 -13.10
C LEU A 99 8.90 -2.98 -11.67
N GLU A 100 8.18 -2.44 -10.69
CA GLU A 100 8.44 -2.74 -9.29
C GLU A 100 7.84 -4.10 -8.93
N HIS A 101 8.50 -4.82 -8.01
CA HIS A 101 8.02 -6.11 -7.57
C HIS A 101 7.98 -6.15 -6.05
N MET A 1 4.40 -1.55 18.36
CA MET A 1 3.96 -0.58 17.33
C MET A 1 4.12 -1.18 15.93
N VAL A 2 3.41 -0.61 14.97
CA VAL A 2 3.48 -1.04 13.59
C VAL A 2 4.29 -0.04 12.75
N GLN A 3 4.77 -0.50 11.60
CA GLN A 3 5.55 0.31 10.68
C GLN A 3 4.91 0.19 9.31
N CYS A 4 5.09 1.17 8.45
CA CYS A 4 4.39 1.12 7.18
C CYS A 4 5.27 1.56 6.03
N GLU A 5 4.98 1.00 4.89
CA GLU A 5 5.65 1.30 3.64
C GLU A 5 4.62 1.23 2.53
N VAL A 6 5.01 1.56 1.32
CA VAL A 6 4.08 1.63 0.21
C VAL A 6 4.66 1.02 -1.05
N GLU A 7 4.06 -0.09 -1.46
CA GLU A 7 4.57 -0.88 -2.57
C GLU A 7 3.63 -0.85 -3.75
N ALA A 8 4.21 -1.18 -4.89
CA ALA A 8 3.47 -1.40 -6.10
C ALA A 8 4.05 -2.63 -6.78
N ALA A 9 3.23 -3.62 -7.07
CA ALA A 9 3.71 -4.89 -7.57
C ALA A 9 3.18 -5.16 -8.98
N VAL A 10 4.06 -5.05 -9.95
CA VAL A 10 3.65 -5.21 -11.33
C VAL A 10 3.59 -6.67 -11.75
N SER A 11 2.49 -7.05 -12.37
CA SER A 11 2.31 -8.37 -12.91
C SER A 11 1.99 -8.26 -14.40
N GLY A 12 1.83 -9.39 -15.07
CA GLY A 12 1.55 -9.37 -16.50
C GLY A 12 0.29 -8.61 -16.86
N GLY A 13 0.47 -7.37 -17.32
CA GLY A 13 -0.64 -6.58 -17.80
C GLY A 13 -1.34 -5.79 -16.71
N HIS A 14 -1.07 -6.13 -15.46
CA HIS A 14 -1.75 -5.50 -14.34
C HIS A 14 -0.76 -5.16 -13.24
N VAL A 15 -1.04 -4.13 -12.48
CA VAL A 15 -0.18 -3.74 -11.38
C VAL A 15 -0.96 -3.82 -10.06
N THR A 16 -0.48 -4.65 -9.15
CA THR A 16 -1.13 -4.82 -7.86
C THR A 16 -0.45 -3.92 -6.84
N LEU A 17 -1.20 -2.98 -6.30
CA LEU A 17 -0.62 -2.00 -5.42
C LEU A 17 -1.13 -2.16 -4.00
N GLN A 18 -0.20 -2.18 -3.06
CA GLN A 18 -0.50 -2.36 -1.65
C GLN A 18 0.69 -1.93 -0.79
N GLY A 19 0.42 -1.39 0.38
CA GLY A 19 1.50 -0.86 1.22
C GLY A 19 2.04 -1.89 2.21
N VAL A 20 3.37 -2.00 2.30
CA VAL A 20 3.98 -2.99 3.18
C VAL A 20 4.14 -2.47 4.60
N ILE A 21 3.35 -3.04 5.46
CA ILE A 21 3.38 -2.77 6.87
C ILE A 21 4.31 -3.73 7.57
N THR A 22 5.47 -3.26 7.95
CA THR A 22 6.28 -4.06 8.82
C THR A 22 5.79 -3.86 10.23
N ALA A 23 5.56 -4.91 10.95
CA ALA A 23 5.02 -4.76 12.26
C ALA A 23 5.95 -5.37 13.26
N VAL A 24 6.40 -4.58 14.21
CA VAL A 24 7.42 -5.05 15.14
C VAL A 24 6.85 -6.06 16.14
N ARG A 25 5.54 -6.27 16.10
CA ARG A 25 4.91 -7.19 17.04
C ARG A 25 3.99 -8.16 16.32
N ASP A 26 4.05 -9.43 16.71
CA ASP A 26 3.24 -10.48 16.13
C ASP A 26 1.83 -10.46 16.72
N GLY A 27 0.87 -10.86 15.92
CA GLY A 27 -0.51 -10.85 16.34
C GLY A 27 -1.38 -10.22 15.28
N ALA A 28 -2.11 -9.19 15.64
CA ALA A 28 -2.95 -8.50 14.68
C ALA A 28 -2.98 -7.01 14.98
N GLY A 29 -3.28 -6.21 13.96
CA GLY A 29 -3.36 -4.79 14.14
C GLY A 29 -4.33 -4.18 13.16
N SER A 30 -4.49 -2.88 13.21
CA SER A 30 -5.44 -2.21 12.34
C SER A 30 -4.76 -1.08 11.58
N TYR A 31 -5.09 -0.97 10.30
CA TYR A 31 -4.47 0.01 9.43
C TYR A 31 -5.38 0.33 8.24
N LYS A 32 -5.12 1.45 7.60
CA LYS A 32 -5.94 1.95 6.49
C LYS A 32 -5.09 2.32 5.29
N LEU A 33 -5.21 1.56 4.22
CA LEU A 33 -4.45 1.84 3.02
C LEU A 33 -5.34 2.49 1.97
N ALA A 34 -4.92 3.66 1.51
CA ALA A 34 -5.59 4.34 0.43
C ALA A 34 -4.68 4.42 -0.78
N VAL A 35 -5.19 4.09 -1.95
CA VAL A 35 -4.42 4.20 -3.17
C VAL A 35 -4.94 5.37 -3.99
N ASP A 36 -4.04 6.05 -4.68
CA ASP A 36 -4.42 7.22 -5.44
C ASP A 36 -3.82 7.14 -6.84
N LYS A 37 -4.67 7.03 -7.84
CA LYS A 37 -4.20 6.87 -9.20
C LYS A 37 -4.29 8.16 -9.97
N ALA A 38 -3.46 8.26 -10.97
CA ALA A 38 -3.50 9.37 -11.90
C ALA A 38 -3.05 8.90 -13.28
N GLY A 39 -4.01 8.72 -14.16
CA GLY A 39 -3.74 8.14 -15.46
C GLY A 39 -4.53 8.83 -16.55
N ALA A 40 -4.67 8.16 -17.69
CA ALA A 40 -5.44 8.70 -18.81
C ALA A 40 -6.90 8.92 -18.43
N ALA A 41 -7.38 8.13 -17.47
CA ALA A 41 -8.74 8.26 -16.97
C ALA A 41 -8.84 9.36 -15.91
N GLY A 42 -7.72 10.01 -15.63
CA GLY A 42 -7.70 11.07 -14.64
C GLY A 42 -7.21 10.57 -13.30
N THR A 43 -7.50 11.32 -12.26
CA THR A 43 -7.11 10.94 -10.92
C THR A 43 -8.25 10.21 -10.23
N SER A 44 -7.94 9.11 -9.56
CA SER A 44 -8.97 8.29 -8.93
C SER A 44 -8.56 7.89 -7.52
N ARG A 45 -9.51 7.85 -6.61
CA ARG A 45 -9.23 7.63 -5.19
C ARG A 45 -9.64 6.22 -4.77
N ILE A 46 -8.78 5.54 -4.03
CA ILE A 46 -9.07 4.18 -3.55
C ILE A 46 -8.91 4.13 -2.02
N LYS A 47 -9.81 3.44 -1.34
CA LYS A 47 -9.77 3.37 0.12
C LYS A 47 -10.09 1.97 0.64
N GLN A 48 -9.14 1.37 1.34
CA GLN A 48 -9.36 0.11 2.04
C GLN A 48 -8.87 0.24 3.48
N ALA A 49 -9.78 0.11 4.42
CA ALA A 49 -9.44 0.31 5.83
C ALA A 49 -10.02 -0.78 6.69
N GLY A 50 -9.23 -1.27 7.63
CA GLY A 50 -9.67 -2.31 8.52
C GLY A 50 -8.56 -2.82 9.40
N ALA A 51 -8.51 -4.12 9.58
CA ALA A 51 -7.50 -4.74 10.39
C ALA A 51 -7.01 -6.01 9.72
N PHE A 52 -5.86 -6.50 10.14
CA PHE A 52 -5.28 -7.70 9.57
C PHE A 52 -4.24 -8.27 10.55
N THR A 53 -3.70 -9.42 10.22
CA THR A 53 -2.73 -10.09 11.08
C THR A 53 -1.32 -9.70 10.71
N ALA A 54 -0.52 -9.37 11.71
CA ALA A 54 0.83 -8.89 11.46
C ALA A 54 1.84 -9.64 12.32
N ILE A 55 2.97 -9.99 11.73
CA ILE A 55 4.05 -10.67 12.44
C ILE A 55 5.15 -9.69 12.79
N ALA A 56 5.71 -9.89 13.97
CA ALA A 56 6.77 -9.03 14.47
C ALA A 56 8.00 -9.07 13.57
N GLU A 57 8.40 -7.90 13.09
CA GLU A 57 9.54 -7.73 12.22
C GLU A 57 9.33 -8.48 10.91
N GLN A 58 8.05 -8.56 10.53
CA GLN A 58 7.63 -9.13 9.29
C GLN A 58 6.92 -8.09 8.48
N ARG A 59 7.01 -8.24 7.19
CA ARG A 59 6.38 -7.33 6.26
C ARG A 59 4.97 -7.81 5.96
N VAL A 60 4.00 -6.96 6.23
CA VAL A 60 2.61 -7.26 5.97
C VAL A 60 2.08 -6.30 4.93
N THR A 61 1.81 -6.79 3.74
CA THR A 61 1.40 -5.89 2.67
C THR A 61 -0.11 -5.73 2.69
N VAL A 62 -0.52 -4.48 2.73
CA VAL A 62 -1.90 -4.16 3.03
C VAL A 62 -2.55 -3.29 1.96
N GLY A 63 -3.82 -3.60 1.69
CA GLY A 63 -4.59 -2.80 0.75
C GLY A 63 -4.40 -3.28 -0.67
N ASN A 64 -4.94 -4.45 -0.99
CA ASN A 64 -4.77 -5.04 -2.31
C ASN A 64 -5.65 -4.33 -3.32
N VAL A 65 -5.02 -3.55 -4.16
CA VAL A 65 -5.71 -2.87 -5.25
C VAL A 65 -4.97 -3.12 -6.56
N VAL A 66 -5.59 -3.86 -7.46
CA VAL A 66 -4.96 -4.20 -8.72
C VAL A 66 -5.41 -3.28 -9.83
N LEU A 67 -4.46 -2.59 -10.42
CA LEU A 67 -4.71 -1.64 -11.49
C LEU A 67 -4.25 -2.24 -12.81
N ASP A 68 -4.62 -1.60 -13.92
CA ASP A 68 -4.05 -1.95 -15.20
C ASP A 68 -2.63 -1.38 -15.27
N TYR A 69 -1.67 -2.20 -15.61
CA TYR A 69 -0.27 -1.80 -15.54
C TYR A 69 0.09 -0.85 -16.67
N SER A 70 0.66 0.28 -16.28
CA SER A 70 1.22 1.21 -17.23
C SER A 70 2.50 1.80 -16.65
N SER A 71 3.61 1.60 -17.35
CA SER A 71 4.91 2.03 -16.88
C SER A 71 4.99 3.55 -16.78
N ALA A 72 4.19 4.24 -17.58
CA ALA A 72 4.17 5.69 -17.59
C ALA A 72 3.09 6.24 -16.67
N ASN A 73 2.33 5.34 -16.06
CA ASN A 73 1.19 5.73 -15.24
C ASN A 73 1.64 6.25 -13.89
N ARG A 74 0.87 7.15 -13.32
CA ARG A 74 1.12 7.62 -11.98
C ARG A 74 0.18 6.92 -11.02
N TYR A 75 0.73 6.03 -10.23
CA TYR A 75 -0.02 5.34 -9.20
C TYR A 75 0.63 5.59 -7.85
N ALA A 76 -0.11 6.13 -6.91
CA ALA A 76 0.42 6.42 -5.60
C ALA A 76 -0.43 5.78 -4.52
N ALA A 77 0.08 5.79 -3.31
CA ALA A 77 -0.59 5.16 -2.20
C ALA A 77 -0.32 5.93 -0.94
N ARG A 78 -1.12 5.68 0.08
CA ARG A 78 -0.92 6.25 1.39
C ARG A 78 -1.54 5.34 2.43
N LEU A 79 -0.74 4.86 3.37
CA LEU A 79 -1.25 3.96 4.38
C LEU A 79 -1.13 4.58 5.75
N ASP A 80 -2.26 4.72 6.41
CA ASP A 80 -2.30 5.16 7.78
C ASP A 80 -2.40 3.95 8.70
N VAL A 81 -1.41 3.72 9.50
CA VAL A 81 -1.48 2.63 10.46
C VAL A 81 -1.74 3.19 11.84
N SER A 82 -2.95 3.01 12.32
CA SER A 82 -3.31 3.45 13.64
C SER A 82 -3.88 2.27 14.42
N PHE A 83 -3.18 1.89 15.46
CA PHE A 83 -3.55 0.75 16.26
C PHE A 83 -2.96 0.88 17.66
N GLY A 84 -3.74 1.41 18.57
CA GLY A 84 -3.27 1.59 19.93
C GLY A 84 -2.16 2.61 20.03
N SER A 85 -0.95 2.13 20.26
CA SER A 85 0.20 3.00 20.46
C SER A 85 0.79 3.48 19.13
N VAL A 86 0.39 2.86 18.03
CA VAL A 86 0.94 3.23 16.74
C VAL A 86 -0.04 4.08 15.92
N THR A 87 0.46 5.17 15.39
CA THR A 87 -0.23 5.90 14.34
C THR A 87 0.80 6.51 13.39
N ILE A 88 0.75 6.07 12.14
CA ILE A 88 1.76 6.44 11.14
C ILE A 88 1.13 6.47 9.76
N GLN A 89 1.83 7.05 8.80
CA GLN A 89 1.35 7.07 7.43
C GLN A 89 2.53 7.10 6.45
N CYS A 90 2.35 6.48 5.31
CA CYS A 90 3.36 6.47 4.25
C CYS A 90 2.69 6.72 2.91
N ASN A 91 3.46 7.12 1.92
CA ASN A 91 2.90 7.46 0.61
C ASN A 91 3.77 6.91 -0.53
N LEU A 92 3.12 6.25 -1.49
CA LEU A 92 3.84 5.60 -2.60
C LEU A 92 4.34 6.63 -3.62
N ASP A 93 5.55 6.39 -4.08
CA ASP A 93 6.11 7.13 -5.20
C ASP A 93 5.76 6.41 -6.50
N PRO A 94 4.87 6.97 -7.32
CA PRO A 94 4.43 6.34 -8.58
C PRO A 94 5.59 6.03 -9.52
N GLU A 95 6.72 6.67 -9.28
CA GLU A 95 7.92 6.44 -10.04
C GLU A 95 8.60 5.14 -9.63
N THR A 96 7.98 4.41 -8.71
CA THR A 96 8.49 3.12 -8.31
C THR A 96 7.70 1.98 -8.96
N VAL A 97 6.54 2.34 -9.52
CA VAL A 97 5.70 1.42 -10.31
C VAL A 97 6.48 0.78 -11.48
N LYS A 98 7.71 1.22 -11.72
CA LYS A 98 8.51 0.65 -12.79
C LYS A 98 8.92 -0.79 -12.47
N LEU A 99 7.94 -1.69 -12.53
CA LEU A 99 8.15 -3.12 -12.36
C LEU A 99 8.44 -3.49 -10.91
N GLU A 100 9.59 -3.06 -10.42
CA GLU A 100 10.01 -3.33 -9.05
C GLU A 100 11.36 -2.69 -8.78
N HIS A 101 12.25 -2.77 -9.75
CA HIS A 101 13.55 -2.11 -9.66
C HIS A 101 13.60 -0.92 -10.61
N MET A 1 4.44 -1.74 18.18
CA MET A 1 4.44 -0.61 17.22
C MET A 1 4.48 -1.13 15.79
N VAL A 2 3.54 -0.69 14.97
CA VAL A 2 3.50 -1.07 13.58
C VAL A 2 4.28 -0.05 12.73
N GLN A 3 4.81 -0.53 11.60
CA GLN A 3 5.59 0.27 10.68
C GLN A 3 4.92 0.22 9.33
N CYS A 4 5.32 1.07 8.40
CA CYS A 4 4.65 1.07 7.12
C CYS A 4 5.58 1.33 5.95
N GLU A 5 5.14 0.86 4.79
CA GLU A 5 5.83 1.04 3.52
C GLU A 5 4.78 1.01 2.43
N VAL A 6 5.19 1.23 1.19
CA VAL A 6 4.28 1.25 0.06
C VAL A 6 4.94 0.66 -1.17
N GLU A 7 4.25 -0.29 -1.81
CA GLU A 7 4.82 -0.99 -2.95
C GLU A 7 3.81 -1.20 -4.05
N ALA A 8 4.29 -1.08 -5.28
CA ALA A 8 3.49 -1.39 -6.43
C ALA A 8 4.04 -2.66 -7.10
N ALA A 9 3.19 -3.65 -7.29
CA ALA A 9 3.63 -4.92 -7.85
C ALA A 9 3.15 -5.06 -9.28
N VAL A 10 4.05 -4.90 -10.22
CA VAL A 10 3.69 -4.94 -11.63
C VAL A 10 3.65 -6.37 -12.15
N SER A 11 2.58 -6.69 -12.84
CA SER A 11 2.42 -7.96 -13.51
C SER A 11 2.16 -7.70 -15.00
N GLY A 12 2.04 -8.77 -15.78
CA GLY A 12 1.87 -8.64 -17.21
C GLY A 12 0.54 -8.00 -17.59
N GLY A 13 0.53 -6.68 -17.69
CA GLY A 13 -0.66 -5.97 -18.12
C GLY A 13 -1.40 -5.30 -16.97
N HIS A 14 -1.07 -5.69 -15.75
CA HIS A 14 -1.75 -5.17 -14.57
C HIS A 14 -0.76 -4.89 -13.46
N VAL A 15 -1.03 -3.88 -12.65
CA VAL A 15 -0.16 -3.54 -11.55
C VAL A 15 -0.94 -3.64 -10.24
N THR A 16 -0.48 -4.52 -9.37
CA THR A 16 -1.13 -4.74 -8.09
C THR A 16 -0.44 -3.91 -7.02
N LEU A 17 -1.16 -2.98 -6.44
CA LEU A 17 -0.53 -2.04 -5.54
C LEU A 17 -1.00 -2.25 -4.11
N GLN A 18 -0.05 -2.25 -3.17
CA GLN A 18 -0.34 -2.46 -1.76
C GLN A 18 0.64 -1.67 -0.91
N GLY A 19 0.42 -1.65 0.40
CA GLY A 19 1.36 -1.03 1.31
C GLY A 19 1.92 -2.02 2.31
N VAL A 20 3.24 -2.15 2.37
CA VAL A 20 3.85 -3.12 3.26
C VAL A 20 4.02 -2.56 4.66
N ILE A 21 3.24 -3.10 5.55
CA ILE A 21 3.32 -2.79 6.95
C ILE A 21 4.27 -3.75 7.64
N THR A 22 5.44 -3.29 8.00
CA THR A 22 6.25 -4.09 8.88
C THR A 22 5.73 -3.90 10.27
N ALA A 23 5.57 -4.95 11.01
CA ALA A 23 5.06 -4.79 12.35
C ALA A 23 6.04 -5.38 13.32
N VAL A 24 6.52 -4.58 14.24
CA VAL A 24 7.56 -5.02 15.16
C VAL A 24 7.03 -6.03 16.19
N ARG A 25 5.72 -6.20 16.26
CA ARG A 25 5.14 -7.12 17.21
C ARG A 25 4.06 -7.99 16.55
N ASP A 26 4.08 -9.28 16.86
CA ASP A 26 3.18 -10.24 16.25
C ASP A 26 1.79 -10.17 16.88
N GLY A 27 0.79 -10.45 16.08
CA GLY A 27 -0.58 -10.40 16.53
C GLY A 27 -1.47 -9.85 15.45
N ALA A 28 -2.30 -8.90 15.79
CA ALA A 28 -3.18 -8.26 14.83
C ALA A 28 -3.32 -6.79 15.13
N GLY A 29 -3.37 -5.98 14.09
CA GLY A 29 -3.51 -4.56 14.25
C GLY A 29 -4.48 -3.99 13.24
N SER A 30 -4.65 -2.70 13.25
CA SER A 30 -5.58 -2.07 12.33
C SER A 30 -4.89 -0.94 11.57
N TYR A 31 -5.16 -0.88 10.28
CA TYR A 31 -4.50 0.04 9.38
C TYR A 31 -5.35 0.32 8.14
N LYS A 32 -5.07 1.45 7.51
CA LYS A 32 -5.86 1.92 6.37
C LYS A 32 -4.98 2.24 5.17
N LEU A 33 -5.11 1.46 4.12
CA LEU A 33 -4.34 1.70 2.92
C LEU A 33 -5.19 2.39 1.87
N ALA A 34 -4.71 3.52 1.40
CA ALA A 34 -5.35 4.22 0.31
C ALA A 34 -4.44 4.22 -0.92
N VAL A 35 -5.05 4.03 -2.08
CA VAL A 35 -4.31 4.13 -3.33
C VAL A 35 -4.93 5.23 -4.17
N ASP A 36 -4.10 6.02 -4.80
CA ASP A 36 -4.55 7.14 -5.58
C ASP A 36 -4.01 7.04 -6.99
N LYS A 37 -4.90 6.88 -7.93
CA LYS A 37 -4.55 6.58 -9.30
C LYS A 37 -4.91 7.75 -10.21
N ALA A 38 -4.03 8.03 -11.15
CA ALA A 38 -4.24 9.11 -12.09
C ALA A 38 -3.60 8.79 -13.44
N GLY A 39 -4.41 8.78 -14.48
CA GLY A 39 -3.90 8.50 -15.81
C GLY A 39 -4.84 9.02 -16.88
N ALA A 40 -4.68 8.53 -18.10
CA ALA A 40 -5.54 8.95 -19.20
C ALA A 40 -6.98 8.52 -18.97
N ALA A 41 -7.16 7.47 -18.17
CA ALA A 41 -8.48 6.97 -17.84
C ALA A 41 -9.04 7.68 -16.61
N GLY A 42 -8.41 8.77 -16.21
CA GLY A 42 -8.93 9.57 -15.11
C GLY A 42 -8.25 9.28 -13.79
N THR A 43 -8.73 9.94 -12.74
CA THR A 43 -8.20 9.75 -11.41
C THR A 43 -9.12 8.84 -10.60
N SER A 44 -8.55 7.88 -9.89
CA SER A 44 -9.33 6.97 -9.07
C SER A 44 -8.95 7.09 -7.61
N ARG A 45 -9.94 7.12 -6.74
CA ARG A 45 -9.70 7.11 -5.31
C ARG A 45 -9.96 5.72 -4.76
N ILE A 46 -8.99 5.20 -4.05
CA ILE A 46 -9.08 3.87 -3.48
C ILE A 46 -8.80 3.92 -1.97
N LYS A 47 -9.71 3.36 -1.19
CA LYS A 47 -9.58 3.35 0.26
C LYS A 47 -9.97 2.00 0.84
N GLN A 48 -9.00 1.30 1.41
CA GLN A 48 -9.27 0.04 2.08
C GLN A 48 -8.76 0.11 3.53
N ALA A 49 -9.67 0.02 4.47
CA ALA A 49 -9.33 0.15 5.87
C ALA A 49 -9.91 -0.99 6.68
N GLY A 50 -9.16 -1.43 7.68
CA GLY A 50 -9.62 -2.50 8.54
C GLY A 50 -8.51 -3.02 9.41
N ALA A 51 -8.65 -4.25 9.86
CA ALA A 51 -7.65 -4.85 10.71
C ALA A 51 -7.24 -6.20 10.16
N PHE A 52 -5.96 -6.49 10.26
CA PHE A 52 -5.40 -7.72 9.74
C PHE A 52 -4.33 -8.23 10.71
N THR A 53 -3.78 -9.39 10.43
CA THR A 53 -2.77 -9.98 11.31
C THR A 53 -1.37 -9.56 10.89
N ALA A 54 -0.56 -9.18 11.86
CA ALA A 54 0.77 -8.71 11.60
C ALA A 54 1.78 -9.49 12.43
N ILE A 55 2.94 -9.74 11.87
CA ILE A 55 3.98 -10.48 12.58
C ILE A 55 5.16 -9.61 12.88
N ALA A 56 5.70 -9.79 14.08
CA ALA A 56 6.82 -9.00 14.56
C ALA A 56 8.02 -9.09 13.63
N GLU A 57 8.50 -7.92 13.21
CA GLU A 57 9.65 -7.78 12.35
C GLU A 57 9.40 -8.51 11.04
N GLN A 58 8.13 -8.55 10.66
CA GLN A 58 7.70 -9.14 9.43
C GLN A 58 6.95 -8.12 8.62
N ARG A 59 7.01 -8.28 7.34
CA ARG A 59 6.34 -7.40 6.41
C ARG A 59 4.94 -7.88 6.12
N VAL A 60 3.97 -7.04 6.37
CA VAL A 60 2.58 -7.36 6.11
C VAL A 60 2.03 -6.42 5.07
N THR A 61 1.76 -6.92 3.88
CA THR A 61 1.33 -6.03 2.82
C THR A 61 -0.18 -5.89 2.84
N VAL A 62 -0.61 -4.65 2.84
CA VAL A 62 -1.99 -4.34 3.09
C VAL A 62 -2.61 -3.52 1.96
N GLY A 63 -3.87 -3.84 1.66
CA GLY A 63 -4.59 -3.10 0.64
C GLY A 63 -4.30 -3.60 -0.75
N ASN A 64 -4.96 -4.68 -1.14
CA ASN A 64 -4.77 -5.25 -2.47
C ASN A 64 -5.60 -4.51 -3.47
N VAL A 65 -4.95 -3.70 -4.28
CA VAL A 65 -5.61 -2.93 -5.32
C VAL A 65 -4.93 -3.16 -6.66
N VAL A 66 -5.60 -3.83 -7.57
CA VAL A 66 -5.01 -4.13 -8.87
C VAL A 66 -5.46 -3.12 -9.91
N LEU A 67 -4.49 -2.41 -10.47
CA LEU A 67 -4.73 -1.42 -11.50
C LEU A 67 -4.30 -2.00 -12.84
N ASP A 68 -4.65 -1.34 -13.93
CA ASP A 68 -4.05 -1.66 -15.22
C ASP A 68 -2.63 -1.11 -15.21
N TYR A 69 -1.70 -1.86 -15.75
CA TYR A 69 -0.29 -1.46 -15.66
C TYR A 69 0.09 -0.46 -16.72
N SER A 70 0.55 0.69 -16.27
CA SER A 70 1.22 1.65 -17.13
C SER A 70 2.32 2.34 -16.33
N SER A 71 3.57 2.20 -16.76
CA SER A 71 4.70 2.79 -16.05
C SER A 71 4.62 4.31 -16.08
N ALA A 72 3.95 4.85 -17.09
CA ALA A 72 3.79 6.29 -17.21
C ALA A 72 2.52 6.77 -16.47
N ASN A 73 1.81 5.83 -15.86
CA ASN A 73 0.59 6.15 -15.15
C ASN A 73 0.91 6.49 -13.70
N ARG A 74 0.24 7.50 -13.18
CA ARG A 74 0.46 7.90 -11.80
C ARG A 74 -0.34 7.02 -10.85
N TYR A 75 0.36 6.18 -10.12
CA TYR A 75 -0.23 5.38 -9.07
C TYR A 75 0.47 5.65 -7.78
N ALA A 76 -0.25 6.17 -6.82
CA ALA A 76 0.32 6.48 -5.54
C ALA A 76 -0.45 5.76 -4.45
N ALA A 77 0.11 5.74 -3.27
CA ALA A 77 -0.50 5.04 -2.17
C ALA A 77 -0.18 5.74 -0.88
N ARG A 78 -0.95 5.45 0.14
CA ARG A 78 -0.70 5.97 1.48
C ARG A 78 -1.36 5.08 2.50
N LEU A 79 -0.57 4.48 3.36
CA LEU A 79 -1.12 3.61 4.37
C LEU A 79 -0.98 4.24 5.73
N ASP A 80 -2.11 4.50 6.34
CA ASP A 80 -2.16 5.00 7.70
C ASP A 80 -2.35 3.85 8.66
N VAL A 81 -1.41 3.65 9.55
CA VAL A 81 -1.53 2.60 10.53
C VAL A 81 -1.84 3.22 11.88
N SER A 82 -3.07 3.07 12.32
CA SER A 82 -3.49 3.59 13.60
C SER A 82 -4.10 2.47 14.43
N PHE A 83 -3.38 2.05 15.46
CA PHE A 83 -3.80 0.95 16.30
C PHE A 83 -3.26 1.11 17.71
N GLY A 84 -4.11 1.57 18.60
CA GLY A 84 -3.71 1.74 19.98
C GLY A 84 -2.66 2.83 20.13
N SER A 85 -1.42 2.42 20.31
CA SER A 85 -0.33 3.36 20.54
C SER A 85 0.38 3.74 19.25
N VAL A 86 0.12 2.99 18.19
CA VAL A 86 0.76 3.28 16.91
C VAL A 86 -0.14 4.11 16.00
N THR A 87 0.43 5.15 15.41
CA THR A 87 -0.24 5.88 14.35
C THR A 87 0.81 6.45 13.39
N ILE A 88 0.77 5.97 12.16
CA ILE A 88 1.79 6.31 11.16
C ILE A 88 1.18 6.32 9.78
N GLN A 89 1.91 6.84 8.81
CA GLN A 89 1.50 6.72 7.42
C GLN A 89 2.71 6.71 6.49
N CYS A 90 2.58 5.99 5.39
CA CYS A 90 3.62 5.98 4.35
C CYS A 90 2.95 6.15 3.00
N ASN A 91 3.67 6.71 2.04
CA ASN A 91 3.06 7.09 0.76
C ASN A 91 3.91 6.65 -0.43
N LEU A 92 3.25 6.11 -1.45
CA LEU A 92 3.92 5.58 -2.62
C LEU A 92 4.30 6.68 -3.61
N ASP A 93 5.50 6.59 -4.14
CA ASP A 93 5.91 7.43 -5.27
C ASP A 93 5.58 6.71 -6.58
N PRO A 94 4.62 7.25 -7.35
CA PRO A 94 4.18 6.63 -8.62
C PRO A 94 5.33 6.39 -9.60
N GLU A 95 6.39 7.17 -9.43
CA GLU A 95 7.59 7.02 -10.24
C GLU A 95 8.38 5.78 -9.85
N THR A 96 7.83 4.97 -8.95
CA THR A 96 8.45 3.71 -8.60
C THR A 96 7.68 2.52 -9.17
N VAL A 97 6.51 2.79 -9.73
CA VAL A 97 5.73 1.80 -10.51
C VAL A 97 6.55 1.23 -11.69
N LYS A 98 7.81 1.64 -11.79
CA LYS A 98 8.65 1.26 -12.91
C LYS A 98 9.00 -0.22 -12.88
N LEU A 99 8.03 -1.07 -13.22
CA LEU A 99 8.27 -2.51 -13.29
C LEU A 99 8.63 -3.05 -11.91
N GLU A 100 7.66 -2.97 -11.00
CA GLU A 100 7.81 -3.40 -9.61
C GLU A 100 8.68 -2.41 -8.82
N HIS A 101 9.97 -2.39 -9.14
CA HIS A 101 10.92 -1.51 -8.46
C HIS A 101 11.97 -1.04 -9.46
N MET A 1 3.20 -1.62 17.95
CA MET A 1 4.27 -0.92 17.21
C MET A 1 4.31 -1.39 15.76
N VAL A 2 3.53 -0.72 14.91
CA VAL A 2 3.47 -1.07 13.51
C VAL A 2 4.24 -0.06 12.67
N GLN A 3 4.79 -0.53 11.56
CA GLN A 3 5.59 0.26 10.65
C GLN A 3 4.91 0.25 9.29
N CYS A 4 5.31 1.13 8.38
CA CYS A 4 4.64 1.14 7.10
C CYS A 4 5.57 1.44 5.94
N GLU A 5 5.08 1.07 4.76
CA GLU A 5 5.73 1.28 3.48
C GLU A 5 4.66 1.26 2.41
N VAL A 6 5.06 1.52 1.17
CA VAL A 6 4.11 1.58 0.08
C VAL A 6 4.68 0.99 -1.20
N GLU A 7 4.03 -0.06 -1.65
CA GLU A 7 4.50 -0.89 -2.73
C GLU A 7 3.60 -0.83 -3.94
N ALA A 8 4.16 -1.23 -5.05
CA ALA A 8 3.42 -1.45 -6.27
C ALA A 8 3.97 -2.68 -6.94
N ALA A 9 3.12 -3.66 -7.23
CA ALA A 9 3.57 -4.93 -7.76
C ALA A 9 3.08 -5.13 -9.18
N VAL A 10 3.97 -4.99 -10.13
CA VAL A 10 3.61 -5.05 -11.53
C VAL A 10 3.59 -6.48 -12.05
N SER A 11 2.47 -6.84 -12.66
CA SER A 11 2.31 -8.10 -13.35
C SER A 11 2.15 -7.82 -14.84
N GLY A 12 2.06 -8.87 -15.65
CA GLY A 12 1.96 -8.69 -17.09
C GLY A 12 0.67 -8.03 -17.52
N GLY A 13 0.68 -6.70 -17.59
CA GLY A 13 -0.47 -5.95 -18.06
C GLY A 13 -1.27 -5.32 -16.94
N HIS A 14 -1.03 -5.77 -15.71
CA HIS A 14 -1.77 -5.26 -14.56
C HIS A 14 -0.82 -4.99 -13.41
N VAL A 15 -1.10 -3.97 -12.64
CA VAL A 15 -0.25 -3.62 -11.52
C VAL A 15 -1.03 -3.71 -10.21
N THR A 16 -0.58 -4.58 -9.32
CA THR A 16 -1.23 -4.78 -8.04
C THR A 16 -0.52 -3.93 -6.98
N LEU A 17 -1.25 -3.01 -6.39
CA LEU A 17 -0.63 -2.05 -5.50
C LEU A 17 -1.08 -2.24 -4.06
N GLN A 18 -0.13 -2.20 -3.13
CA GLN A 18 -0.38 -2.41 -1.70
C GLN A 18 0.62 -1.60 -0.88
N GLY A 19 0.44 -1.58 0.43
CA GLY A 19 1.42 -0.93 1.29
C GLY A 19 2.00 -1.92 2.31
N VAL A 20 3.33 -2.02 2.37
CA VAL A 20 3.98 -2.97 3.26
C VAL A 20 4.13 -2.43 4.66
N ILE A 21 3.37 -3.00 5.54
CA ILE A 21 3.41 -2.71 6.95
C ILE A 21 4.34 -3.70 7.66
N THR A 22 5.50 -3.26 8.09
CA THR A 22 6.28 -4.11 8.96
C THR A 22 5.74 -3.92 10.35
N ALA A 23 5.55 -4.97 11.08
CA ALA A 23 5.03 -4.81 12.40
C ALA A 23 5.99 -5.43 13.39
N VAL A 24 6.46 -4.64 14.33
CA VAL A 24 7.48 -5.09 15.26
C VAL A 24 6.93 -6.11 16.26
N ARG A 25 5.62 -6.26 16.33
CA ARG A 25 5.05 -7.22 17.25
C ARG A 25 3.97 -8.09 16.60
N ASP A 26 4.05 -9.38 16.86
CA ASP A 26 3.17 -10.37 16.24
C ASP A 26 1.79 -10.33 16.88
N GLY A 27 0.78 -10.53 16.05
CA GLY A 27 -0.59 -10.50 16.49
C GLY A 27 -1.47 -9.94 15.42
N ALA A 28 -2.28 -8.97 15.76
CA ALA A 28 -3.13 -8.31 14.80
C ALA A 28 -3.21 -6.82 15.08
N GLY A 29 -3.23 -6.03 14.03
CA GLY A 29 -3.30 -4.61 14.17
C GLY A 29 -4.22 -4.02 13.14
N SER A 30 -4.46 -2.74 13.23
CA SER A 30 -5.41 -2.10 12.35
C SER A 30 -4.75 -0.98 11.57
N TYR A 31 -5.07 -0.91 10.29
CA TYR A 31 -4.44 0.03 9.38
C TYR A 31 -5.35 0.32 8.19
N LYS A 32 -5.09 1.43 7.52
CA LYS A 32 -5.95 1.96 6.48
C LYS A 32 -5.15 2.30 5.23
N LEU A 33 -5.35 1.55 4.17
CA LEU A 33 -4.62 1.77 2.93
C LEU A 33 -5.49 2.44 1.89
N ALA A 34 -5.01 3.56 1.40
CA ALA A 34 -5.67 4.28 0.32
C ALA A 34 -4.74 4.39 -0.88
N VAL A 35 -5.26 4.09 -2.06
CA VAL A 35 -4.47 4.18 -3.28
C VAL A 35 -4.99 5.31 -4.14
N ASP A 36 -4.10 6.17 -4.58
CA ASP A 36 -4.49 7.33 -5.36
C ASP A 36 -3.87 7.24 -6.75
N LYS A 37 -4.71 7.10 -7.75
CA LYS A 37 -4.23 6.94 -9.11
C LYS A 37 -4.29 8.27 -9.85
N ALA A 38 -3.43 8.40 -10.84
CA ALA A 38 -3.40 9.59 -11.67
C ALA A 38 -2.87 9.25 -13.06
N GLY A 39 -3.77 9.20 -14.03
CA GLY A 39 -3.38 8.85 -15.37
C GLY A 39 -4.03 9.74 -16.41
N ALA A 40 -4.03 9.28 -17.65
CA ALA A 40 -4.61 10.04 -18.75
C ALA A 40 -6.12 10.16 -18.59
N ALA A 41 -6.71 9.28 -17.79
CA ALA A 41 -8.13 9.33 -17.52
C ALA A 41 -8.44 10.16 -16.27
N GLY A 42 -7.39 10.77 -15.72
CA GLY A 42 -7.56 11.60 -14.54
C GLY A 42 -7.09 10.91 -13.28
N THR A 43 -7.43 11.49 -12.14
CA THR A 43 -7.04 10.94 -10.85
C THR A 43 -8.17 10.09 -10.29
N SER A 44 -7.83 9.16 -9.41
CA SER A 44 -8.83 8.31 -8.76
C SER A 44 -8.37 7.94 -7.36
N ARG A 45 -9.31 7.48 -6.53
CA ARG A 45 -8.99 7.14 -5.16
C ARG A 45 -9.63 5.83 -4.74
N ILE A 46 -8.79 4.97 -4.19
CA ILE A 46 -9.22 3.69 -3.64
C ILE A 46 -9.04 3.70 -2.14
N LYS A 47 -10.05 3.28 -1.40
CA LYS A 47 -9.98 3.28 0.05
C LYS A 47 -10.35 1.93 0.64
N GLN A 48 -9.39 1.27 1.27
CA GLN A 48 -9.64 0.01 1.95
C GLN A 48 -8.99 0.05 3.34
N ALA A 49 -9.81 -0.03 4.37
CA ALA A 49 -9.32 0.04 5.73
C ALA A 49 -9.84 -1.13 6.54
N GLY A 50 -9.15 -1.45 7.62
CA GLY A 50 -9.58 -2.51 8.50
C GLY A 50 -8.48 -2.96 9.42
N ALA A 51 -8.47 -4.25 9.74
CA ALA A 51 -7.46 -4.81 10.60
C ALA A 51 -6.99 -6.14 10.02
N PHE A 52 -5.73 -6.47 10.23
CA PHE A 52 -5.16 -7.70 9.71
C PHE A 52 -4.09 -8.23 10.67
N THR A 53 -3.65 -9.44 10.44
CA THR A 53 -2.73 -10.11 11.33
C THR A 53 -1.28 -9.85 10.91
N ALA A 54 -0.52 -9.26 11.81
CA ALA A 54 0.85 -8.87 11.51
C ALA A 54 1.83 -9.63 12.38
N ILE A 55 2.98 -9.96 11.83
CA ILE A 55 4.02 -10.66 12.58
C ILE A 55 5.14 -9.72 12.93
N ALA A 56 5.69 -9.92 14.12
CA ALA A 56 6.78 -9.08 14.61
C ALA A 56 8.00 -9.17 13.70
N GLU A 57 8.42 -8.00 13.23
CA GLU A 57 9.56 -7.88 12.34
C GLU A 57 9.28 -8.62 11.04
N GLN A 58 8.00 -8.62 10.69
CA GLN A 58 7.52 -9.21 9.48
C GLN A 58 6.77 -8.19 8.66
N ARG A 59 7.06 -8.17 7.39
CA ARG A 59 6.39 -7.29 6.47
C ARG A 59 4.99 -7.81 6.13
N VAL A 60 4.02 -6.96 6.35
CA VAL A 60 2.63 -7.27 6.06
C VAL A 60 2.11 -6.32 5.01
N THR A 61 1.88 -6.82 3.81
CA THR A 61 1.45 -5.93 2.75
C THR A 61 -0.05 -5.83 2.73
N VAL A 62 -0.53 -4.60 2.73
CA VAL A 62 -1.91 -4.33 3.02
C VAL A 62 -2.61 -3.56 1.90
N GLY A 63 -3.85 -3.95 1.64
CA GLY A 63 -4.66 -3.26 0.65
C GLY A 63 -4.33 -3.69 -0.76
N ASN A 64 -4.84 -4.84 -1.16
CA ASN A 64 -4.58 -5.35 -2.50
C ASN A 64 -5.55 -4.77 -3.50
N VAL A 65 -5.04 -3.88 -4.33
CA VAL A 65 -5.82 -3.30 -5.41
C VAL A 65 -5.06 -3.54 -6.71
N VAL A 66 -5.78 -3.85 -7.78
CA VAL A 66 -5.12 -4.15 -9.04
C VAL A 66 -5.53 -3.15 -10.11
N LEU A 67 -4.54 -2.44 -10.61
CA LEU A 67 -4.75 -1.41 -11.61
C LEU A 67 -4.26 -1.93 -12.95
N ASP A 68 -4.61 -1.24 -14.02
CA ASP A 68 -4.01 -1.53 -15.31
C ASP A 68 -2.59 -0.98 -15.31
N TYR A 69 -1.64 -1.82 -15.70
CA TYR A 69 -0.24 -1.46 -15.59
C TYR A 69 0.19 -0.51 -16.70
N SER A 70 0.77 0.60 -16.30
CA SER A 70 1.42 1.49 -17.23
C SER A 70 2.66 2.10 -16.57
N SER A 71 3.79 2.04 -17.28
CA SER A 71 5.06 2.50 -16.74
C SER A 71 5.11 4.03 -16.67
N ALA A 72 4.28 4.68 -17.47
CA ALA A 72 4.20 6.13 -17.48
C ALA A 72 3.02 6.61 -16.63
N ASN A 73 2.34 5.66 -16.00
CA ASN A 73 1.17 5.98 -15.20
C ASN A 73 1.57 6.37 -13.80
N ARG A 74 0.92 7.36 -13.25
CA ARG A 74 1.16 7.76 -11.89
C ARG A 74 0.19 7.04 -10.97
N TYR A 75 0.73 6.10 -10.21
CA TYR A 75 -0.04 5.40 -9.21
C TYR A 75 0.59 5.61 -7.86
N ALA A 76 -0.16 6.14 -6.92
CA ALA A 76 0.36 6.40 -5.59
C ALA A 76 -0.50 5.73 -4.55
N ALA A 77 0.01 5.69 -3.34
CA ALA A 77 -0.64 5.02 -2.25
C ALA A 77 -0.36 5.74 -0.96
N ARG A 78 -1.15 5.47 0.03
CA ARG A 78 -0.93 6.01 1.36
C ARG A 78 -1.53 5.06 2.39
N LEU A 79 -0.69 4.52 3.24
CA LEU A 79 -1.17 3.63 4.26
C LEU A 79 -0.98 4.26 5.62
N ASP A 80 -2.09 4.50 6.28
CA ASP A 80 -2.08 5.00 7.63
C ASP A 80 -2.26 3.84 8.59
N VAL A 81 -1.39 3.73 9.57
CA VAL A 81 -1.52 2.66 10.54
C VAL A 81 -1.80 3.25 11.91
N SER A 82 -3.03 3.13 12.35
CA SER A 82 -3.41 3.61 13.65
C SER A 82 -3.98 2.46 14.48
N PHE A 83 -3.19 1.98 15.43
CA PHE A 83 -3.58 0.85 16.24
C PHE A 83 -3.09 1.03 17.67
N GLY A 84 -3.96 1.59 18.51
CA GLY A 84 -3.59 1.81 19.89
C GLY A 84 -2.59 2.92 20.04
N SER A 85 -1.34 2.54 20.30
CA SER A 85 -0.27 3.51 20.52
C SER A 85 0.45 3.87 19.22
N VAL A 86 0.23 3.09 18.18
CA VAL A 86 0.87 3.36 16.90
C VAL A 86 -0.05 4.19 15.99
N THR A 87 0.50 5.22 15.40
CA THR A 87 -0.17 5.94 14.34
C THR A 87 0.87 6.51 13.37
N ILE A 88 0.83 6.05 12.13
CA ILE A 88 1.84 6.37 11.13
C ILE A 88 1.21 6.37 9.75
N GLN A 89 1.92 6.89 8.77
CA GLN A 89 1.45 6.79 7.40
C GLN A 89 2.63 6.81 6.41
N CYS A 90 2.46 6.11 5.31
CA CYS A 90 3.47 6.08 4.24
C CYS A 90 2.76 6.28 2.90
N ASN A 91 3.49 6.79 1.92
CA ASN A 91 2.88 7.21 0.65
C ASN A 91 3.73 6.79 -0.55
N LEU A 92 3.08 6.14 -1.51
CA LEU A 92 3.79 5.56 -2.65
C LEU A 92 4.24 6.63 -3.63
N ASP A 93 5.50 6.57 -4.02
CA ASP A 93 6.02 7.36 -5.12
C ASP A 93 5.74 6.63 -6.42
N PRO A 94 4.83 7.16 -7.26
CA PRO A 94 4.44 6.53 -8.52
C PRO A 94 5.61 6.31 -9.45
N GLU A 95 6.68 7.03 -9.18
CA GLU A 95 7.92 6.92 -9.93
C GLU A 95 8.66 5.63 -9.60
N THR A 96 8.04 4.78 -8.81
CA THR A 96 8.62 3.49 -8.47
C THR A 96 7.89 2.31 -9.15
N VAL A 97 6.65 2.58 -9.59
CA VAL A 97 5.78 1.56 -10.22
C VAL A 97 6.50 0.67 -11.25
N LYS A 98 7.42 1.26 -12.01
CA LYS A 98 7.99 0.60 -13.19
C LYS A 98 8.62 -0.74 -12.82
N LEU A 99 7.83 -1.79 -13.01
CA LEU A 99 8.32 -3.16 -12.90
C LEU A 99 8.80 -3.48 -11.50
N GLU A 100 8.22 -2.82 -10.51
CA GLU A 100 8.54 -3.06 -9.13
C GLU A 100 7.60 -4.11 -8.57
N HIS A 101 8.03 -4.79 -7.51
CA HIS A 101 7.21 -5.78 -6.84
C HIS A 101 7.83 -6.17 -5.49
N MET A 1 4.81 -1.84 18.17
CA MET A 1 4.18 -0.87 17.24
C MET A 1 4.32 -1.34 15.80
N VAL A 2 3.53 -0.74 14.93
CA VAL A 2 3.51 -1.13 13.53
C VAL A 2 4.26 -0.10 12.68
N GLN A 3 4.81 -0.56 11.56
CA GLN A 3 5.54 0.27 10.62
C GLN A 3 4.81 0.24 9.31
N CYS A 4 5.13 1.13 8.39
CA CYS A 4 4.43 1.12 7.13
C CYS A 4 5.30 1.62 5.98
N GLU A 5 5.08 1.01 4.84
CA GLU A 5 5.73 1.35 3.59
C GLU A 5 4.69 1.18 2.49
N VAL A 6 5.05 1.53 1.27
CA VAL A 6 4.11 1.48 0.18
C VAL A 6 4.74 0.83 -1.04
N GLU A 7 4.06 -0.18 -1.56
CA GLU A 7 4.57 -0.92 -2.71
C GLU A 7 3.60 -0.91 -3.86
N ALA A 8 4.17 -1.15 -5.02
CA ALA A 8 3.42 -1.44 -6.21
C ALA A 8 4.00 -2.70 -6.82
N ALA A 9 3.19 -3.71 -7.03
CA ALA A 9 3.67 -5.00 -7.48
C ALA A 9 3.29 -5.24 -8.94
N VAL A 10 4.27 -5.12 -9.82
CA VAL A 10 4.00 -5.19 -11.23
C VAL A 10 3.97 -6.63 -11.72
N SER A 11 2.94 -6.93 -12.51
CA SER A 11 2.81 -8.21 -13.16
C SER A 11 2.70 -8.00 -14.67
N GLY A 12 2.61 -9.07 -15.43
CA GLY A 12 2.53 -8.95 -16.88
C GLY A 12 1.20 -8.37 -17.34
N GLY A 13 1.15 -7.05 -17.49
CA GLY A 13 -0.04 -6.39 -17.99
C GLY A 13 -0.86 -5.73 -16.90
N HIS A 14 -0.49 -5.98 -15.65
CA HIS A 14 -1.21 -5.42 -14.52
C HIS A 14 -0.23 -5.00 -13.44
N VAL A 15 -0.67 -4.14 -12.54
CA VAL A 15 0.15 -3.75 -11.41
C VAL A 15 -0.70 -3.80 -10.13
N THR A 16 -0.30 -4.65 -9.20
CA THR A 16 -1.03 -4.81 -7.96
C THR A 16 -0.40 -3.93 -6.89
N LEU A 17 -1.15 -2.98 -6.41
CA LEU A 17 -0.60 -2.02 -5.48
C LEU A 17 -1.11 -2.28 -4.08
N GLN A 18 -0.19 -2.24 -3.12
CA GLN A 18 -0.50 -2.51 -1.73
C GLN A 18 0.62 -1.99 -0.82
N GLY A 19 0.25 -1.47 0.34
CA GLY A 19 1.24 -0.88 1.22
C GLY A 19 1.79 -1.89 2.23
N VAL A 20 3.11 -1.96 2.35
CA VAL A 20 3.74 -2.94 3.23
C VAL A 20 3.87 -2.41 4.64
N ILE A 21 3.23 -3.10 5.54
CA ILE A 21 3.27 -2.80 6.94
C ILE A 21 4.19 -3.78 7.65
N THR A 22 5.35 -3.32 8.03
CA THR A 22 6.17 -4.14 8.89
C THR A 22 5.68 -3.96 10.30
N ALA A 23 5.51 -5.03 11.02
CA ALA A 23 5.03 -4.90 12.36
C ALA A 23 6.01 -5.54 13.30
N VAL A 24 6.52 -4.76 14.23
CA VAL A 24 7.56 -5.24 15.13
C VAL A 24 7.05 -6.33 16.08
N ARG A 25 5.75 -6.44 16.22
CA ARG A 25 5.20 -7.45 17.11
C ARG A 25 4.13 -8.30 16.43
N ASP A 26 4.22 -9.61 16.62
CA ASP A 26 3.29 -10.54 16.01
C ASP A 26 1.93 -10.48 16.70
N GLY A 27 0.89 -10.73 15.93
CA GLY A 27 -0.45 -10.65 16.44
C GLY A 27 -1.36 -10.05 15.42
N ALA A 28 -2.01 -8.95 15.75
CA ALA A 28 -2.87 -8.26 14.82
C ALA A 28 -2.76 -6.76 15.00
N GLY A 29 -3.29 -6.02 14.05
CA GLY A 29 -3.25 -4.58 14.10
C GLY A 29 -4.23 -3.98 13.12
N SER A 30 -4.50 -2.70 13.26
CA SER A 30 -5.46 -2.05 12.38
C SER A 30 -4.79 -0.91 11.63
N TYR A 31 -5.11 -0.82 10.36
CA TYR A 31 -4.47 0.12 9.45
C TYR A 31 -5.35 0.44 8.25
N LYS A 32 -5.11 1.58 7.63
CA LYS A 32 -5.95 2.08 6.54
C LYS A 32 -5.12 2.42 5.31
N LEU A 33 -5.30 1.65 4.24
CA LEU A 33 -4.57 1.89 3.00
C LEU A 33 -5.49 2.51 1.96
N ALA A 34 -4.99 3.54 1.31
CA ALA A 34 -5.69 4.16 0.19
C ALA A 34 -4.75 4.32 -1.01
N VAL A 35 -5.26 4.05 -2.20
CA VAL A 35 -4.45 4.16 -3.42
C VAL A 35 -5.00 5.27 -4.30
N ASP A 36 -4.11 5.96 -5.00
CA ASP A 36 -4.50 7.08 -5.84
C ASP A 36 -3.99 6.86 -7.25
N LYS A 37 -4.91 6.75 -8.19
CA LYS A 37 -4.57 6.47 -9.56
C LYS A 37 -4.90 7.64 -10.47
N ALA A 38 -3.98 7.98 -11.35
CA ALA A 38 -4.15 9.07 -12.28
C ALA A 38 -3.39 8.81 -13.57
N GLY A 39 -4.11 8.46 -14.62
CA GLY A 39 -3.45 8.13 -15.86
C GLY A 39 -4.28 8.51 -17.07
N ALA A 40 -3.94 7.95 -18.22
CA ALA A 40 -4.65 8.21 -19.46
C ALA A 40 -6.11 7.79 -19.35
N ALA A 41 -6.36 6.76 -18.53
CA ALA A 41 -7.71 6.28 -18.29
C ALA A 41 -8.46 7.21 -17.33
N GLY A 42 -7.74 8.12 -16.71
CA GLY A 42 -8.37 9.07 -15.80
C GLY A 42 -7.86 8.94 -14.38
N THR A 43 -8.47 9.70 -13.49
CA THR A 43 -8.10 9.70 -12.09
C THR A 43 -9.13 8.91 -11.28
N SER A 44 -8.66 8.01 -10.42
CA SER A 44 -9.57 7.28 -9.55
C SER A 44 -8.95 7.05 -8.19
N ARG A 45 -9.76 7.20 -7.15
CA ARG A 45 -9.30 7.01 -5.79
C ARG A 45 -9.77 5.68 -5.26
N ILE A 46 -8.86 5.00 -4.58
CA ILE A 46 -9.14 3.69 -4.02
C ILE A 46 -8.89 3.71 -2.52
N LYS A 47 -9.71 3.02 -1.75
CA LYS A 47 -9.55 2.98 -0.31
C LYS A 47 -9.96 1.63 0.26
N GLN A 48 -9.03 1.00 0.97
CA GLN A 48 -9.29 -0.27 1.62
C GLN A 48 -8.64 -0.29 3.00
N ALA A 49 -9.47 -0.38 4.03
CA ALA A 49 -8.99 -0.28 5.40
C ALA A 49 -9.60 -1.37 6.28
N GLY A 50 -9.03 -1.54 7.45
CA GLY A 50 -9.55 -2.51 8.39
C GLY A 50 -8.51 -2.94 9.39
N ALA A 51 -8.52 -4.21 9.73
CA ALA A 51 -7.56 -4.77 10.65
C ALA A 51 -7.14 -6.14 10.15
N PHE A 52 -5.86 -6.44 10.28
CA PHE A 52 -5.31 -7.68 9.77
C PHE A 52 -4.25 -8.21 10.73
N THR A 53 -3.80 -9.43 10.50
CA THR A 53 -2.86 -10.09 11.37
C THR A 53 -1.43 -9.81 10.95
N ALA A 54 -0.68 -9.17 11.85
CA ALA A 54 0.66 -8.74 11.54
C ALA A 54 1.68 -9.58 12.29
N ILE A 55 2.82 -9.82 11.67
CA ILE A 55 3.88 -10.63 12.27
C ILE A 55 5.08 -9.76 12.60
N ALA A 56 5.69 -10.05 13.74
CA ALA A 56 6.81 -9.27 14.24
C ALA A 56 7.98 -9.27 13.27
N GLU A 57 8.43 -8.07 12.91
CA GLU A 57 9.57 -7.87 12.04
C GLU A 57 9.32 -8.53 10.68
N GLN A 58 8.03 -8.68 10.39
CA GLN A 58 7.57 -9.23 9.15
C GLN A 58 6.80 -8.19 8.41
N ARG A 59 6.91 -8.23 7.11
CA ARG A 59 6.16 -7.33 6.26
C ARG A 59 4.74 -7.85 6.07
N VAL A 60 3.78 -6.98 6.32
CA VAL A 60 2.39 -7.28 6.13
C VAL A 60 1.83 -6.31 5.11
N THR A 61 1.53 -6.80 3.93
CA THR A 61 1.13 -5.89 2.88
C THR A 61 -0.37 -5.70 2.86
N VAL A 62 -0.76 -4.45 2.89
CA VAL A 62 -2.13 -4.09 3.14
C VAL A 62 -2.71 -3.22 2.02
N GLY A 63 -3.94 -3.53 1.63
CA GLY A 63 -4.61 -2.76 0.62
C GLY A 63 -4.35 -3.27 -0.77
N ASN A 64 -4.78 -4.49 -1.04
CA ASN A 64 -4.55 -5.14 -2.32
C ASN A 64 -5.48 -4.56 -3.38
N VAL A 65 -4.90 -3.79 -4.29
CA VAL A 65 -5.63 -3.19 -5.40
C VAL A 65 -4.88 -3.44 -6.71
N VAL A 66 -5.53 -4.06 -7.68
CA VAL A 66 -4.85 -4.37 -8.94
C VAL A 66 -5.25 -3.39 -10.03
N LEU A 67 -4.24 -2.68 -10.54
CA LEU A 67 -4.42 -1.70 -11.58
C LEU A 67 -3.92 -2.25 -12.91
N ASP A 68 -4.25 -1.57 -14.00
CA ASP A 68 -3.61 -1.84 -15.28
C ASP A 68 -2.21 -1.25 -15.27
N TYR A 69 -1.22 -2.05 -15.62
CA TYR A 69 0.17 -1.61 -15.53
C TYR A 69 0.55 -0.64 -16.64
N SER A 70 1.02 0.54 -16.24
CA SER A 70 1.61 1.47 -17.18
C SER A 70 2.77 2.19 -16.51
N SER A 71 3.94 2.13 -17.13
CA SER A 71 5.14 2.74 -16.56
C SER A 71 5.02 4.26 -16.49
N ALA A 72 4.18 4.81 -17.36
CA ALA A 72 3.98 6.25 -17.42
C ALA A 72 2.75 6.67 -16.62
N ASN A 73 2.14 5.71 -15.93
CA ASN A 73 0.93 5.97 -15.18
C ASN A 73 1.26 6.50 -13.79
N ARG A 74 0.36 7.28 -13.23
CA ARG A 74 0.51 7.74 -11.85
C ARG A 74 -0.30 6.83 -10.94
N TYR A 75 0.40 6.03 -10.18
CA TYR A 75 -0.21 5.20 -9.16
C TYR A 75 0.49 5.47 -7.86
N ALA A 76 -0.24 6.02 -6.92
CA ALA A 76 0.32 6.32 -5.62
C ALA A 76 -0.51 5.69 -4.53
N ALA A 77 0.02 5.69 -3.34
CA ALA A 77 -0.63 5.04 -2.24
C ALA A 77 -0.39 5.82 -0.97
N ARG A 78 -1.19 5.54 0.03
CA ARG A 78 -1.04 6.16 1.32
C ARG A 78 -1.65 5.25 2.38
N LEU A 79 -0.88 4.92 3.38
CA LEU A 79 -1.36 4.02 4.41
C LEU A 79 -1.16 4.64 5.77
N ASP A 80 -2.25 4.69 6.52
CA ASP A 80 -2.23 5.17 7.89
C ASP A 80 -2.35 3.98 8.83
N VAL A 81 -1.35 3.74 9.65
CA VAL A 81 -1.43 2.67 10.61
C VAL A 81 -1.66 3.25 12.00
N SER A 82 -2.87 3.10 12.50
CA SER A 82 -3.25 3.62 13.78
C SER A 82 -3.86 2.51 14.65
N PHE A 83 -3.11 2.07 15.65
CA PHE A 83 -3.52 0.93 16.45
C PHE A 83 -2.87 0.99 17.83
N GLY A 84 -3.57 1.60 18.77
CA GLY A 84 -3.06 1.72 20.12
C GLY A 84 -1.95 2.75 20.23
N SER A 85 -0.74 2.29 20.44
CA SER A 85 0.40 3.18 20.61
C SER A 85 1.00 3.59 19.27
N VAL A 86 0.62 2.90 18.20
CA VAL A 86 1.14 3.20 16.89
C VAL A 86 0.19 4.08 16.10
N THR A 87 0.72 5.12 15.48
CA THR A 87 0.01 5.88 14.48
C THR A 87 1.02 6.49 13.51
N ILE A 88 0.92 6.08 12.26
CA ILE A 88 1.91 6.42 11.23
C ILE A 88 1.26 6.49 9.87
N GLN A 89 1.98 7.01 8.90
CA GLN A 89 1.48 7.07 7.53
C GLN A 89 2.64 7.02 6.54
N CYS A 90 2.33 6.59 5.32
CA CYS A 90 3.29 6.53 4.23
C CYS A 90 2.59 6.73 2.90
N ASN A 91 3.34 7.10 1.87
CA ASN A 91 2.76 7.39 0.56
C ASN A 91 3.67 6.91 -0.57
N LEU A 92 3.07 6.25 -1.56
CA LEU A 92 3.81 5.65 -2.67
C LEU A 92 4.27 6.69 -3.67
N ASP A 93 5.51 6.54 -4.14
CA ASP A 93 6.02 7.32 -5.26
C ASP A 93 5.63 6.64 -6.56
N PRO A 94 4.74 7.24 -7.35
CA PRO A 94 4.22 6.61 -8.57
C PRO A 94 5.30 6.29 -9.60
N GLU A 95 6.48 6.89 -9.43
CA GLU A 95 7.58 6.66 -10.34
C GLU A 95 8.38 5.44 -9.93
N THR A 96 7.94 4.79 -8.86
CA THR A 96 8.59 3.58 -8.40
C THR A 96 7.82 2.34 -8.86
N VAL A 97 6.64 2.58 -9.42
CA VAL A 97 5.84 1.54 -10.10
C VAL A 97 6.64 0.84 -11.20
N LYS A 98 7.80 1.38 -11.53
CA LYS A 98 8.62 0.86 -12.61
C LYS A 98 9.20 -0.51 -12.27
N LEU A 99 8.37 -1.53 -12.48
CA LEU A 99 8.81 -2.92 -12.45
C LEU A 99 9.25 -3.36 -11.06
N GLU A 100 8.52 -2.92 -10.06
CA GLU A 100 8.77 -3.32 -8.69
C GLU A 100 8.18 -4.71 -8.44
N HIS A 101 8.81 -5.47 -7.56
CA HIS A 101 8.34 -6.82 -7.25
C HIS A 101 7.20 -6.77 -6.26
#